data_8P9V
#
_entry.id   8P9V
#
_cell.length_a   74.370
_cell.length_b   93.920
_cell.length_c   119.591
_cell.angle_alpha   90.000
_cell.angle_beta   91.100
_cell.angle_gamma   90.000
#
_symmetry.space_group_name_H-M   'P 1 21 1'
#
loop_
_entity.id
_entity.type
_entity.pdbx_description
1 polymer 'Two-domain laccase'
2 non-polymer 'OXYGEN MOLECULE'
3 non-polymer 'COPPER (II) ION'
4 non-polymer 'PEROXIDE ION'
5 water water
#
_entity_poly.entity_id   1
_entity_poly.type   'polypeptide(L)'
_entity_poly.pdbx_seq_one_letter_code
;AGAAPAGGEVRRVTMYAERLAGGQMGYGLEKGKASIPGPLIELNEGDTLHVEFENTMDVPVSLHVHGLDYEISSDGTKQN
KSHVEPGGTRTYTWRTHEPGRRADGTWRAGSAGYWHYHDHVVGTEHGTGGIRNGLYGPVIVRRKGDVLPDATHTIVFNDG
TINNRPAHTGPNFEATVGDRVEIVMITHGEYYHTFHMHGHHWADNRTGMLTGPDDPSQVIDNKICGPANSFGFQIIAGEG
VGAGAWMYHCHVQSHSDMGMVGLFLVKKPDGTIPGYDP
;
_entity_poly.pdbx_strand_id   A,B,C,D,E,F
#
# COMPACT_ATOMS: atom_id res chain seq x y z
N ALA A 1 22.62 10.52 -36.81
CA ALA A 1 21.93 11.25 -37.88
C ALA A 1 21.82 10.43 -39.19
N GLY A 2 21.97 9.11 -39.08
CA GLY A 2 21.84 8.17 -40.18
C GLY A 2 20.86 7.06 -39.88
N ALA A 3 21.23 5.80 -40.14
CA ALA A 3 20.33 4.66 -39.92
C ALA A 3 21.09 3.46 -39.39
N ALA A 4 20.47 2.74 -38.46
CA ALA A 4 21.05 1.50 -37.97
C ALA A 4 21.30 0.51 -39.11
N PRO A 5 22.51 -0.03 -39.23
CA PRO A 5 22.81 -1.02 -40.27
C PRO A 5 22.30 -2.40 -39.86
N ALA A 6 22.52 -3.37 -40.74
CA ALA A 6 22.22 -4.75 -40.38
C ALA A 6 23.24 -5.25 -39.37
N GLY A 7 22.81 -6.17 -38.52
CA GLY A 7 23.66 -6.67 -37.46
C GLY A 7 24.25 -8.05 -37.77
N GLY A 8 25.04 -8.54 -36.81
CA GLY A 8 25.70 -9.80 -37.00
C GLY A 8 27.13 -9.84 -36.49
N GLU A 9 27.59 -8.76 -35.85
CA GLU A 9 28.95 -8.75 -35.30
C GLU A 9 29.01 -9.42 -33.94
N VAL A 10 30.17 -9.96 -33.60
CA VAL A 10 30.43 -10.52 -32.29
C VAL A 10 31.18 -9.46 -31.50
N ARG A 11 30.50 -8.83 -30.53
CA ARG A 11 31.05 -7.74 -29.75
C ARG A 11 31.43 -8.21 -28.35
N ARG A 12 32.37 -7.53 -27.73
CA ARG A 12 32.77 -7.90 -26.38
C ARG A 12 33.04 -6.64 -25.58
N VAL A 13 32.71 -6.72 -24.30
CA VAL A 13 32.79 -5.58 -23.42
C VAL A 13 33.15 -6.08 -22.04
N THR A 14 33.91 -5.28 -21.31
CA THR A 14 34.14 -5.47 -19.89
C THR A 14 33.12 -4.65 -19.12
N MET A 15 32.50 -5.24 -18.12
CA MET A 15 31.65 -4.48 -17.22
C MET A 15 31.97 -4.87 -15.78
N TYR A 16 31.98 -3.87 -14.90
CA TYR A 16 32.24 -4.10 -13.48
C TYR A 16 31.04 -3.69 -12.64
N ALA A 17 30.86 -4.36 -11.52
CA ALA A 17 29.96 -3.90 -10.47
C ALA A 17 30.81 -3.43 -9.30
N GLU A 18 30.60 -2.19 -8.87
CA GLU A 18 31.39 -1.58 -7.81
C GLU A 18 30.48 -0.81 -6.88
N ARG A 19 30.87 -0.78 -5.61
CA ARG A 19 30.22 0.08 -4.64
C ARG A 19 30.48 1.55 -4.95
N LEU A 20 29.51 2.37 -4.59
CA LEU A 20 29.58 3.81 -4.74
C LEU A 20 29.28 4.43 -3.38
N ALA A 21 29.38 5.76 -3.31
CA ALA A 21 29.10 6.46 -2.05
C ALA A 21 27.68 6.18 -1.58
N GLY A 22 27.52 6.05 -0.26
CA GLY A 22 26.18 5.93 0.30
C GLY A 22 25.58 4.54 0.21
N GLY A 23 26.40 3.50 0.08
CA GLY A 23 25.87 2.16 -0.09
C GLY A 23 25.30 1.89 -1.46
N GLN A 24 25.47 2.82 -2.38
CA GLN A 24 24.99 2.62 -3.74
C GLN A 24 25.96 1.74 -4.52
N MET A 25 25.42 1.03 -5.49
CA MET A 25 26.18 0.12 -6.33
C MET A 25 25.83 0.47 -7.76
N GLY A 26 26.80 0.33 -8.64
CA GLY A 26 26.61 0.74 -10.02
C GLY A 26 27.42 -0.15 -10.95
N TYR A 27 27.00 -0.16 -12.21
CA TYR A 27 27.70 -0.87 -13.25
C TYR A 27 28.66 0.09 -13.96
N GLY A 28 29.78 -0.45 -14.44
CA GLY A 28 30.75 0.37 -15.14
C GLY A 28 31.33 -0.34 -16.34
N LEU A 29 31.97 0.46 -17.19
CA LEU A 29 32.79 -0.08 -18.28
C LEU A 29 34.27 -0.06 -17.95
N GLU A 30 34.69 0.83 -17.05
CA GLU A 30 36.04 0.88 -16.53
C GLU A 30 35.97 0.98 -15.02
N LYS A 31 37.00 0.48 -14.34
CA LYS A 31 36.99 0.50 -12.88
C LYS A 31 36.93 1.92 -12.38
N GLY A 32 36.17 2.13 -11.31
CA GLY A 32 35.98 3.46 -10.75
C GLY A 32 35.22 4.39 -11.65
N LYS A 33 34.55 3.86 -12.66
CA LYS A 33 33.79 4.70 -13.58
C LYS A 33 32.33 4.29 -13.64
N ALA A 34 31.85 3.52 -12.67
CA ALA A 34 30.44 3.15 -12.63
C ALA A 34 29.55 4.38 -12.51
N SER A 35 28.34 4.26 -13.05
CA SER A 35 27.32 5.30 -13.03
C SER A 35 25.97 4.66 -12.71
N ILE A 36 25.08 5.46 -12.16
CA ILE A 36 23.67 5.11 -12.04
C ILE A 36 22.89 6.12 -12.86
N PRO A 37 22.18 5.70 -13.92
CA PRO A 37 22.07 4.33 -14.44
C PRO A 37 23.39 3.84 -15.05
N GLY A 38 23.58 2.54 -15.20
CA GLY A 38 24.78 2.00 -15.81
C GLY A 38 24.89 2.36 -17.27
N PRO A 39 26.00 2.00 -17.90
CA PRO A 39 26.26 2.44 -19.27
C PRO A 39 25.31 1.80 -20.26
N LEU A 40 25.08 2.53 -21.34
CA LEU A 40 24.11 2.14 -22.36
C LEU A 40 24.71 1.13 -23.33
N ILE A 41 24.09 -0.03 -23.45
CA ILE A 41 24.48 -1.00 -24.47
C ILE A 41 23.61 -0.75 -25.70
N GLU A 42 24.25 -0.68 -26.87
CA GLU A 42 23.54 -0.61 -28.16
C GLU A 42 23.98 -1.77 -29.02
N LEU A 43 23.02 -2.55 -29.49
CA LEU A 43 23.29 -3.61 -30.43
C LEU A 43 22.41 -3.41 -31.66
N ASN A 44 22.78 -4.07 -32.74
CA ASN A 44 21.91 -4.19 -33.91
C ASN A 44 21.39 -5.62 -33.98
N GLU A 45 20.15 -5.79 -34.44
CA GLU A 45 19.51 -7.09 -34.44
C GLU A 45 20.41 -8.12 -35.13
N GLY A 46 20.95 -9.06 -34.37
CA GLY A 46 21.87 -10.02 -34.93
C GLY A 46 23.20 -10.08 -34.21
N ASP A 47 23.60 -8.98 -33.56
CA ASP A 47 24.83 -8.94 -32.78
C ASP A 47 24.80 -9.93 -31.62
N THR A 48 25.94 -10.56 -31.36
CA THR A 48 26.16 -11.29 -30.12
C THR A 48 27.09 -10.45 -29.26
N LEU A 49 26.69 -10.21 -28.01
CA LEU A 49 27.50 -9.47 -27.06
C LEU A 49 28.03 -10.41 -25.99
N HIS A 50 29.34 -10.37 -25.75
CA HIS A 50 29.95 -11.07 -24.64
C HIS A 50 30.31 -10.03 -23.61
N VAL A 51 29.74 -10.16 -22.41
CA VAL A 51 30.01 -9.23 -21.31
C VAL A 51 31.00 -9.95 -20.40
N GLU A 52 32.26 -9.59 -20.53
CA GLU A 52 33.27 -10.07 -19.58
C GLU A 52 33.08 -9.31 -18.27
N PHE A 53 32.40 -9.94 -17.31
CA PHE A 53 31.91 -9.31 -16.10
C PHE A 53 32.89 -9.50 -14.94
N GLU A 54 33.00 -8.47 -14.11
CA GLU A 54 33.81 -8.53 -12.89
C GLU A 54 33.02 -7.95 -11.72
N ASN A 55 32.87 -8.75 -10.67
CA ASN A 55 32.33 -8.29 -9.40
C ASN A 55 33.48 -7.78 -8.56
N THR A 56 33.54 -6.46 -8.33
CA THR A 56 34.55 -5.87 -7.45
C THR A 56 34.00 -5.58 -6.05
N MET A 57 32.91 -6.22 -5.65
CA MET A 57 32.29 -6.00 -4.35
C MET A 57 32.57 -7.15 -3.38
N ASP A 58 32.25 -6.89 -2.11
CA ASP A 58 32.37 -7.92 -1.07
C ASP A 58 31.22 -8.92 -1.06
N VAL A 59 30.17 -8.68 -1.84
CA VAL A 59 28.95 -9.49 -1.79
C VAL A 59 28.61 -9.93 -3.19
N PRO A 60 27.84 -11.00 -3.34
CA PRO A 60 27.51 -11.50 -4.68
C PRO A 60 26.73 -10.49 -5.49
N VAL A 61 26.79 -10.64 -6.82
CA VAL A 61 26.09 -9.75 -7.74
C VAL A 61 25.76 -10.57 -8.98
N SER A 62 24.78 -10.10 -9.76
CA SER A 62 24.42 -10.80 -10.98
C SER A 62 24.03 -9.81 -12.07
N LEU A 63 23.92 -10.31 -13.30
CA LEU A 63 23.57 -9.47 -14.45
C LEU A 63 22.48 -10.18 -15.23
N HIS A 64 21.26 -9.65 -15.12
CA HIS A 64 20.10 -10.20 -15.79
C HIS A 64 19.57 -9.17 -16.75
N VAL A 65 19.26 -9.60 -17.97
CA VAL A 65 18.80 -8.69 -19.01
C VAL A 65 17.38 -9.06 -19.44
N HIS A 66 16.66 -8.07 -19.92
CA HIS A 66 15.32 -8.27 -20.47
C HIS A 66 15.38 -8.38 -21.98
N GLY A 67 14.54 -9.23 -22.56
CA GLY A 67 14.26 -9.12 -23.98
C GLY A 67 15.25 -9.76 -24.95
N LEU A 68 16.53 -9.79 -24.61
CA LEU A 68 17.55 -10.35 -25.49
C LEU A 68 17.61 -11.85 -25.28
N ASP A 69 18.13 -12.56 -26.28
CA ASP A 69 18.23 -14.01 -26.16
C ASP A 69 19.44 -14.37 -25.28
N TYR A 70 19.22 -15.26 -24.32
CA TYR A 70 20.30 -15.79 -23.49
C TYR A 70 19.91 -17.20 -23.09
N GLU A 71 20.91 -18.09 -23.02
CA GLU A 71 20.68 -19.39 -22.42
C GLU A 71 20.59 -19.29 -20.90
N ILE A 72 20.16 -20.39 -20.28
CA ILE A 72 19.89 -20.40 -18.85
C ILE A 72 21.14 -20.05 -18.05
N SER A 73 22.33 -20.35 -18.60
CA SER A 73 23.60 -20.04 -17.95
C SER A 73 23.93 -18.55 -17.96
N SER A 74 23.25 -17.74 -18.78
CA SER A 74 23.36 -16.29 -18.66
C SER A 74 22.10 -15.64 -18.07
N ASP A 75 21.34 -16.39 -17.26
CA ASP A 75 20.18 -15.85 -16.56
C ASP A 75 20.57 -14.78 -15.55
N GLY A 76 21.66 -14.98 -14.83
CA GLY A 76 21.99 -14.09 -13.74
C GLY A 76 21.16 -14.26 -12.49
N THR A 77 20.68 -15.47 -12.22
CA THR A 77 20.03 -15.74 -10.94
C THR A 77 20.81 -16.78 -10.14
N LYS A 78 20.69 -16.71 -8.81
CA LYS A 78 21.25 -17.73 -7.95
C LYS A 78 20.60 -19.07 -8.22
N GLN A 79 19.29 -19.03 -8.47
CA GLN A 79 18.52 -20.26 -8.68
C GLN A 79 19.10 -21.10 -9.80
N ASN A 80 19.70 -20.45 -10.79
CA ASN A 80 20.29 -21.10 -11.95
C ASN A 80 21.80 -21.10 -11.86
N LYS A 81 22.34 -20.71 -10.70
CA LYS A 81 23.77 -20.72 -10.41
C LYS A 81 24.56 -19.90 -11.41
N SER A 82 24.05 -18.72 -11.80
CA SER A 82 24.70 -17.89 -12.82
C SER A 82 24.99 -16.48 -12.30
N HIS A 83 25.24 -16.36 -11.01
CA HIS A 83 25.61 -15.08 -10.42
C HIS A 83 27.13 -14.97 -10.41
N VAL A 84 27.65 -13.98 -9.69
CA VAL A 84 29.08 -13.78 -9.54
C VAL A 84 29.40 -13.64 -8.06
N GLU A 85 30.26 -14.55 -7.56
N GLU A 85 30.25 -14.53 -7.54
CA GLU A 85 30.79 -14.47 -6.21
CA GLU A 85 30.66 -14.43 -6.15
C GLU A 85 31.59 -13.19 -6.02
C GLU A 85 31.66 -13.28 -6.01
N PRO A 86 31.90 -12.81 -4.78
CA PRO A 86 32.71 -11.59 -4.59
C PRO A 86 34.11 -11.74 -5.19
N GLY A 87 34.60 -10.67 -5.81
CA GLY A 87 35.88 -10.66 -6.51
C GLY A 87 35.95 -11.55 -7.74
N GLY A 88 34.83 -12.15 -8.16
CA GLY A 88 34.84 -13.09 -9.26
C GLY A 88 34.58 -12.47 -10.62
N THR A 89 34.67 -13.32 -11.65
CA THR A 89 34.49 -12.91 -13.03
C THR A 89 33.62 -13.94 -13.73
N ARG A 90 32.92 -13.50 -14.77
CA ARG A 90 32.08 -14.37 -15.57
C ARG A 90 31.73 -13.68 -16.88
N THR A 91 31.67 -14.46 -17.96
CA THR A 91 31.27 -13.95 -19.27
C THR A 91 29.78 -14.19 -19.47
N TYR A 92 29.02 -13.12 -19.51
CA TYR A 92 27.62 -13.18 -19.89
C TYR A 92 27.52 -12.98 -21.39
N THR A 93 26.72 -13.83 -22.05
CA THR A 93 26.50 -13.74 -23.48
C THR A 93 25.04 -13.39 -23.73
N TRP A 94 24.80 -12.25 -24.39
CA TRP A 94 23.48 -11.89 -24.91
C TRP A 94 23.47 -12.01 -26.43
N ARG A 95 22.46 -12.68 -26.96
CA ARG A 95 22.31 -12.83 -28.39
C ARG A 95 21.04 -12.11 -28.81
N THR A 96 21.01 -11.66 -30.07
CA THR A 96 19.88 -10.97 -30.67
C THR A 96 19.56 -11.60 -32.01
N HIS A 97 18.34 -11.39 -32.49
CA HIS A 97 17.91 -12.01 -33.75
C HIS A 97 17.02 -11.04 -34.54
N GLU A 98 17.10 -11.14 -35.89
CA GLU A 98 16.22 -10.32 -36.73
C GLU A 98 14.85 -10.98 -36.86
N PRO A 99 13.83 -10.25 -37.30
CA PRO A 99 12.53 -10.89 -37.56
C PRO A 99 12.59 -11.78 -38.78
N GLY A 100 11.62 -12.70 -38.88
CA GLY A 100 11.61 -13.67 -39.98
C GLY A 100 10.39 -14.56 -39.95
N ARG A 101 10.18 -15.23 -41.08
CA ARG A 101 9.03 -16.11 -41.23
C ARG A 101 9.40 -17.51 -40.77
N ARG A 102 8.65 -18.04 -39.80
CA ARG A 102 8.97 -19.37 -39.30
C ARG A 102 8.61 -20.44 -40.32
N ALA A 103 9.01 -21.67 -40.00
CA ALA A 103 8.56 -22.83 -40.77
C ALA A 103 7.05 -22.96 -40.70
N ASP A 104 6.47 -22.86 -39.51
CA ASP A 104 5.04 -23.07 -39.36
C ASP A 104 4.26 -21.99 -40.08
N GLY A 105 4.97 -21.08 -40.76
CA GLY A 105 4.34 -20.00 -41.48
C GLY A 105 4.04 -18.76 -40.67
N THR A 106 4.20 -18.79 -39.35
CA THR A 106 4.03 -17.60 -38.54
C THR A 106 5.27 -16.73 -38.60
N TRP A 107 5.18 -15.56 -37.98
CA TRP A 107 6.21 -14.53 -38.04
C TRP A 107 6.85 -14.39 -36.67
N ARG A 108 8.17 -14.61 -36.61
CA ARG A 108 8.94 -14.40 -35.40
C ARG A 108 9.39 -12.94 -35.33
N ALA A 109 8.94 -12.25 -34.29
CA ALA A 109 9.46 -10.93 -33.99
C ALA A 109 10.96 -10.98 -33.73
N GLY A 110 11.65 -9.94 -34.19
CA GLY A 110 13.06 -9.76 -33.89
C GLY A 110 13.25 -9.21 -32.49
N SER A 111 14.52 -9.14 -32.07
CA SER A 111 14.90 -8.75 -30.72
C SER A 111 14.82 -7.26 -30.49
N ALA A 112 14.50 -6.47 -31.51
CA ALA A 112 14.68 -5.03 -31.42
C ALA A 112 13.76 -4.40 -30.37
N GLY A 113 14.30 -3.44 -29.63
CA GLY A 113 13.48 -2.58 -28.81
C GLY A 113 14.28 -1.97 -27.68
N TYR A 114 13.55 -1.36 -26.75
CA TYR A 114 14.13 -0.62 -25.64
C TYR A 114 14.14 -1.51 -24.40
N TRP A 115 15.31 -1.99 -24.03
CA TRP A 115 15.35 -2.94 -22.92
C TRP A 115 16.27 -2.46 -21.80
N HIS A 116 16.54 -3.35 -20.84
CA HIS A 116 17.30 -2.94 -19.67
C HIS A 116 17.87 -4.19 -19.00
N TYR A 117 18.89 -3.97 -18.17
CA TYR A 117 19.53 -5.01 -17.39
C TYR A 117 19.66 -4.52 -15.95
N HIS A 118 19.58 -5.45 -15.00
CA HIS A 118 19.65 -5.11 -13.59
C HIS A 118 20.21 -6.30 -12.85
N ASP A 119 20.51 -6.06 -11.58
CA ASP A 119 20.93 -7.13 -10.69
C ASP A 119 19.75 -8.04 -10.33
N HIS A 120 20.08 -9.29 -9.96
CA HIS A 120 19.10 -10.27 -9.57
C HIS A 120 19.44 -11.01 -8.27
N VAL A 121 20.53 -10.65 -7.59
CA VAL A 121 20.88 -11.39 -6.37
C VAL A 121 21.15 -10.52 -5.15
N VAL A 122 21.43 -9.22 -5.24
CA VAL A 122 21.80 -8.49 -4.03
C VAL A 122 20.55 -8.28 -3.18
N GLY A 123 20.65 -8.61 -1.88
CA GLY A 123 19.59 -8.29 -0.93
C GLY A 123 18.59 -9.41 -0.76
N THR A 124 17.92 -9.74 -1.85
CA THR A 124 17.07 -10.92 -1.99
C THR A 124 17.52 -11.65 -3.26
N GLU A 125 16.97 -12.84 -3.50
CA GLU A 125 17.24 -13.58 -4.72
C GLU A 125 16.38 -13.08 -5.88
N HIS A 126 15.95 -11.82 -5.82
CA HIS A 126 15.29 -11.16 -6.93
C HIS A 126 15.93 -9.81 -7.22
N GLY A 127 17.08 -9.55 -6.61
CA GLY A 127 17.79 -8.29 -6.75
C GLY A 127 17.15 -7.09 -6.10
N THR A 128 16.31 -7.27 -5.08
CA THR A 128 15.60 -6.11 -4.55
C THR A 128 16.57 -5.09 -3.97
N GLY A 129 17.58 -5.55 -3.22
CA GLY A 129 18.58 -4.63 -2.71
C GLY A 129 19.47 -4.07 -3.82
N GLY A 130 19.85 -4.92 -4.78
CA GLY A 130 20.71 -4.45 -5.86
C GLY A 130 20.05 -3.38 -6.72
N ILE A 131 18.76 -3.56 -7.03
CA ILE A 131 18.04 -2.59 -7.84
C ILE A 131 17.88 -1.28 -7.09
N ARG A 132 17.46 -1.36 -5.83
CA ARG A 132 17.41 -0.17 -5.00
C ARG A 132 18.76 0.55 -5.02
N ASN A 133 19.85 -0.20 -4.86
CA ASN A 133 21.20 0.37 -4.76
C ASN A 133 21.71 1.02 -6.05
N GLY A 134 21.04 0.84 -7.18
CA GLY A 134 21.44 1.47 -8.43
C GLY A 134 21.99 0.54 -9.51
N LEU A 135 21.86 -0.78 -9.35
CA LEU A 135 22.40 -1.73 -10.32
C LEU A 135 21.41 -1.98 -11.45
N TYR A 136 21.23 -0.96 -12.29
CA TYR A 136 20.35 -1.07 -13.45
C TYR A 136 20.92 -0.27 -14.62
N GLY A 137 20.54 -0.65 -15.85
CA GLY A 137 21.00 0.07 -17.03
C GLY A 137 20.23 -0.22 -18.30
N PRO A 138 20.37 0.64 -19.31
CA PRO A 138 19.64 0.46 -20.56
C PRO A 138 20.37 -0.36 -21.61
N VAL A 139 19.57 -1.11 -22.39
CA VAL A 139 19.98 -1.82 -23.59
C VAL A 139 19.06 -1.40 -24.72
N ILE A 140 19.62 -0.83 -25.79
CA ILE A 140 18.87 -0.58 -27.01
C ILE A 140 19.32 -1.59 -28.05
N VAL A 141 18.37 -2.32 -28.61
CA VAL A 141 18.58 -3.19 -29.75
C VAL A 141 17.83 -2.55 -30.91
N ARG A 142 18.56 -2.23 -31.99
CA ARG A 142 17.99 -1.54 -33.14
C ARG A 142 17.74 -2.54 -34.27
N ARG A 143 16.72 -2.23 -35.07
CA ARG A 143 16.42 -2.92 -36.31
C ARG A 143 17.05 -2.18 -37.48
N LYS A 144 17.53 -2.95 -38.46
CA LYS A 144 18.06 -2.38 -39.69
C LYS A 144 17.14 -1.29 -40.20
N GLY A 145 17.67 -0.07 -40.33
CA GLY A 145 16.92 1.05 -40.84
C GLY A 145 16.35 2.00 -39.79
N ASP A 146 16.27 1.58 -38.51
CA ASP A 146 15.84 2.49 -37.45
C ASP A 146 16.63 3.78 -37.54
N VAL A 147 15.94 4.93 -37.45
CA VAL A 147 16.64 6.20 -37.44
C VAL A 147 17.45 6.33 -36.16
N LEU A 148 18.65 6.88 -36.27
CA LEU A 148 19.48 7.07 -35.10
C LEU A 148 19.33 8.49 -34.58
N PRO A 149 19.38 8.73 -33.27
CA PRO A 149 19.11 10.07 -32.76
C PRO A 149 20.38 10.89 -32.63
N ASP A 150 20.19 12.20 -32.51
CA ASP A 150 21.30 13.06 -32.14
C ASP A 150 21.79 12.77 -30.73
N ALA A 151 20.90 12.45 -29.78
CA ALA A 151 21.36 12.13 -28.44
C ALA A 151 20.41 11.13 -27.80
N THR A 152 20.94 10.33 -26.88
CA THR A 152 20.12 9.44 -26.07
C THR A 152 20.26 9.80 -24.60
N HIS A 153 19.13 9.97 -23.92
CA HIS A 153 19.09 10.13 -22.47
C HIS A 153 18.24 9.03 -21.84
N THR A 154 18.68 8.52 -20.68
CA THR A 154 18.00 7.45 -19.95
C THR A 154 17.37 7.98 -18.66
N ILE A 155 16.11 7.65 -18.45
CA ILE A 155 15.33 8.13 -17.30
C ILE A 155 14.78 6.91 -16.57
N VAL A 156 15.26 6.65 -15.35
CA VAL A 156 14.84 5.49 -14.56
C VAL A 156 14.11 5.99 -13.32
N PHE A 157 12.82 5.65 -13.22
CA PHE A 157 12.05 5.89 -12.00
C PHE A 157 12.27 4.71 -11.06
N ASN A 158 13.26 4.84 -10.16
CA ASN A 158 13.53 3.81 -9.18
C ASN A 158 12.83 4.23 -7.89
N ASP A 159 11.68 3.59 -7.61
CA ASP A 159 10.89 3.84 -6.39
C ASP A 159 10.49 5.32 -6.39
N GLY A 160 10.86 6.10 -5.38
CA GLY A 160 10.55 7.52 -5.37
C GLY A 160 11.65 8.41 -5.94
N THR A 161 12.60 7.85 -6.67
CA THR A 161 13.77 8.58 -7.14
C THR A 161 13.91 8.44 -8.65
N ILE A 162 14.61 9.41 -9.24
CA ILE A 162 14.95 9.37 -10.66
C ILE A 162 16.45 9.16 -10.74
N ASN A 163 16.85 8.01 -11.26
CA ASN A 163 18.27 7.62 -11.42
C ASN A 163 19.00 7.58 -10.09
N ASN A 164 18.27 7.27 -9.01
CA ASN A 164 18.81 7.20 -7.66
C ASN A 164 19.38 8.52 -7.20
N ARG A 165 18.98 9.62 -7.85
CA ARG A 165 19.39 10.95 -7.43
C ARG A 165 18.62 11.40 -6.21
N PRO A 166 19.06 12.47 -5.56
CA PRO A 166 18.20 13.13 -4.57
C PRO A 166 17.05 13.89 -5.21
N ALA A 167 15.97 14.01 -4.44
CA ALA A 167 14.77 14.70 -4.90
C ALA A 167 15.10 16.13 -5.29
N HIS A 168 14.35 16.62 -6.28
CA HIS A 168 14.53 17.97 -6.81
C HIS A 168 15.95 18.17 -7.33
N THR A 169 16.55 17.13 -7.89
CA THR A 169 17.88 17.27 -8.48
C THR A 169 17.89 16.79 -9.92
N GLY A 170 16.74 16.83 -10.58
CA GLY A 170 16.63 16.43 -11.97
C GLY A 170 16.66 14.94 -12.17
N PRO A 171 17.47 14.47 -13.13
CA PRO A 171 18.47 15.19 -13.90
C PRO A 171 17.86 16.08 -14.96
N ASN A 172 18.59 17.08 -15.48
CA ASN A 172 18.20 17.88 -16.63
C ASN A 172 19.00 17.45 -17.86
N PHE A 173 18.36 17.56 -19.02
CA PHE A 173 18.97 17.29 -20.31
C PHE A 173 18.78 18.53 -21.17
N GLU A 174 19.77 18.81 -22.01
CA GLU A 174 19.73 19.95 -22.90
C GLU A 174 19.61 19.47 -24.34
N ALA A 175 19.04 20.31 -25.20
CA ALA A 175 19.06 20.04 -26.64
C ALA A 175 18.95 21.36 -27.38
N THR A 176 19.05 21.29 -28.71
CA THR A 176 18.78 22.41 -29.60
C THR A 176 17.48 22.15 -30.36
N VAL A 177 16.69 23.21 -30.58
CA VAL A 177 15.44 23.10 -31.32
C VAL A 177 15.64 22.30 -32.60
N GLY A 178 14.94 21.19 -32.73
CA GLY A 178 15.05 20.35 -33.89
C GLY A 178 15.91 19.12 -33.72
N ASP A 179 16.69 19.02 -32.64
CA ASP A 179 17.43 17.80 -32.42
C ASP A 179 16.49 16.61 -32.37
N ARG A 180 16.90 15.50 -32.99
CA ARG A 180 16.25 14.23 -32.76
C ARG A 180 16.78 13.64 -31.44
N VAL A 181 15.94 13.68 -30.40
CA VAL A 181 16.33 13.28 -29.06
C VAL A 181 15.63 11.96 -28.73
N GLU A 182 16.42 10.97 -28.29
CA GLU A 182 15.92 9.68 -27.85
C GLU A 182 15.86 9.64 -26.33
N ILE A 183 14.73 9.17 -25.81
CA ILE A 183 14.57 8.91 -24.39
C ILE A 183 14.36 7.40 -24.18
N VAL A 184 15.11 6.82 -23.24
CA VAL A 184 14.84 5.49 -22.73
C VAL A 184 14.20 5.66 -21.38
N MET A 185 13.07 5.00 -21.15
CA MET A 185 12.40 5.14 -19.88
C MET A 185 12.30 3.74 -19.27
N ILE A 186 12.83 3.57 -18.05
CA ILE A 186 12.82 2.31 -17.32
C ILE A 186 12.21 2.58 -15.94
N THR A 187 11.49 1.59 -15.42
CA THR A 187 10.90 1.68 -14.09
C THR A 187 11.34 0.51 -13.20
N HIS A 188 11.52 0.79 -11.92
CA HIS A 188 11.98 -0.21 -10.96
C HIS A 188 11.36 0.05 -9.59
N GLY A 189 11.30 -1.01 -8.78
CA GLY A 189 10.91 -0.88 -7.38
C GLY A 189 9.57 -1.46 -7.01
N GLU A 190 8.80 -0.71 -6.19
CA GLU A 190 7.44 -1.05 -5.75
C GLU A 190 6.33 -0.33 -6.49
N TYR A 191 6.56 0.89 -6.96
CA TYR A 191 5.47 1.78 -7.34
C TYR A 191 5.26 1.86 -8.85
N TYR A 192 3.99 1.90 -9.24
CA TYR A 192 3.62 2.36 -10.57
C TYR A 192 3.90 3.86 -10.69
N HIS A 193 4.10 4.32 -11.92
CA HIS A 193 4.33 5.76 -12.15
C HIS A 193 3.67 6.17 -13.46
N THR A 194 3.59 7.48 -13.71
CA THR A 194 3.15 8.01 -15.01
C THR A 194 4.14 9.06 -15.47
N PHE A 195 4.80 8.79 -16.60
CA PHE A 195 5.83 9.66 -17.12
C PHE A 195 5.21 10.64 -18.11
N HIS A 196 5.38 11.94 -17.83
CA HIS A 196 4.85 13.04 -18.66
C HIS A 196 5.98 13.96 -19.10
N MET A 197 5.90 14.48 -20.34
CA MET A 197 6.78 15.54 -20.80
C MET A 197 5.93 16.68 -21.32
N HIS A 198 6.16 17.87 -20.78
CA HIS A 198 5.53 19.06 -21.34
C HIS A 198 6.06 19.31 -22.74
N GLY A 199 5.20 19.83 -23.60
CA GLY A 199 5.60 20.32 -24.89
C GLY A 199 5.78 19.27 -25.95
N HIS A 200 5.70 17.97 -25.61
CA HIS A 200 6.10 16.94 -26.54
C HIS A 200 5.19 15.74 -26.40
N HIS A 201 5.32 14.81 -27.35
CA HIS A 201 4.39 13.69 -27.51
C HIS A 201 5.03 12.66 -28.41
N TRP A 202 4.54 11.43 -28.32
CA TRP A 202 5.12 10.33 -29.08
C TRP A 202 4.05 9.27 -29.30
N ALA A 203 4.35 8.31 -30.16
CA ALA A 203 3.44 7.21 -30.41
C ALA A 203 3.79 6.04 -29.49
N ASP A 204 2.74 5.40 -28.95
CA ASP A 204 2.95 4.26 -28.04
C ASP A 204 3.17 3.01 -28.88
N ASN A 205 4.40 2.83 -29.33
CA ASN A 205 4.77 1.61 -30.07
C ASN A 205 6.26 1.38 -29.91
N ARG A 206 6.78 0.43 -30.70
CA ARG A 206 8.18 0.03 -30.53
C ARG A 206 9.13 1.22 -30.57
N THR A 207 8.98 2.10 -31.57
CA THR A 207 9.99 3.15 -31.76
C THR A 207 9.61 4.50 -31.16
N GLY A 208 8.35 4.70 -30.75
CA GLY A 208 7.87 5.99 -30.36
C GLY A 208 7.46 6.89 -31.51
N MET A 209 7.56 6.43 -32.74
CA MET A 209 7.17 7.20 -33.91
C MET A 209 6.34 6.29 -34.82
N LEU A 210 5.24 6.84 -35.34
CA LEU A 210 4.38 6.07 -36.25
C LEU A 210 5.17 5.67 -37.50
N THR A 211 4.76 4.59 -38.14
CA THR A 211 5.48 4.11 -39.30
C THR A 211 4.99 4.77 -40.60
N GLY A 212 3.91 5.55 -40.54
CA GLY A 212 3.28 6.10 -41.71
C GLY A 212 1.79 6.30 -41.47
N PRO A 213 1.07 6.80 -42.47
CA PRO A 213 -0.34 7.19 -42.26
C PRO A 213 -1.24 6.05 -41.82
N ASP A 214 -0.79 4.80 -41.89
CA ASP A 214 -1.63 3.65 -41.59
C ASP A 214 -1.49 3.11 -40.16
N ASP A 215 -0.38 3.40 -39.47
CA ASP A 215 -0.09 3.00 -38.10
C ASP A 215 -1.19 3.47 -37.14
N PRO A 216 -1.99 2.57 -36.57
CA PRO A 216 -3.02 2.97 -35.61
C PRO A 216 -2.54 3.31 -34.19
N SER A 217 -1.25 3.14 -33.85
CA SER A 217 -0.79 3.38 -32.47
C SER A 217 -1.33 4.70 -31.93
N GLN A 218 -1.78 4.68 -30.68
N GLN A 218 -1.74 4.67 -30.66
CA GLN A 218 -2.22 5.92 -30.07
CA GLN A 218 -2.20 5.89 -30.01
C GLN A 218 -1.03 6.86 -29.90
C GLN A 218 -1.03 6.84 -29.80
N VAL A 219 -1.32 8.14 -29.86
CA VAL A 219 -0.32 9.18 -29.67
C VAL A 219 -0.58 9.83 -28.31
N ILE A 220 0.45 9.87 -27.46
CA ILE A 220 0.32 10.12 -26.03
C ILE A 220 1.46 11.04 -25.57
N ASP A 221 1.28 11.69 -24.42
CA ASP A 221 2.36 12.42 -23.75
C ASP A 221 2.52 11.96 -22.30
N ASN A 222 1.93 10.82 -21.94
CA ASN A 222 1.73 10.41 -20.56
C ASN A 222 1.48 8.91 -20.56
N LYS A 223 2.10 8.20 -19.65
CA LYS A 223 2.15 6.75 -19.79
C LYS A 223 2.31 6.13 -18.42
N ILE A 224 1.39 5.25 -18.07
CA ILE A 224 1.51 4.48 -16.83
C ILE A 224 2.53 3.36 -17.07
N CYS A 225 3.39 3.15 -16.07
CA CYS A 225 4.48 2.19 -16.14
CA CYS A 225 4.39 2.09 -16.17
C CYS A 225 4.66 1.57 -14.76
N GLY A 226 5.30 0.41 -14.71
CA GLY A 226 5.59 -0.27 -13.48
C GLY A 226 6.94 -0.95 -13.46
N PRO A 227 7.29 -1.54 -12.32
CA PRO A 227 8.63 -2.13 -12.16
C PRO A 227 9.01 -3.13 -13.26
N ALA A 228 10.20 -2.90 -13.81
CA ALA A 228 10.85 -3.56 -14.93
C ALA A 228 10.20 -3.24 -16.29
N ASN A 229 9.18 -2.39 -16.33
CA ASN A 229 8.73 -1.89 -17.62
C ASN A 229 9.84 -1.07 -18.29
N SER A 230 9.90 -1.16 -19.61
CA SER A 230 10.81 -0.28 -20.32
C SER A 230 10.21 0.04 -21.69
N PHE A 231 10.29 1.30 -22.05
CA PHE A 231 9.88 1.74 -23.36
C PHE A 231 10.80 2.86 -23.78
N GLY A 232 10.72 3.25 -25.05
CA GLY A 232 11.57 4.31 -25.53
C GLY A 232 10.90 5.03 -26.69
N PHE A 233 11.41 6.23 -26.98
CA PHE A 233 10.89 6.99 -28.10
C PHE A 233 11.94 8.00 -28.53
N GLN A 234 11.77 8.51 -29.73
CA GLN A 234 12.53 9.66 -30.20
C GLN A 234 11.54 10.77 -30.47
N ILE A 235 11.87 11.98 -30.00
CA ILE A 235 11.08 13.16 -30.31
C ILE A 235 11.99 14.14 -31.05
N ILE A 236 11.37 15.10 -31.74
CA ILE A 236 12.09 16.27 -32.28
C ILE A 236 11.97 17.41 -31.28
N ALA A 237 13.10 17.91 -30.79
CA ALA A 237 13.05 18.93 -29.74
C ALA A 237 12.47 20.23 -30.27
N GLY A 238 11.48 20.76 -29.54
CA GLY A 238 10.78 21.98 -29.87
C GLY A 238 9.75 21.88 -30.98
N GLU A 239 9.34 20.67 -31.37
CA GLU A 239 8.58 20.51 -32.60
C GLU A 239 7.20 21.14 -32.48
N GLY A 240 6.97 22.16 -33.28
CA GLY A 240 5.73 22.90 -33.19
C GLY A 240 5.53 23.64 -31.87
N VAL A 241 6.57 23.74 -31.04
CA VAL A 241 6.40 24.35 -29.71
C VAL A 241 7.52 25.34 -29.40
N GLY A 242 8.72 25.10 -29.88
CA GLY A 242 9.82 26.05 -29.75
C GLY A 242 10.66 25.84 -28.51
N ALA A 243 11.56 26.78 -28.29
CA ALA A 243 12.51 26.67 -27.21
C ALA A 243 11.82 26.89 -25.87
N GLY A 244 12.50 26.48 -24.81
CA GLY A 244 11.98 26.70 -23.48
C GLY A 244 12.43 25.60 -22.55
N ALA A 245 12.10 25.79 -21.26
CA ALA A 245 12.45 24.84 -20.21
C ALA A 245 11.25 23.90 -20.05
N TRP A 246 11.29 22.79 -20.79
CA TRP A 246 10.21 21.83 -20.85
C TRP A 246 10.35 20.84 -19.71
N MET A 247 9.43 20.90 -18.74
CA MET A 247 9.53 20.00 -17.61
C MET A 247 9.10 18.60 -18.02
N TYR A 248 9.74 17.63 -17.40
CA TYR A 248 9.28 16.25 -17.40
C TYR A 248 9.12 15.84 -15.95
N HIS A 249 8.11 15.03 -15.67
CA HIS A 249 7.91 14.56 -14.30
C HIS A 249 7.02 13.33 -14.29
N CYS A 250 7.13 12.56 -13.20
CA CYS A 250 6.09 11.59 -12.91
C CYS A 250 4.82 12.35 -12.64
N HIS A 251 3.68 11.79 -13.03
CA HIS A 251 2.47 12.58 -12.87
C HIS A 251 1.58 12.14 -11.72
N VAL A 252 1.97 11.11 -10.98
CA VAL A 252 1.33 10.86 -9.69
C VAL A 252 1.59 12.09 -8.84
N GLN A 253 0.52 12.75 -8.39
CA GLN A 253 0.68 14.09 -7.83
C GLN A 253 1.74 14.12 -6.71
N SER A 254 1.63 13.24 -5.72
CA SER A 254 2.59 13.29 -4.62
C SER A 254 4.03 13.10 -5.12
N HIS A 255 4.21 12.25 -6.14
CA HIS A 255 5.55 11.99 -6.67
C HIS A 255 6.16 13.24 -7.29
N SER A 256 5.35 14.10 -7.93
CA SER A 256 5.95 15.29 -8.50
C SER A 256 6.20 16.36 -7.45
N ASP A 257 5.42 16.39 -6.36
CA ASP A 257 5.73 17.29 -5.27
C ASP A 257 6.90 16.81 -4.42
N MET A 258 7.20 15.50 -4.42
CA MET A 258 8.37 15.09 -3.68
C MET A 258 9.67 15.27 -4.45
N GLY A 259 9.62 15.54 -5.75
CA GLY A 259 10.83 15.91 -6.47
C GLY A 259 11.19 15.04 -7.66
N MET A 260 10.23 14.24 -8.14
CA MET A 260 10.44 13.43 -9.34
C MET A 260 10.12 14.30 -10.56
N VAL A 261 10.99 15.31 -10.77
CA VAL A 261 10.87 16.30 -11.83
C VAL A 261 12.27 16.59 -12.36
N GLY A 262 12.33 17.03 -13.62
CA GLY A 262 13.57 17.39 -14.29
C GLY A 262 13.23 18.28 -15.46
N LEU A 263 14.26 18.75 -16.18
CA LEU A 263 14.05 19.72 -17.26
C LEU A 263 14.56 19.20 -18.59
N PHE A 264 13.73 19.36 -19.64
CA PHE A 264 14.18 19.22 -21.02
C PHE A 264 14.44 20.63 -21.54
N LEU A 265 15.66 21.14 -21.27
CA LEU A 265 16.08 22.48 -21.68
C LEU A 265 16.35 22.52 -23.18
N VAL A 266 15.37 22.96 -23.97
CA VAL A 266 15.52 23.10 -25.42
C VAL A 266 15.85 24.55 -25.75
N LYS A 267 16.94 24.75 -26.50
CA LYS A 267 17.53 26.04 -26.83
C LYS A 267 17.35 26.37 -28.31
N LYS A 268 17.19 27.65 -28.62
CA LYS A 268 17.19 28.10 -30.01
C LYS A 268 18.58 27.92 -30.61
N PRO A 269 18.69 28.01 -31.95
CA PRO A 269 20.02 27.91 -32.56
C PRO A 269 21.05 28.85 -31.94
N ASP A 270 20.64 30.03 -31.44
CA ASP A 270 21.62 30.92 -30.85
C ASP A 270 21.96 30.55 -29.42
N GLY A 271 21.26 29.58 -28.83
CA GLY A 271 21.51 29.16 -27.47
C GLY A 271 20.57 29.68 -26.41
N THR A 272 19.53 30.44 -26.77
CA THR A 272 18.67 31.07 -25.77
C THR A 272 17.47 30.20 -25.41
N ILE A 273 17.07 30.27 -24.15
CA ILE A 273 15.92 29.54 -23.62
C ILE A 273 14.94 30.55 -23.04
N PRO A 274 13.87 30.88 -23.77
CA PRO A 274 12.95 31.94 -23.33
C PRO A 274 12.34 31.70 -21.95
N GLY A 275 12.56 32.64 -21.05
CA GLY A 275 11.90 32.63 -19.77
C GLY A 275 12.54 31.73 -18.75
N TYR A 276 13.67 31.10 -19.09
CA TYR A 276 14.29 30.19 -18.14
C TYR A 276 14.99 30.98 -17.04
N ASP A 277 14.92 30.47 -15.84
CA ASP A 277 15.23 31.20 -14.61
C ASP A 277 15.26 30.24 -13.42
N PRO A 278 16.29 29.41 -13.29
CA PRO A 278 16.45 28.58 -12.09
C PRO A 278 16.71 29.39 -10.82
N GLY B 2 -3.14 -26.91 -35.28
CA GLY B 2 -3.60 -26.34 -36.54
C GLY B 2 -4.04 -24.88 -36.49
N ALA B 3 -5.14 -24.58 -37.19
CA ALA B 3 -5.74 -23.26 -37.19
C ALA B 3 -7.20 -23.34 -36.73
N ALA B 4 -7.68 -22.26 -36.12
CA ALA B 4 -9.06 -22.19 -35.69
C ALA B 4 -9.99 -22.05 -36.89
N PRO B 5 -11.10 -22.80 -36.95
CA PRO B 5 -12.06 -22.60 -38.04
C PRO B 5 -12.93 -21.41 -37.74
N ALA B 6 -13.71 -21.01 -38.75
CA ALA B 6 -14.77 -20.05 -38.50
C ALA B 6 -15.79 -20.67 -37.57
N GLY B 7 -16.47 -19.83 -36.81
CA GLY B 7 -17.37 -20.31 -35.78
C GLY B 7 -18.82 -20.35 -36.23
N GLY B 8 -19.70 -20.26 -35.27
CA GLY B 8 -21.12 -20.29 -35.53
C GLY B 8 -21.86 -21.51 -35.02
N GLU B 9 -21.25 -22.32 -34.15
CA GLU B 9 -21.96 -23.43 -33.54
C GLU B 9 -22.62 -22.98 -32.23
N VAL B 10 -23.69 -23.65 -31.85
CA VAL B 10 -24.34 -23.41 -30.56
C VAL B 10 -23.91 -24.51 -29.62
N ARG B 11 -23.20 -24.13 -28.55
CA ARG B 11 -22.63 -25.07 -27.61
C ARG B 11 -23.39 -24.99 -26.28
N ARG B 12 -23.43 -26.10 -25.55
CA ARG B 12 -24.07 -26.15 -24.25
C ARG B 12 -23.12 -26.82 -23.28
N VAL B 13 -23.08 -26.35 -22.04
CA VAL B 13 -22.23 -26.94 -21.01
C VAL B 13 -22.88 -26.69 -19.65
N THR B 14 -22.68 -27.64 -18.73
CA THR B 14 -23.07 -27.42 -17.33
C THR B 14 -21.93 -26.76 -16.60
N MET B 15 -22.26 -25.90 -15.64
CA MET B 15 -21.24 -25.27 -14.81
C MET B 15 -21.82 -25.16 -13.42
N TYR B 16 -20.98 -25.35 -12.41
CA TYR B 16 -21.41 -25.30 -11.03
C TYR B 16 -20.53 -24.33 -10.26
N ALA B 17 -21.13 -23.57 -9.35
CA ALA B 17 -20.39 -22.85 -8.32
C ALA B 17 -20.46 -23.66 -7.03
N GLU B 18 -19.30 -24.05 -6.49
CA GLU B 18 -19.20 -24.88 -5.30
C GLU B 18 -18.25 -24.27 -4.28
N ARG B 19 -18.55 -24.53 -3.00
CA ARG B 19 -17.61 -24.29 -1.91
C ARG B 19 -16.44 -25.27 -1.99
N LEU B 20 -15.24 -24.77 -1.80
CA LEU B 20 -14.03 -25.56 -1.67
C LEU B 20 -13.39 -25.30 -0.30
N ALA B 21 -12.32 -26.04 0.00
CA ALA B 21 -11.71 -26.00 1.32
C ALA B 21 -11.20 -24.60 1.62
N GLY B 22 -11.25 -24.24 2.91
CA GLY B 22 -10.60 -23.03 3.37
C GLY B 22 -11.40 -21.78 3.13
N GLY B 23 -12.73 -21.90 3.11
CA GLY B 23 -13.57 -20.81 2.71
C GLY B 23 -13.39 -20.40 1.27
N GLN B 24 -12.74 -21.21 0.43
CA GLN B 24 -12.62 -20.87 -0.97
C GLN B 24 -13.89 -21.27 -1.72
N MET B 25 -14.04 -20.77 -2.95
CA MET B 25 -15.16 -21.10 -3.83
C MET B 25 -14.64 -21.19 -5.25
N GLY B 26 -15.24 -22.08 -6.06
CA GLY B 26 -14.84 -22.21 -7.45
C GLY B 26 -15.96 -22.63 -8.37
N TYR B 27 -15.75 -22.41 -9.67
CA TYR B 27 -16.61 -22.94 -10.72
C TYR B 27 -16.06 -24.27 -11.22
N GLY B 28 -16.98 -25.17 -11.59
CA GLY B 28 -16.59 -26.42 -12.21
C GLY B 28 -17.61 -26.85 -13.24
N LEU B 29 -17.12 -27.61 -14.23
CA LEU B 29 -17.95 -28.19 -15.28
C LEU B 29 -18.70 -29.43 -14.82
N GLU B 30 -18.15 -30.21 -13.89
CA GLU B 30 -18.81 -31.41 -13.37
C GLU B 30 -18.88 -31.30 -11.86
N LYS B 31 -20.05 -31.63 -11.29
CA LYS B 31 -20.24 -31.40 -9.87
C LYS B 31 -19.18 -32.12 -9.06
N GLY B 32 -18.67 -31.44 -8.03
CA GLY B 32 -17.56 -31.95 -7.27
C GLY B 32 -16.18 -31.80 -7.92
N LYS B 33 -16.08 -31.18 -9.10
CA LYS B 33 -14.79 -30.92 -9.74
C LYS B 33 -14.52 -29.41 -9.91
N ALA B 34 -15.10 -28.59 -9.05
CA ALA B 34 -14.77 -27.17 -9.10
C ALA B 34 -13.28 -26.96 -8.93
N SER B 35 -12.78 -25.88 -9.52
CA SER B 35 -11.36 -25.55 -9.36
C SER B 35 -11.18 -24.05 -9.47
N ILE B 36 -9.99 -23.58 -9.09
CA ILE B 36 -9.57 -22.18 -9.11
C ILE B 36 -8.19 -22.11 -9.78
N PRO B 37 -8.03 -21.48 -10.96
CA PRO B 37 -9.05 -20.86 -11.80
C PRO B 37 -10.14 -21.87 -12.19
N GLY B 38 -11.37 -21.44 -12.49
CA GLY B 38 -12.37 -22.28 -13.11
C GLY B 38 -11.95 -22.79 -14.48
N PRO B 39 -12.75 -23.71 -15.02
CA PRO B 39 -12.41 -24.32 -16.31
C PRO B 39 -12.23 -23.30 -17.44
N LEU B 40 -11.32 -23.62 -18.35
CA LEU B 40 -11.06 -22.75 -19.49
C LEU B 40 -12.14 -22.98 -20.56
N ILE B 41 -12.87 -21.91 -20.92
CA ILE B 41 -13.84 -21.96 -22.01
C ILE B 41 -13.14 -21.51 -23.29
N GLU B 42 -13.39 -22.23 -24.39
CA GLU B 42 -12.81 -21.94 -25.70
C GLU B 42 -13.91 -21.81 -26.75
N LEU B 43 -13.92 -20.69 -27.47
CA LEU B 43 -14.92 -20.45 -28.50
C LEU B 43 -14.28 -19.91 -29.77
N ASN B 44 -14.82 -20.31 -30.90
CA ASN B 44 -14.51 -19.65 -32.16
C ASN B 44 -15.53 -18.56 -32.41
N GLU B 45 -15.05 -17.45 -32.95
CA GLU B 45 -15.92 -16.29 -33.17
C GLU B 45 -17.20 -16.72 -33.88
N GLY B 46 -18.33 -16.26 -33.35
CA GLY B 46 -19.63 -16.59 -33.86
C GLY B 46 -20.34 -17.67 -33.09
N ASP B 47 -19.63 -18.46 -32.30
CA ASP B 47 -20.29 -19.47 -31.49
C ASP B 47 -21.24 -18.82 -30.47
N THR B 48 -22.31 -19.54 -30.15
CA THR B 48 -23.14 -19.26 -28.98
C THR B 48 -22.85 -20.32 -27.93
N LEU B 49 -22.82 -19.92 -26.66
CA LEU B 49 -22.59 -20.86 -25.57
C LEU B 49 -23.66 -20.65 -24.51
N HIS B 50 -24.42 -21.70 -24.22
CA HIS B 50 -25.37 -21.71 -23.12
C HIS B 50 -24.74 -22.40 -21.93
N VAL B 51 -24.64 -21.69 -20.80
CA VAL B 51 -24.11 -22.24 -19.56
C VAL B 51 -25.31 -22.55 -18.67
N GLU B 52 -25.64 -23.83 -18.58
CA GLU B 52 -26.62 -24.33 -17.62
C GLU B 52 -25.94 -24.35 -16.26
N PHE B 53 -26.35 -23.45 -15.38
CA PHE B 53 -25.57 -23.09 -14.21
C PHE B 53 -26.36 -23.45 -12.95
N GLU B 54 -25.67 -24.03 -11.97
CA GLU B 54 -26.30 -24.40 -10.71
C GLU B 54 -25.47 -23.85 -9.56
N ASN B 55 -26.14 -23.19 -8.62
CA ASN B 55 -25.46 -22.68 -7.45
C ASN B 55 -25.70 -23.68 -6.32
N THR B 56 -24.69 -24.48 -6.01
CA THR B 56 -24.79 -25.46 -4.93
C THR B 56 -24.44 -24.89 -3.58
N MET B 57 -24.07 -23.62 -3.50
CA MET B 57 -23.71 -22.95 -2.25
C MET B 57 -24.92 -22.41 -1.50
N ASP B 58 -24.64 -21.79 -0.35
CA ASP B 58 -25.68 -21.25 0.52
C ASP B 58 -25.79 -19.74 0.44
N VAL B 59 -25.08 -19.11 -0.50
CA VAL B 59 -25.18 -17.67 -0.72
C VAL B 59 -25.42 -17.47 -2.23
N PRO B 60 -26.17 -16.44 -2.61
CA PRO B 60 -26.35 -16.14 -4.04
C PRO B 60 -25.00 -15.96 -4.73
N VAL B 61 -24.93 -16.39 -6.00
CA VAL B 61 -23.71 -16.25 -6.79
C VAL B 61 -24.05 -15.82 -8.22
N SER B 62 -23.03 -15.42 -8.99
CA SER B 62 -23.25 -14.98 -10.36
C SER B 62 -22.17 -15.48 -11.33
N LEU B 63 -22.48 -15.30 -12.62
CA LEU B 63 -21.53 -15.51 -13.72
C LEU B 63 -21.54 -14.25 -14.60
N HIS B 64 -20.46 -13.48 -14.57
CA HIS B 64 -20.32 -12.25 -15.34
C HIS B 64 -19.11 -12.40 -16.23
N VAL B 65 -19.29 -12.16 -17.54
CA VAL B 65 -18.22 -12.37 -18.51
C VAL B 65 -17.81 -11.04 -19.11
N HIS B 66 -16.53 -10.95 -19.47
CA HIS B 66 -15.97 -9.79 -20.15
C HIS B 66 -15.94 -10.04 -21.65
N GLY B 67 -16.23 -9.00 -22.42
CA GLY B 67 -15.87 -8.97 -23.83
C GLY B 67 -16.84 -9.67 -24.77
N LEU B 68 -17.64 -10.61 -24.27
CA LEU B 68 -18.54 -11.36 -25.12
C LEU B 68 -19.88 -10.62 -25.22
N ASP B 69 -20.75 -11.13 -26.09
CA ASP B 69 -22.07 -10.54 -26.29
C ASP B 69 -23.08 -11.26 -25.40
N TYR B 70 -23.70 -10.53 -24.50
CA TYR B 70 -24.70 -11.06 -23.59
C TYR B 70 -25.73 -9.98 -23.36
N GLU B 71 -26.99 -10.40 -23.26
CA GLU B 71 -28.07 -9.48 -22.91
C GLU B 71 -28.06 -9.24 -21.40
N ILE B 72 -28.83 -8.23 -20.99
CA ILE B 72 -28.86 -7.82 -19.59
C ILE B 72 -29.28 -8.96 -18.65
N SER B 73 -30.03 -9.94 -19.15
CA SER B 73 -30.42 -11.08 -18.33
C SER B 73 -29.30 -12.09 -18.15
N SER B 74 -28.18 -11.93 -18.86
CA SER B 74 -26.97 -12.69 -18.59
C SER B 74 -25.84 -11.77 -18.12
N ASP B 75 -26.18 -10.57 -17.65
CA ASP B 75 -25.20 -9.71 -17.00
C ASP B 75 -24.58 -10.44 -15.80
N GLY B 76 -25.41 -11.12 -15.01
CA GLY B 76 -24.92 -11.78 -13.81
C GLY B 76 -24.68 -10.77 -12.70
N THR B 77 -25.72 -9.98 -12.38
CA THR B 77 -25.62 -8.96 -11.35
C THR B 77 -26.95 -8.84 -10.62
N LYS B 78 -26.89 -8.40 -9.36
CA LYS B 78 -28.11 -8.25 -8.56
C LYS B 78 -28.99 -7.13 -9.10
N GLN B 79 -28.37 -6.04 -9.55
CA GLN B 79 -29.07 -4.86 -10.02
C GLN B 79 -29.97 -5.13 -11.21
N ASN B 80 -29.82 -6.25 -11.91
CA ASN B 80 -30.80 -6.67 -12.90
C ASN B 80 -31.13 -8.14 -12.70
N LYS B 81 -31.24 -8.55 -11.43
CA LYS B 81 -31.72 -9.85 -10.97
C LYS B 81 -31.22 -11.02 -11.81
N SER B 82 -29.95 -10.99 -12.22
CA SER B 82 -29.37 -12.07 -13.01
C SER B 82 -28.38 -12.91 -12.22
N HIS B 83 -28.45 -12.85 -10.89
CA HIS B 83 -27.70 -13.74 -10.00
C HIS B 83 -28.46 -15.05 -9.86
N VAL B 84 -27.90 -16.00 -9.13
CA VAL B 84 -28.52 -17.30 -8.92
C VAL B 84 -28.59 -17.58 -7.42
N GLU B 85 -29.78 -17.88 -6.93
CA GLU B 85 -30.01 -18.02 -5.51
C GLU B 85 -29.45 -19.34 -5.01
N PRO B 86 -29.30 -19.50 -3.71
CA PRO B 86 -28.84 -20.80 -3.18
C PRO B 86 -29.76 -21.93 -3.69
N GLY B 87 -29.14 -22.95 -4.25
CA GLY B 87 -29.87 -24.06 -4.82
C GLY B 87 -30.44 -23.83 -6.22
N GLY B 88 -30.50 -22.58 -6.68
CA GLY B 88 -31.15 -22.30 -7.94
C GLY B 88 -30.33 -22.71 -9.14
N THR B 89 -30.99 -22.70 -10.30
CA THR B 89 -30.33 -22.96 -11.57
C THR B 89 -30.75 -21.90 -12.59
N ARG B 90 -29.89 -21.69 -13.58
CA ARG B 90 -30.19 -20.66 -14.57
C ARG B 90 -29.27 -20.85 -15.75
N THR B 91 -29.82 -20.59 -16.94
CA THR B 91 -29.07 -20.64 -18.19
C THR B 91 -28.50 -19.26 -18.47
N TYR B 92 -27.18 -19.15 -18.50
CA TYR B 92 -26.51 -17.95 -18.98
C TYR B 92 -26.11 -18.20 -20.42
N THR B 93 -26.29 -17.20 -21.28
CA THR B 93 -25.93 -17.33 -22.68
C THR B 93 -24.92 -16.25 -23.06
N TRP B 94 -23.84 -16.68 -23.69
CA TRP B 94 -22.84 -15.80 -24.27
C TRP B 94 -22.86 -15.97 -25.78
N ARG B 95 -22.86 -14.85 -26.48
CA ARG B 95 -22.72 -14.84 -27.93
C ARG B 95 -21.43 -14.14 -28.28
N THR B 96 -20.97 -14.42 -29.50
CA THR B 96 -19.80 -13.77 -30.07
C THR B 96 -20.05 -13.55 -31.55
N HIS B 97 -19.27 -12.65 -32.13
CA HIS B 97 -19.44 -12.28 -33.52
C HIS B 97 -18.09 -12.13 -34.23
N GLU B 98 -18.09 -12.40 -35.55
CA GLU B 98 -16.95 -12.15 -36.39
C GLU B 98 -16.80 -10.64 -36.54
N PRO B 99 -15.70 -10.15 -37.10
CA PRO B 99 -15.65 -8.74 -37.47
C PRO B 99 -16.24 -8.55 -38.86
N GLY B 100 -16.58 -7.31 -39.16
CA GLY B 100 -17.19 -7.04 -40.45
C GLY B 100 -17.38 -5.55 -40.65
N ARG B 101 -17.87 -5.21 -41.84
CA ARG B 101 -18.18 -3.83 -42.22
C ARG B 101 -19.62 -3.49 -41.82
N ARG B 102 -19.81 -2.37 -41.15
CA ARG B 102 -21.17 -1.88 -40.92
C ARG B 102 -21.63 -1.11 -42.14
N ALA B 103 -22.95 -1.07 -42.35
CA ALA B 103 -23.50 -0.23 -43.41
C ALA B 103 -23.02 1.22 -43.28
N ASP B 104 -22.72 1.68 -42.06
CA ASP B 104 -22.26 3.06 -41.91
C ASP B 104 -20.80 3.23 -42.36
N GLY B 105 -20.24 2.20 -43.00
CA GLY B 105 -18.89 2.24 -43.55
C GLY B 105 -17.78 1.93 -42.58
N THR B 106 -18.07 1.84 -41.28
CA THR B 106 -17.03 1.59 -40.30
C THR B 106 -16.86 0.10 -40.04
N TRP B 107 -15.78 -0.25 -39.36
CA TRP B 107 -15.37 -1.63 -39.15
C TRP B 107 -15.78 -2.06 -37.75
N ARG B 108 -16.60 -3.12 -37.66
CA ARG B 108 -17.03 -3.66 -36.37
C ARG B 108 -16.03 -4.72 -35.92
N ALA B 109 -15.31 -4.43 -34.84
CA ALA B 109 -14.41 -5.41 -34.25
C ALA B 109 -15.14 -6.71 -33.92
N GLY B 110 -14.43 -7.82 -34.05
CA GLY B 110 -14.98 -9.10 -33.64
C GLY B 110 -14.79 -9.35 -32.17
N SER B 111 -15.39 -10.44 -31.68
CA SER B 111 -15.25 -10.81 -30.28
C SER B 111 -13.92 -11.46 -29.94
N ALA B 112 -13.06 -11.70 -30.92
CA ALA B 112 -11.89 -12.53 -30.65
C ALA B 112 -11.02 -11.94 -29.55
N GLY B 113 -10.67 -12.76 -28.56
CA GLY B 113 -9.58 -12.34 -27.69
C GLY B 113 -9.51 -13.17 -26.45
N TYR B 114 -8.82 -12.62 -25.46
CA TYR B 114 -8.52 -13.29 -24.20
C TYR B 114 -9.36 -12.63 -23.12
N TRP B 115 -10.36 -13.35 -22.65
CA TRP B 115 -11.30 -12.79 -21.71
C TRP B 115 -11.47 -13.67 -20.47
N HIS B 116 -12.46 -13.37 -19.64
CA HIS B 116 -12.56 -14.07 -18.38
C HIS B 116 -13.95 -13.84 -17.80
N TYR B 117 -14.33 -14.75 -16.90
CA TYR B 117 -15.62 -14.70 -16.22
C TYR B 117 -15.37 -14.74 -14.73
N HIS B 118 -16.28 -14.15 -13.95
CA HIS B 118 -16.09 -14.12 -12.51
C HIS B 118 -17.43 -13.82 -11.85
N ASP B 119 -17.51 -14.10 -10.56
CA ASP B 119 -18.68 -13.77 -9.75
C ASP B 119 -18.84 -12.25 -9.59
N HIS B 120 -20.08 -11.82 -9.35
CA HIS B 120 -20.36 -10.40 -9.19
C HIS B 120 -21.23 -10.05 -7.99
N VAL B 121 -21.59 -11.02 -7.10
CA VAL B 121 -22.54 -10.72 -6.03
C VAL B 121 -22.17 -11.30 -4.66
N VAL B 122 -21.17 -12.18 -4.61
CA VAL B 122 -20.79 -12.71 -3.30
C VAL B 122 -19.99 -11.68 -2.52
N GLY B 123 -20.50 -11.31 -1.35
CA GLY B 123 -19.86 -10.33 -0.46
C GLY B 123 -20.30 -8.89 -0.66
N THR B 124 -20.13 -8.38 -1.88
CA THR B 124 -20.55 -7.03 -2.20
C THR B 124 -21.31 -7.09 -3.52
N GLU B 125 -21.87 -5.96 -3.92
CA GLU B 125 -22.43 -5.95 -5.28
C GLU B 125 -21.36 -5.97 -6.38
N HIS B 126 -20.06 -6.09 -6.10
CA HIS B 126 -19.05 -6.25 -7.14
C HIS B 126 -18.32 -7.57 -7.05
N GLY B 127 -18.84 -8.50 -6.25
CA GLY B 127 -18.24 -9.81 -6.10
C GLY B 127 -16.92 -9.81 -5.38
N THR B 128 -16.63 -8.80 -4.56
CA THR B 128 -15.31 -8.74 -3.90
C THR B 128 -15.01 -9.99 -3.08
N GLY B 129 -16.01 -10.58 -2.42
CA GLY B 129 -15.77 -11.81 -1.69
C GLY B 129 -15.65 -13.01 -2.62
N GLY B 130 -16.56 -13.13 -3.59
CA GLY B 130 -16.53 -14.26 -4.49
C GLY B 130 -15.22 -14.33 -5.26
N ILE B 131 -14.79 -13.19 -5.82
CA ILE B 131 -13.50 -13.13 -6.50
C ILE B 131 -12.38 -13.51 -5.54
N ARG B 132 -12.40 -12.95 -4.31
CA ARG B 132 -11.29 -13.24 -3.42
C ARG B 132 -11.25 -14.71 -3.05
N ASN B 133 -12.42 -15.37 -2.99
CA ASN B 133 -12.44 -16.80 -2.68
C ASN B 133 -12.15 -17.68 -3.89
N GLY B 134 -12.16 -17.12 -5.10
CA GLY B 134 -11.75 -17.91 -6.26
C GLY B 134 -12.74 -18.10 -7.39
N LEU B 135 -13.84 -17.34 -7.41
CA LEU B 135 -14.81 -17.48 -8.49
C LEU B 135 -14.34 -16.66 -9.68
N TYR B 136 -13.48 -17.28 -10.50
CA TYR B 136 -12.98 -16.65 -11.73
C TYR B 136 -12.36 -17.73 -12.64
N GLY B 137 -12.39 -17.47 -13.95
CA GLY B 137 -11.76 -18.37 -14.87
C GLY B 137 -11.62 -17.79 -16.27
N PRO B 138 -10.83 -18.46 -17.11
CA PRO B 138 -10.50 -17.91 -18.42
C PRO B 138 -11.47 -18.33 -19.52
N VAL B 139 -11.74 -17.38 -20.44
CA VAL B 139 -12.49 -17.60 -21.67
C VAL B 139 -11.60 -17.14 -22.81
N ILE B 140 -11.42 -18.00 -23.80
CA ILE B 140 -10.67 -17.66 -25.01
C ILE B 140 -11.59 -17.69 -26.21
N VAL B 141 -11.58 -16.61 -27.00
CA VAL B 141 -12.37 -16.58 -28.23
C VAL B 141 -11.40 -16.40 -29.38
N ARG B 142 -11.39 -17.39 -30.28
CA ARG B 142 -10.43 -17.41 -31.37
C ARG B 142 -11.04 -16.80 -32.64
N ARG B 143 -10.18 -16.28 -33.49
CA ARG B 143 -10.52 -15.87 -34.85
C ARG B 143 -10.12 -16.97 -35.84
N LYS B 144 -10.90 -17.09 -36.92
CA LYS B 144 -10.55 -18.06 -37.95
C LYS B 144 -9.14 -17.80 -38.44
N GLY B 145 -8.30 -18.82 -38.39
CA GLY B 145 -6.92 -18.71 -38.79
C GLY B 145 -5.92 -18.55 -37.66
N ASP B 146 -6.37 -18.23 -36.45
CA ASP B 146 -5.47 -18.20 -35.29
C ASP B 146 -4.74 -19.53 -35.18
N VAL B 147 -3.45 -19.47 -34.87
CA VAL B 147 -2.63 -20.67 -34.65
C VAL B 147 -3.03 -21.32 -33.33
N LEU B 148 -3.06 -22.66 -33.31
CA LEU B 148 -3.52 -23.29 -32.07
C LEU B 148 -2.34 -23.80 -31.23
N PRO B 149 -2.38 -23.65 -29.90
CA PRO B 149 -1.23 -24.02 -29.08
C PRO B 149 -1.19 -25.52 -28.80
N ASP B 150 -0.03 -25.98 -28.34
CA ASP B 150 0.03 -27.34 -27.86
C ASP B 150 -0.54 -27.45 -26.45
N ALA B 151 -0.48 -26.36 -25.68
CA ALA B 151 -0.94 -26.31 -24.30
C ALA B 151 -1.28 -24.88 -23.96
N THR B 152 -2.24 -24.72 -23.05
CA THR B 152 -2.66 -23.43 -22.54
C THR B 152 -2.56 -23.43 -21.03
N HIS B 153 -1.96 -22.40 -20.46
CA HIS B 153 -1.87 -22.32 -19.01
C HIS B 153 -2.41 -20.98 -18.58
N THR B 154 -3.22 -20.97 -17.53
CA THR B 154 -3.77 -19.74 -17.02
C THR B 154 -3.04 -19.35 -15.75
N ILE B 155 -2.76 -18.06 -15.62
CA ILE B 155 -1.98 -17.49 -14.54
C ILE B 155 -2.76 -16.28 -14.04
N VAL B 156 -3.22 -16.33 -12.79
CA VAL B 156 -4.14 -15.31 -12.31
C VAL B 156 -3.56 -14.61 -11.09
N PHE B 157 -3.22 -13.33 -11.24
CA PHE B 157 -2.78 -12.56 -10.06
C PHE B 157 -4.02 -12.01 -9.33
N ASN B 158 -4.39 -12.69 -8.25
CA ASN B 158 -5.53 -12.33 -7.42
C ASN B 158 -4.99 -11.78 -6.11
N ASP B 159 -5.04 -10.45 -5.95
CA ASP B 159 -4.49 -9.84 -4.74
C ASP B 159 -3.01 -10.22 -4.70
N GLY B 160 -2.51 -10.76 -3.61
CA GLY B 160 -1.13 -11.17 -3.44
C GLY B 160 -0.83 -12.60 -3.81
N THR B 161 -1.78 -13.35 -4.34
CA THR B 161 -1.62 -14.75 -4.69
C THR B 161 -1.57 -14.95 -6.21
N ILE B 162 -1.18 -16.17 -6.60
CA ILE B 162 -1.28 -16.68 -7.95
C ILE B 162 -2.23 -17.85 -7.87
N ASN B 163 -3.39 -17.74 -8.52
CA ASN B 163 -4.40 -18.81 -8.50
C ASN B 163 -4.81 -19.20 -7.09
N ASN B 164 -4.77 -18.23 -6.15
CA ASN B 164 -5.21 -18.43 -4.77
C ASN B 164 -4.36 -19.43 -4.02
N ARG B 165 -3.16 -19.69 -4.53
CA ARG B 165 -2.28 -20.65 -3.89
C ARG B 165 -1.54 -20.00 -2.72
N PRO B 166 -1.13 -20.78 -1.72
CA PRO B 166 -0.26 -20.23 -0.68
C PRO B 166 1.00 -19.67 -1.31
N ALA B 167 1.58 -18.66 -0.68
CA ALA B 167 2.68 -17.98 -1.34
C ALA B 167 3.83 -18.96 -1.51
N HIS B 168 4.66 -18.68 -2.51
CA HIS B 168 5.87 -19.44 -2.80
C HIS B 168 5.57 -20.83 -3.32
N THR B 169 4.39 -21.08 -3.90
CA THR B 169 4.09 -22.43 -4.39
C THR B 169 3.72 -22.46 -5.87
N GLY B 170 4.14 -21.46 -6.65
CA GLY B 170 3.94 -21.50 -8.09
C GLY B 170 2.59 -20.97 -8.54
N PRO B 171 1.96 -21.66 -9.50
CA PRO B 171 2.29 -22.98 -10.07
C PRO B 171 3.44 -23.01 -11.07
N ASN B 172 4.02 -24.17 -11.27
CA ASN B 172 4.97 -24.45 -12.33
C ASN B 172 4.26 -25.05 -13.54
N PHE B 173 4.76 -24.75 -14.74
CA PHE B 173 4.22 -25.24 -16.00
C PHE B 173 5.34 -25.88 -16.82
N GLU B 174 5.08 -27.06 -17.38
CA GLU B 174 6.11 -27.81 -18.09
C GLU B 174 5.83 -27.83 -19.58
N ALA B 175 6.91 -27.96 -20.33
CA ALA B 175 6.83 -27.91 -21.79
C ALA B 175 8.17 -28.40 -22.32
N THR B 176 8.18 -28.77 -23.59
CA THR B 176 9.38 -29.20 -24.27
C THR B 176 9.81 -28.11 -25.26
N VAL B 177 11.12 -27.95 -25.42
N VAL B 177 11.12 -27.95 -25.40
CA VAL B 177 11.64 -26.92 -26.32
CA VAL B 177 11.64 -26.98 -26.36
C VAL B 177 11.05 -27.12 -27.71
C VAL B 177 10.94 -27.17 -27.69
N GLY B 178 10.40 -26.07 -28.24
CA GLY B 178 9.69 -26.11 -29.49
C GLY B 178 8.18 -26.01 -29.33
N ASP B 179 7.66 -26.43 -28.17
CA ASP B 179 6.21 -26.40 -27.94
C ASP B 179 5.65 -25.00 -28.13
N ARG B 180 4.51 -24.94 -28.81
CA ARG B 180 3.76 -23.70 -28.92
C ARG B 180 2.89 -23.60 -27.66
N VAL B 181 3.27 -22.72 -26.74
CA VAL B 181 2.66 -22.64 -25.43
C VAL B 181 1.88 -21.34 -25.37
N GLU B 182 0.65 -21.41 -24.86
CA GLU B 182 -0.27 -20.27 -24.74
C GLU B 182 -0.43 -19.95 -23.26
N ILE B 183 -0.36 -18.66 -22.92
CA ILE B 183 -0.59 -18.19 -21.56
C ILE B 183 -1.83 -17.31 -21.57
N VAL B 184 -2.67 -17.48 -20.56
CA VAL B 184 -3.80 -16.59 -20.25
C VAL B 184 -3.49 -15.90 -18.94
N MET B 185 -3.52 -14.57 -18.94
CA MET B 185 -3.04 -13.80 -17.79
C MET B 185 -4.19 -12.90 -17.36
N ILE B 186 -4.75 -13.18 -16.19
CA ILE B 186 -5.85 -12.41 -15.61
C ILE B 186 -5.41 -11.86 -14.26
N THR B 187 -5.93 -10.69 -13.93
CA THR B 187 -5.60 -9.98 -12.70
C THR B 187 -6.91 -9.60 -12.00
N HIS B 188 -6.93 -9.72 -10.67
CA HIS B 188 -8.16 -9.57 -9.92
C HIS B 188 -7.84 -8.98 -8.55
N GLY B 189 -8.76 -8.17 -8.02
CA GLY B 189 -8.70 -7.76 -6.64
C GLY B 189 -8.31 -6.30 -6.47
N GLU B 190 -7.25 -6.04 -5.69
CA GLU B 190 -6.95 -4.71 -5.19
C GLU B 190 -5.69 -4.08 -5.77
N TYR B 191 -4.73 -4.86 -6.24
CA TYR B 191 -3.39 -4.33 -6.49
C TYR B 191 -3.01 -4.34 -7.96
N TYR B 192 -2.15 -3.43 -8.35
CA TYR B 192 -1.54 -3.59 -9.65
C TYR B 192 -0.37 -4.55 -9.53
N HIS B 193 0.05 -5.11 -10.68
CA HIS B 193 1.21 -5.99 -10.79
C HIS B 193 1.90 -5.76 -12.14
N THR B 194 3.06 -6.39 -12.30
CA THR B 194 3.75 -6.43 -13.59
C THR B 194 4.21 -7.85 -13.84
N PHE B 195 3.78 -8.46 -14.94
CA PHE B 195 4.06 -9.86 -15.25
C PHE B 195 5.28 -9.98 -16.16
N HIS B 196 6.27 -10.74 -15.70
CA HIS B 196 7.54 -10.95 -16.38
C HIS B 196 7.76 -12.44 -16.60
N MET B 197 8.32 -12.80 -17.76
CA MET B 197 8.78 -14.16 -18.05
C MET B 197 10.26 -14.13 -18.42
N HIS B 198 11.11 -14.75 -17.60
CA HIS B 198 12.50 -14.86 -18.00
C HIS B 198 12.62 -15.58 -19.34
N GLY B 199 13.57 -15.15 -20.16
CA GLY B 199 13.91 -15.90 -21.34
C GLY B 199 12.91 -15.88 -22.48
N HIS B 200 11.76 -15.24 -22.32
CA HIS B 200 10.74 -15.21 -23.37
C HIS B 200 10.19 -13.80 -23.49
N HIS B 201 9.40 -13.59 -24.55
CA HIS B 201 8.85 -12.30 -24.93
C HIS B 201 7.69 -12.54 -25.89
N TRP B 202 6.88 -11.50 -26.09
CA TRP B 202 5.71 -11.58 -26.96
C TRP B 202 5.36 -10.19 -27.46
N ALA B 203 4.48 -10.13 -28.46
CA ALA B 203 3.96 -8.87 -28.98
C ALA B 203 2.72 -8.42 -28.20
N ASP B 204 2.64 -7.13 -27.92
CA ASP B 204 1.58 -6.57 -27.11
C ASP B 204 0.37 -6.24 -28.01
N ASN B 205 -0.31 -7.28 -28.44
CA ASN B 205 -1.51 -7.07 -29.26
C ASN B 205 -2.49 -8.19 -28.97
N ARG B 206 -3.39 -8.49 -29.91
CA ARG B 206 -4.45 -9.43 -29.58
C ARG B 206 -3.88 -10.79 -29.24
N THR B 207 -2.90 -11.24 -30.04
CA THR B 207 -2.44 -12.61 -30.05
C THR B 207 -1.08 -12.82 -29.38
N GLY B 208 -0.33 -11.76 -29.11
CA GLY B 208 1.02 -11.98 -28.63
C GLY B 208 1.98 -12.39 -29.71
N MET B 209 1.55 -12.37 -30.97
CA MET B 209 2.42 -12.54 -32.11
C MET B 209 2.12 -11.42 -33.09
N LEU B 210 3.20 -10.85 -33.63
CA LEU B 210 3.10 -9.94 -34.76
C LEU B 210 2.43 -10.64 -35.93
N THR B 211 1.59 -9.89 -36.66
CA THR B 211 0.86 -10.39 -37.81
C THR B 211 1.71 -10.42 -39.06
N GLY B 212 2.99 -10.03 -38.97
CA GLY B 212 3.89 -9.92 -40.10
C GLY B 212 4.75 -8.68 -39.94
N PRO B 213 5.62 -8.39 -40.92
CA PRO B 213 6.61 -7.31 -40.73
C PRO B 213 6.03 -5.91 -40.66
N ASP B 214 4.75 -5.69 -40.90
CA ASP B 214 4.20 -4.33 -40.86
C ASP B 214 3.49 -4.04 -39.55
N ASP B 215 3.59 -4.93 -38.57
CA ASP B 215 2.92 -4.75 -37.29
C ASP B 215 3.79 -3.93 -36.35
N PRO B 216 3.35 -2.75 -35.91
CA PRO B 216 4.20 -1.91 -35.06
C PRO B 216 4.14 -2.20 -33.56
N SER B 217 3.54 -3.31 -33.10
CA SER B 217 3.32 -3.47 -31.67
C SER B 217 4.64 -3.62 -30.92
N GLN B 218 4.73 -3.00 -29.75
CA GLN B 218 5.93 -3.21 -28.94
C GLN B 218 6.00 -4.69 -28.56
N VAL B 219 7.17 -5.26 -28.82
CA VAL B 219 7.54 -6.55 -28.26
C VAL B 219 8.04 -6.32 -26.84
N ILE B 220 7.62 -7.18 -25.92
CA ILE B 220 7.82 -6.95 -24.49
C ILE B 220 8.05 -8.28 -23.79
N ASP B 221 8.59 -8.21 -22.58
CA ASP B 221 8.63 -9.36 -21.69
C ASP B 221 8.07 -9.02 -20.31
N ASN B 222 7.35 -7.90 -20.19
CA ASN B 222 7.01 -7.27 -18.91
C ASN B 222 5.82 -6.35 -19.17
N LYS B 223 4.76 -6.45 -18.35
CA LYS B 223 3.50 -5.76 -18.61
C LYS B 223 2.79 -5.38 -17.30
N ILE B 224 2.36 -4.11 -17.18
CA ILE B 224 1.56 -3.72 -16.01
C ILE B 224 0.10 -4.08 -16.23
N CYS B 225 -0.57 -4.57 -15.19
CA CYS B 225 -1.99 -4.91 -15.26
CA CYS B 225 -2.00 -4.83 -15.28
C CYS B 225 -2.64 -4.65 -13.92
N GLY B 226 -3.91 -4.21 -13.96
CA GLY B 226 -4.68 -4.00 -12.76
C GLY B 226 -5.90 -4.91 -12.74
N PRO B 227 -6.79 -4.71 -11.78
CA PRO B 227 -7.92 -5.63 -11.62
C PRO B 227 -8.82 -5.66 -12.86
N ALA B 228 -9.15 -6.89 -13.29
CA ALA B 228 -10.00 -7.27 -14.39
C ALA B 228 -9.34 -7.19 -15.75
N ASN B 229 -8.08 -6.80 -15.84
CA ASN B 229 -7.43 -6.89 -17.12
C ASN B 229 -7.31 -8.35 -17.51
N SER B 230 -7.32 -8.62 -18.79
CA SER B 230 -7.01 -9.95 -19.26
C SER B 230 -6.21 -9.80 -20.53
N PHE B 231 -5.21 -10.65 -20.69
CA PHE B 231 -4.46 -10.69 -21.94
C PHE B 231 -3.85 -12.07 -22.08
N GLY B 232 -3.32 -12.32 -23.27
CA GLY B 232 -2.83 -13.64 -23.60
C GLY B 232 -1.83 -13.56 -24.71
N PHE B 233 -1.00 -14.61 -24.81
CA PHE B 233 0.06 -14.67 -25.80
C PHE B 233 0.50 -16.11 -25.98
N GLN B 234 1.14 -16.35 -27.11
CA GLN B 234 1.71 -17.65 -27.42
C GLN B 234 3.21 -17.47 -27.56
N ILE B 235 3.96 -18.39 -26.99
CA ILE B 235 5.40 -18.37 -27.14
C ILE B 235 5.82 -19.73 -27.64
N ILE B 236 6.98 -19.76 -28.29
CA ILE B 236 7.65 -21.01 -28.62
C ILE B 236 8.61 -21.28 -27.47
N ALA B 237 8.43 -22.43 -26.82
CA ALA B 237 9.15 -22.72 -25.61
C ALA B 237 10.66 -22.79 -25.88
N GLY B 238 11.42 -21.92 -25.24
CA GLY B 238 12.86 -21.98 -25.36
C GLY B 238 13.43 -21.39 -26.61
N GLU B 239 12.63 -20.67 -27.40
CA GLU B 239 13.09 -20.21 -28.71
C GLU B 239 14.29 -19.27 -28.55
N GLY B 240 15.41 -19.63 -29.16
CA GLY B 240 16.57 -18.78 -29.01
C GLY B 240 17.21 -18.82 -27.64
N VAL B 241 16.69 -19.62 -26.72
CA VAL B 241 17.20 -19.62 -25.35
C VAL B 241 17.46 -21.01 -24.80
N GLY B 242 16.90 -22.06 -25.39
CA GLY B 242 17.16 -23.40 -24.91
C GLY B 242 16.37 -23.72 -23.66
N ALA B 243 16.53 -24.97 -23.24
CA ALA B 243 15.86 -25.50 -22.07
C ALA B 243 16.35 -24.81 -20.79
N GLY B 244 15.59 -25.02 -19.73
CA GLY B 244 15.90 -24.55 -18.40
C GLY B 244 14.64 -24.27 -17.62
N ALA B 245 14.80 -24.11 -16.32
CA ALA B 245 13.75 -23.60 -15.44
C ALA B 245 13.71 -22.09 -15.56
N TRP B 246 12.70 -21.56 -16.28
CA TRP B 246 12.60 -20.13 -16.57
C TRP B 246 11.61 -19.50 -15.61
N MET B 247 12.13 -18.69 -14.70
CA MET B 247 11.28 -18.02 -13.74
C MET B 247 10.25 -17.15 -14.44
N TYR B 248 9.03 -17.13 -13.91
CA TYR B 248 8.08 -16.04 -14.17
C TYR B 248 7.59 -15.49 -12.84
N HIS B 249 7.37 -14.18 -12.81
CA HIS B 249 6.97 -13.57 -11.55
C HIS B 249 6.44 -12.17 -11.82
N CYS B 250 5.55 -11.72 -10.91
CA CYS B 250 5.35 -10.30 -10.76
C CYS B 250 6.70 -9.65 -10.48
N HIS B 251 6.92 -8.49 -11.08
CA HIS B 251 8.21 -7.80 -10.94
C HIS B 251 8.17 -6.64 -9.93
N VAL B 252 7.01 -6.35 -9.35
CA VAL B 252 6.99 -5.54 -8.13
C VAL B 252 7.81 -6.27 -7.08
N GLN B 253 8.89 -5.64 -6.60
CA GLN B 253 9.97 -6.40 -5.97
C GLN B 253 9.48 -7.15 -4.73
N SER B 254 8.73 -6.47 -3.87
CA SER B 254 8.23 -7.16 -2.67
C SER B 254 7.35 -8.35 -3.06
N HIS B 255 6.64 -8.25 -4.19
CA HIS B 255 5.72 -9.33 -4.59
C HIS B 255 6.50 -10.58 -5.00
N SER B 256 7.63 -10.41 -5.67
CA SER B 256 8.43 -11.58 -6.01
C SER B 256 9.07 -12.19 -4.76
N ASP B 257 9.48 -11.34 -3.82
CA ASP B 257 10.08 -11.80 -2.57
C ASP B 257 9.07 -12.43 -1.64
N MET B 258 7.78 -12.15 -1.82
CA MET B 258 6.74 -12.74 -1.00
C MET B 258 6.07 -13.94 -1.65
N GLY B 259 6.55 -14.38 -2.82
CA GLY B 259 6.09 -15.63 -3.40
C GLY B 259 5.21 -15.57 -4.63
N MET B 260 5.05 -14.40 -5.29
CA MET B 260 4.42 -14.36 -6.61
C MET B 260 5.46 -14.75 -7.65
N VAL B 261 5.89 -16.02 -7.59
CA VAL B 261 6.88 -16.58 -8.52
C VAL B 261 6.47 -18.00 -8.88
N GLY B 262 6.84 -18.42 -10.09
CA GLY B 262 6.61 -19.77 -10.59
C GLY B 262 7.67 -20.12 -11.60
N LEU B 263 7.60 -21.33 -12.14
CA LEU B 263 8.64 -21.81 -13.06
C LEU B 263 8.02 -22.34 -14.35
N PHE B 264 8.41 -21.74 -15.46
CA PHE B 264 8.19 -22.32 -16.79
C PHE B 264 9.34 -23.30 -17.01
N LEU B 265 9.05 -24.58 -16.79
CA LEU B 265 10.05 -25.64 -16.87
C LEU B 265 10.10 -26.16 -18.31
N VAL B 266 11.03 -25.64 -19.09
CA VAL B 266 11.16 -26.01 -20.48
C VAL B 266 12.24 -27.07 -20.55
N LYS B 267 11.84 -28.28 -20.94
CA LYS B 267 12.66 -29.48 -20.93
C LYS B 267 13.26 -29.73 -22.31
N LYS B 268 14.48 -30.28 -22.32
CA LYS B 268 15.08 -30.82 -23.54
C LYS B 268 14.21 -31.95 -24.10
N PRO B 269 14.43 -32.35 -25.34
CA PRO B 269 13.61 -33.44 -25.89
C PRO B 269 13.65 -34.70 -25.03
N ASP B 270 14.67 -34.90 -24.16
CA ASP B 270 14.79 -36.10 -23.33
C ASP B 270 14.12 -35.96 -21.97
N GLY B 271 13.36 -34.89 -21.76
CA GLY B 271 12.61 -34.67 -20.56
C GLY B 271 13.38 -34.05 -19.42
N THR B 272 14.69 -33.88 -19.55
CA THR B 272 15.48 -33.26 -18.49
C THR B 272 15.56 -31.74 -18.69
N ILE B 273 15.93 -31.07 -17.61
CA ILE B 273 16.03 -29.61 -17.51
C ILE B 273 17.45 -29.28 -17.08
N PRO B 274 18.25 -28.67 -17.95
CA PRO B 274 19.67 -28.45 -17.62
C PRO B 274 19.82 -27.46 -16.48
N GLY B 275 20.56 -27.88 -15.46
CA GLY B 275 20.80 -27.05 -14.30
C GLY B 275 19.65 -26.98 -13.32
N TYR B 276 18.54 -27.66 -13.58
CA TYR B 276 17.43 -27.67 -12.65
C TYR B 276 17.73 -28.67 -11.55
N ASP B 277 18.02 -28.17 -10.36
CA ASP B 277 18.06 -29.01 -9.18
C ASP B 277 16.80 -28.78 -8.37
N PRO B 278 15.88 -29.75 -8.30
CA PRO B 278 14.72 -29.77 -7.38
C PRO B 278 15.11 -29.60 -5.92
N GLY C 2 -21.86 11.85 -40.63
CA GLY C 2 -21.17 12.64 -39.64
C GLY C 2 -19.67 12.33 -39.61
N ALA C 3 -18.91 13.04 -40.44
CA ALA C 3 -17.45 12.97 -40.42
C ALA C 3 -16.89 14.34 -40.04
N ALA C 4 -15.71 14.32 -39.41
CA ALA C 4 -15.04 15.57 -39.05
C ALA C 4 -14.43 16.19 -40.30
N PRO C 5 -14.39 17.52 -40.40
CA PRO C 5 -13.79 18.19 -41.56
C PRO C 5 -12.29 18.38 -41.38
N ALA C 6 -11.64 18.81 -42.46
CA ALA C 6 -10.26 19.26 -42.34
C ALA C 6 -10.19 20.50 -41.46
N GLY C 7 -9.16 20.58 -40.62
CA GLY C 7 -9.03 21.68 -39.68
C GLY C 7 -8.45 22.93 -40.31
N GLY C 8 -8.16 23.92 -39.45
CA GLY C 8 -7.46 25.11 -39.89
C GLY C 8 -8.15 26.43 -39.57
N GLU C 9 -9.17 26.42 -38.70
CA GLU C 9 -9.78 27.66 -38.27
C GLU C 9 -9.06 28.24 -37.05
N VAL C 10 -9.25 29.54 -36.85
CA VAL C 10 -8.77 30.25 -35.67
C VAL C 10 -9.97 30.48 -34.76
N ARG C 11 -9.98 29.85 -33.59
CA ARG C 11 -11.14 29.88 -32.73
C ARG C 11 -10.79 30.52 -31.38
N ARG C 12 -11.79 31.16 -30.79
CA ARG C 12 -11.61 31.91 -29.56
C ARG C 12 -12.65 31.48 -28.54
N VAL C 13 -12.29 31.61 -27.27
CA VAL C 13 -13.12 31.11 -26.18
C VAL C 13 -12.67 31.85 -24.91
N THR C 14 -13.64 32.28 -24.11
CA THR C 14 -13.29 32.80 -22.80
C THR C 14 -13.40 31.67 -21.79
N MET C 15 -12.49 31.67 -20.81
CA MET C 15 -12.53 30.68 -19.76
C MET C 15 -12.27 31.35 -18.42
N TYR C 16 -13.01 30.90 -17.41
CA TYR C 16 -12.94 31.44 -16.06
C TYR C 16 -12.71 30.32 -15.06
N ALA C 17 -11.96 30.63 -14.01
CA ALA C 17 -11.73 29.73 -12.89
C ALA C 17 -12.47 30.28 -11.69
N GLU C 18 -13.45 29.53 -11.20
CA GLU C 18 -14.27 29.97 -10.09
C GLU C 18 -14.18 28.96 -8.96
N ARG C 19 -14.29 29.48 -7.75
CA ARG C 19 -14.61 28.62 -6.63
C ARG C 19 -16.01 28.07 -6.81
N LEU C 20 -16.23 26.89 -6.26
CA LEU C 20 -17.57 26.30 -6.21
C LEU C 20 -17.86 25.92 -4.77
N ALA C 21 -18.98 25.23 -4.53
CA ALA C 21 -19.35 24.88 -3.16
C ALA C 21 -18.38 23.84 -2.61
N GLY C 22 -17.98 24.04 -1.36
CA GLY C 22 -17.23 23.03 -0.63
C GLY C 22 -15.74 23.02 -0.87
N GLY C 23 -15.12 24.19 -1.01
CA GLY C 23 -13.71 24.23 -1.30
C GLY C 23 -13.30 23.70 -2.65
N GLN C 24 -14.26 23.42 -3.53
CA GLN C 24 -13.98 22.98 -4.88
C GLN C 24 -13.71 24.18 -5.80
N MET C 25 -13.10 23.90 -6.96
CA MET C 25 -12.84 24.91 -7.99
C MET C 25 -13.06 24.30 -9.37
N GLY C 26 -13.54 25.13 -10.29
CA GLY C 26 -13.86 24.65 -11.64
C GLY C 26 -13.57 25.68 -12.71
N TYR C 27 -13.41 25.19 -13.94
CA TYR C 27 -13.35 25.99 -15.16
C TYR C 27 -14.74 26.16 -15.75
N GLY C 28 -14.96 27.28 -16.42
CA GLY C 28 -16.23 27.52 -17.09
C GLY C 28 -16.07 28.49 -18.24
N LEU C 29 -16.98 28.38 -19.22
CA LEU C 29 -16.92 29.22 -20.41
C LEU C 29 -17.61 30.58 -20.24
N GLU C 30 -18.58 30.70 -19.34
CA GLU C 30 -19.14 31.98 -18.91
C GLU C 30 -19.07 32.07 -17.38
N LYS C 31 -18.94 33.30 -16.87
CA LYS C 31 -18.88 33.51 -15.43
C LYS C 31 -20.09 32.91 -14.74
N GLY C 32 -19.86 32.33 -13.56
CA GLY C 32 -20.89 31.59 -12.84
C GLY C 32 -21.42 30.37 -13.58
N LYS C 33 -20.65 29.82 -14.51
CA LYS C 33 -21.05 28.62 -15.24
C LYS C 33 -19.99 27.53 -15.15
N ALA C 34 -19.07 27.62 -14.18
CA ALA C 34 -17.97 26.68 -14.09
C ALA C 34 -18.46 25.30 -13.67
N SER C 35 -17.90 24.26 -14.30
CA SER C 35 -18.36 22.89 -14.07
C SER C 35 -17.19 21.96 -13.78
N ILE C 36 -17.49 20.88 -13.07
CA ILE C 36 -16.51 19.81 -12.87
C ILE C 36 -17.09 18.51 -13.42
N PRO C 37 -16.53 17.96 -14.50
CA PRO C 37 -15.29 18.37 -15.16
C PRO C 37 -15.49 19.63 -16.01
N GLY C 38 -14.42 20.29 -16.44
CA GLY C 38 -14.53 21.50 -17.24
C GLY C 38 -15.25 21.31 -18.56
N PRO C 39 -15.50 22.41 -19.25
CA PRO C 39 -16.24 22.35 -20.51
C PRO C 39 -15.48 21.64 -21.62
N LEU C 40 -16.21 20.90 -22.45
CA LEU C 40 -15.58 20.10 -23.49
C LEU C 40 -15.17 21.01 -24.65
N ILE C 41 -13.91 20.99 -24.99
CA ILE C 41 -13.38 21.74 -26.11
C ILE C 41 -13.08 20.77 -27.25
N GLU C 42 -13.67 21.01 -28.42
CA GLU C 42 -13.47 20.17 -29.58
C GLU C 42 -12.79 20.96 -30.68
N LEU C 43 -11.79 20.36 -31.32
CA LEU C 43 -11.04 21.00 -32.39
C LEU C 43 -10.72 19.99 -33.49
N ASN C 44 -10.49 20.51 -34.68
CA ASN C 44 -10.09 19.69 -35.82
C ASN C 44 -8.60 19.92 -36.06
N GLU C 45 -7.91 18.85 -36.46
CA GLU C 45 -6.47 18.92 -36.70
C GLU C 45 -6.12 20.08 -37.62
N GLY C 46 -5.40 21.06 -37.07
CA GLY C 46 -5.07 22.29 -37.76
C GLY C 46 -5.60 23.53 -37.08
N ASP C 47 -6.65 23.42 -36.28
CA ASP C 47 -7.22 24.59 -35.64
C ASP C 47 -6.24 25.18 -34.64
N THR C 48 -6.35 26.48 -34.46
CA THR C 48 -5.79 27.18 -33.31
C THR C 48 -6.93 27.66 -32.44
N LEU C 49 -6.71 27.65 -31.13
CA LEU C 49 -7.74 28.02 -30.17
C LEU C 49 -7.13 29.04 -29.23
N HIS C 50 -7.72 30.21 -29.17
CA HIS C 50 -7.29 31.23 -28.23
C HIS C 50 -8.21 31.16 -27.03
N VAL C 51 -7.64 30.94 -25.86
CA VAL C 51 -8.40 30.88 -24.62
C VAL C 51 -8.10 32.16 -23.85
N GLU C 52 -9.05 33.09 -23.86
CA GLU C 52 -8.94 34.25 -22.98
C GLU C 52 -9.38 33.80 -21.60
N PHE C 53 -8.40 33.55 -20.75
CA PHE C 53 -8.61 33.02 -19.41
C PHE C 53 -8.67 34.16 -18.40
N GLU C 54 -9.58 34.02 -17.41
CA GLU C 54 -9.63 34.96 -16.30
C GLU C 54 -9.76 34.21 -14.97
N ASN C 55 -9.01 34.66 -13.97
CA ASN C 55 -8.96 34.03 -12.65
C ASN C 55 -9.80 34.85 -11.68
N THR C 56 -11.06 34.45 -11.48
CA THR C 56 -11.95 35.10 -10.52
C THR C 56 -11.72 34.64 -9.07
N MET C 57 -10.57 34.06 -8.76
CA MET C 57 -10.35 33.46 -7.46
C MET C 57 -9.41 34.34 -6.65
N ASP C 58 -9.25 34.00 -5.37
CA ASP C 58 -8.36 34.73 -4.48
C ASP C 58 -6.97 34.12 -4.41
N VAL C 59 -6.64 33.22 -5.33
CA VAL C 59 -5.35 32.53 -5.35
C VAL C 59 -4.95 32.32 -6.80
N PRO C 60 -3.65 32.16 -7.05
CA PRO C 60 -3.18 31.96 -8.42
C PRO C 60 -3.60 30.60 -8.97
N VAL C 61 -3.81 30.57 -10.29
CA VAL C 61 -4.33 29.42 -11.01
C VAL C 61 -3.63 29.40 -12.37
N SER C 62 -3.64 28.23 -13.01
CA SER C 62 -3.05 28.12 -14.34
C SER C 62 -3.94 27.26 -15.23
N LEU C 63 -3.49 27.05 -16.45
CA LEU C 63 -4.22 26.25 -17.44
C LEU C 63 -3.17 25.59 -18.32
N HIS C 64 -2.93 24.31 -18.08
CA HIS C 64 -1.94 23.52 -18.80
C HIS C 64 -2.66 22.44 -19.60
N VAL C 65 -2.21 22.20 -20.82
CA VAL C 65 -2.89 21.25 -21.68
C VAL C 65 -1.94 20.09 -21.95
N HIS C 66 -2.52 18.98 -22.41
CA HIS C 66 -1.78 17.81 -22.85
C HIS C 66 -1.93 17.64 -24.35
N GLY C 67 -0.84 17.21 -25.00
CA GLY C 67 -0.91 16.74 -26.36
C GLY C 67 -0.94 17.83 -27.42
N LEU C 68 -1.52 18.98 -27.10
CA LEU C 68 -1.61 20.04 -28.10
C LEU C 68 -0.28 20.76 -28.24
N ASP C 69 -0.18 21.59 -29.28
CA ASP C 69 0.99 22.43 -29.53
C ASP C 69 0.80 23.78 -28.86
N TYR C 70 1.67 24.11 -27.90
CA TYR C 70 1.67 25.40 -27.25
C TYR C 70 3.11 25.89 -27.12
N GLU C 71 3.30 27.20 -27.13
CA GLU C 71 4.64 27.71 -26.84
C GLU C 71 4.91 27.62 -25.34
N ILE C 72 6.14 27.95 -24.94
CA ILE C 72 6.50 27.89 -23.53
C ILE C 72 5.76 28.94 -22.71
N SER C 73 5.34 30.03 -23.36
CA SER C 73 4.59 31.09 -22.68
C SER C 73 3.18 30.63 -22.29
N SER C 74 2.63 29.63 -22.97
CA SER C 74 1.36 29.03 -22.62
C SER C 74 1.51 27.73 -21.81
N ASP C 75 2.71 27.45 -21.30
CA ASP C 75 2.93 26.22 -20.54
C ASP C 75 1.95 26.11 -19.37
N GLY C 76 1.66 27.22 -18.71
CA GLY C 76 0.67 27.19 -17.65
C GLY C 76 1.24 26.76 -16.31
N THR C 77 2.47 27.19 -16.00
CA THR C 77 3.11 26.93 -14.72
C THR C 77 3.74 28.20 -14.18
N LYS C 78 3.90 28.25 -12.86
CA LYS C 78 4.60 29.37 -12.24
C LYS C 78 6.09 29.38 -12.61
N GLN C 79 6.63 28.22 -12.99
CA GLN C 79 8.03 28.12 -13.37
C GLN C 79 8.37 29.09 -14.50
N ASN C 80 7.51 29.16 -15.51
CA ASN C 80 7.68 30.05 -16.66
C ASN C 80 6.95 31.36 -16.46
N LYS C 81 6.38 31.57 -15.28
CA LYS C 81 5.52 32.71 -15.03
C LYS C 81 4.37 32.75 -16.01
N SER C 82 3.87 31.58 -16.42
CA SER C 82 2.68 31.48 -17.25
C SER C 82 1.44 31.15 -16.42
N HIS C 83 1.44 31.55 -15.16
CA HIS C 83 0.28 31.44 -14.30
C HIS C 83 -0.47 32.76 -14.28
N VAL C 84 -1.71 32.72 -13.80
CA VAL C 84 -2.57 33.90 -13.73
C VAL C 84 -2.82 34.22 -12.26
N GLU C 85 -2.53 35.46 -11.87
CA GLU C 85 -2.67 35.91 -10.51
C GLU C 85 -4.12 36.28 -10.24
N PRO C 86 -4.50 36.37 -8.97
CA PRO C 86 -5.93 36.52 -8.67
C PRO C 86 -6.49 37.76 -9.34
N GLY C 87 -7.66 37.61 -9.94
CA GLY C 87 -8.30 38.69 -10.65
C GLY C 87 -7.76 38.96 -12.03
N GLY C 88 -6.66 38.31 -12.42
CA GLY C 88 -5.97 38.64 -13.65
C GLY C 88 -6.46 37.83 -14.83
N THR C 89 -5.93 38.18 -16.00
CA THR C 89 -6.34 37.54 -17.25
C THR C 89 -5.11 37.22 -18.09
N ARG C 90 -5.20 36.15 -18.86
CA ARG C 90 -4.15 35.80 -19.82
C ARG C 90 -4.83 35.15 -21.01
N THR C 91 -4.12 35.11 -22.13
CA THR C 91 -4.58 34.40 -23.31
C THR C 91 -3.62 33.23 -23.54
N TYR C 92 -4.13 32.02 -23.32
CA TYR C 92 -3.38 30.81 -23.60
C TYR C 92 -3.73 30.38 -25.03
N THR C 93 -2.71 30.05 -25.82
CA THR C 93 -2.95 29.68 -27.21
C THR C 93 -2.49 28.25 -27.41
N TRP C 94 -3.42 27.39 -27.81
CA TRP C 94 -3.12 26.03 -28.23
C TRP C 94 -3.24 25.92 -29.75
N ARG C 95 -2.31 25.17 -30.35
CA ARG C 95 -2.37 24.85 -31.78
C ARG C 95 -2.41 23.34 -31.96
N THR C 96 -2.73 22.93 -33.19
CA THR C 96 -2.82 21.52 -33.57
C THR C 96 -2.35 21.37 -35.00
N HIS C 97 -1.85 20.18 -35.32
CA HIS C 97 -1.30 19.97 -36.65
C HIS C 97 -1.84 18.68 -37.25
N GLU C 98 -1.85 18.64 -38.56
CA GLU C 98 -2.16 17.42 -39.27
C GLU C 98 -0.94 16.51 -39.27
N PRO C 99 -1.14 15.22 -39.52
CA PRO C 99 0.01 14.35 -39.81
C PRO C 99 0.56 14.57 -41.21
N GLY C 100 1.82 14.22 -41.37
CA GLY C 100 2.47 14.31 -42.66
C GLY C 100 3.94 14.01 -42.47
N ARG C 101 4.64 13.87 -43.59
CA ARG C 101 6.03 13.44 -43.56
C ARG C 101 6.95 14.63 -43.36
N ARG C 102 7.95 14.46 -42.50
CA ARG C 102 8.97 15.47 -42.27
C ARG C 102 9.98 15.50 -43.42
N ALA C 103 10.78 16.57 -43.48
CA ALA C 103 11.94 16.58 -44.38
C ALA C 103 12.86 15.42 -44.08
N ASP C 104 13.09 15.13 -42.79
CA ASP C 104 14.01 14.03 -42.51
C ASP C 104 13.42 12.66 -42.90
N GLY C 105 12.21 12.60 -43.46
CA GLY C 105 11.66 11.38 -43.99
C GLY C 105 10.78 10.59 -43.04
N THR C 106 10.68 10.96 -41.76
CA THR C 106 9.83 10.20 -40.85
C THR C 106 8.41 10.75 -40.83
N TRP C 107 7.48 9.94 -40.33
CA TRP C 107 6.08 10.33 -40.24
C TRP C 107 5.84 11.12 -38.96
N ARG C 108 5.34 12.34 -39.08
CA ARG C 108 4.96 13.14 -37.92
C ARG C 108 3.47 12.90 -37.60
N ALA C 109 3.19 12.43 -36.39
CA ALA C 109 1.82 12.16 -36.01
C ALA C 109 1.06 13.47 -35.87
N GLY C 110 -0.23 13.42 -36.20
CA GLY C 110 -1.10 14.55 -35.97
C GLY C 110 -1.45 14.73 -34.50
N SER C 111 -2.12 15.84 -34.22
CA SER C 111 -2.54 16.17 -32.87
C SER C 111 -3.77 15.37 -32.40
N ALA C 112 -4.51 14.74 -33.31
CA ALA C 112 -5.78 14.09 -32.97
C ALA C 112 -5.64 13.10 -31.83
N GLY C 113 -6.58 13.17 -30.90
CA GLY C 113 -6.51 12.31 -29.73
C GLY C 113 -7.48 12.76 -28.68
N TYR C 114 -7.50 12.00 -27.58
CA TYR C 114 -8.34 12.29 -26.41
C TYR C 114 -7.45 12.86 -25.34
N TRP C 115 -7.53 14.17 -25.15
CA TRP C 115 -6.61 14.91 -24.31
C TRP C 115 -7.41 15.58 -23.20
N HIS C 116 -6.78 16.50 -22.46
CA HIS C 116 -7.39 17.14 -21.29
C HIS C 116 -6.51 18.31 -20.87
N TYR C 117 -7.03 19.15 -19.97
CA TYR C 117 -6.31 20.30 -19.45
C TYR C 117 -6.56 20.39 -17.96
N HIS C 118 -5.64 21.04 -17.25
CA HIS C 118 -5.77 21.06 -15.80
C HIS C 118 -4.88 22.15 -15.22
N ASP C 119 -5.14 22.45 -13.96
CA ASP C 119 -4.39 23.45 -13.22
C ASP C 119 -3.00 22.92 -12.87
N HIS C 120 -2.05 23.85 -12.74
CA HIS C 120 -0.69 23.51 -12.40
C HIS C 120 -0.09 24.29 -11.23
N VAL C 121 -0.86 25.13 -10.54
CA VAL C 121 -0.21 25.95 -9.52
C VAL C 121 -1.01 26.07 -8.22
N VAL C 122 -2.23 25.49 -8.15
CA VAL C 122 -2.98 25.59 -6.89
C VAL C 122 -2.48 24.56 -5.91
N GLY C 123 -2.27 24.99 -4.66
CA GLY C 123 -1.82 24.09 -3.62
C GLY C 123 -0.34 23.78 -3.70
N THR C 124 0.12 23.23 -4.83
CA THR C 124 1.54 23.03 -5.07
C THR C 124 1.85 23.39 -6.51
N GLU C 125 3.14 23.61 -6.78
CA GLU C 125 3.68 23.95 -8.13
C GLU C 125 3.46 22.85 -9.15
N HIS C 126 2.66 21.83 -8.85
CA HIS C 126 2.23 20.85 -9.82
C HIS C 126 0.71 20.71 -9.81
N GLY C 127 0.00 21.73 -9.33
CA GLY C 127 -1.45 21.77 -9.30
C GLY C 127 -2.12 20.68 -8.49
N THR C 128 -1.44 20.10 -7.50
CA THR C 128 -2.07 19.01 -6.73
C THR C 128 -3.37 19.46 -6.09
N GLY C 129 -3.38 20.65 -5.47
CA GLY C 129 -4.61 21.13 -4.86
C GLY C 129 -5.65 21.58 -5.87
N GLY C 130 -5.21 22.18 -6.99
CA GLY C 130 -6.15 22.56 -8.02
C GLY C 130 -6.84 21.36 -8.65
N ILE C 131 -6.08 20.35 -9.01
CA ILE C 131 -6.67 19.12 -9.53
C ILE C 131 -7.60 18.50 -8.50
N ARG C 132 -7.11 18.36 -7.26
CA ARG C 132 -7.97 17.79 -6.22
C ARG C 132 -9.28 18.56 -6.09
N ASN C 133 -9.27 19.84 -6.46
CA ASN C 133 -10.40 20.74 -6.24
C ASN C 133 -11.40 20.74 -7.38
N GLY C 134 -11.00 20.24 -8.56
CA GLY C 134 -11.92 20.10 -9.68
C GLY C 134 -11.39 20.66 -10.98
N LEU C 135 -10.18 21.24 -10.96
CA LEU C 135 -9.70 22.05 -12.08
C LEU C 135 -9.10 21.18 -13.19
N TYR C 136 -9.98 20.45 -13.87
CA TYR C 136 -9.64 19.61 -15.01
C TYR C 136 -10.81 19.60 -15.98
N GLY C 137 -10.52 19.39 -17.26
CA GLY C 137 -11.55 19.23 -18.28
C GLY C 137 -11.01 18.56 -19.53
N PRO C 138 -11.89 18.13 -20.43
CA PRO C 138 -11.45 17.36 -21.60
C PRO C 138 -11.20 18.23 -22.82
N VAL C 139 -10.34 17.71 -23.70
CA VAL C 139 -10.16 18.27 -25.04
C VAL C 139 -10.09 17.10 -26.01
N ILE C 140 -10.96 17.14 -27.03
CA ILE C 140 -10.91 16.22 -28.15
C ILE C 140 -10.43 16.98 -29.38
N VAL C 141 -9.54 16.34 -30.14
CA VAL C 141 -9.07 16.86 -31.41
C VAL C 141 -9.33 15.79 -32.47
N ARG C 142 -10.02 16.17 -33.54
CA ARG C 142 -10.43 15.22 -34.57
C ARG C 142 -9.53 15.29 -35.79
N ARG C 143 -9.37 14.14 -36.42
CA ARG C 143 -8.71 14.06 -37.71
C ARG C 143 -9.76 14.08 -38.81
N LYS C 144 -9.42 14.72 -39.93
CA LYS C 144 -10.28 14.73 -41.09
C LYS C 144 -10.73 13.31 -41.39
N GLY C 145 -12.04 13.11 -41.46
CA GLY C 145 -12.61 11.80 -41.70
C GLY C 145 -13.00 11.01 -40.46
N ASP C 146 -12.62 11.46 -39.26
CA ASP C 146 -13.15 10.78 -38.07
C ASP C 146 -14.67 10.75 -38.14
N VAL C 147 -15.26 9.68 -37.64
CA VAL C 147 -16.72 9.68 -37.56
C VAL C 147 -17.12 10.41 -36.28
N LEU C 148 -18.16 11.23 -36.38
CA LEU C 148 -18.65 12.03 -35.28
C LEU C 148 -19.69 11.27 -34.50
N PRO C 149 -19.90 11.61 -33.21
CA PRO C 149 -20.84 10.82 -32.37
C PRO C 149 -22.14 11.54 -32.08
N ASP C 150 -23.16 10.78 -31.67
CA ASP C 150 -24.41 11.41 -31.22
C ASP C 150 -24.29 12.02 -29.84
N ALA C 151 -23.34 11.57 -29.02
CA ALA C 151 -23.19 12.16 -27.70
C ALA C 151 -21.80 11.87 -27.18
N THR C 152 -21.24 12.83 -26.46
CA THR C 152 -19.95 12.66 -25.79
C THR C 152 -20.16 12.80 -24.29
N HIS C 153 -19.67 11.83 -23.54
CA HIS C 153 -19.74 11.85 -22.09
C HIS C 153 -18.33 11.75 -21.55
N THR C 154 -18.03 12.49 -20.49
CA THR C 154 -16.69 12.52 -19.91
C THR C 154 -16.72 11.93 -18.51
N ILE C 155 -15.76 11.07 -18.23
CA ILE C 155 -15.70 10.31 -17.01
C ILE C 155 -14.29 10.47 -16.46
N VAL C 156 -14.18 11.09 -15.29
CA VAL C 156 -12.88 11.46 -14.72
C VAL C 156 -12.71 10.78 -13.37
N PHE C 157 -11.75 9.86 -13.29
CA PHE C 157 -11.40 9.21 -12.02
C PHE C 157 -10.39 10.12 -11.30
N ASN C 158 -10.90 10.96 -10.39
CA ASN C 158 -10.06 11.86 -9.61
C ASN C 158 -9.95 11.28 -8.20
N ASP C 159 -8.77 10.74 -7.87
CA ASP C 159 -8.54 9.86 -6.73
C ASP C 159 -9.69 8.87 -6.58
N GLY C 160 -10.38 8.86 -5.45
CA GLY C 160 -11.44 7.88 -5.24
C GLY C 160 -12.85 8.30 -5.62
N THR C 161 -12.97 9.20 -6.59
CA THR C 161 -14.26 9.75 -7.01
C THR C 161 -14.35 9.77 -8.52
N ILE C 162 -15.59 9.83 -9.02
CA ILE C 162 -15.88 10.12 -10.41
C ILE C 162 -16.34 11.57 -10.47
N ASN C 163 -15.55 12.43 -11.11
CA ASN C 163 -15.93 13.82 -11.36
C ASN C 163 -16.20 14.57 -10.06
N ASN C 164 -15.45 14.23 -9.01
CA ASN C 164 -15.44 14.90 -7.72
C ASN C 164 -16.76 14.74 -6.98
N ARG C 165 -17.61 13.85 -7.43
CA ARG C 165 -18.89 13.58 -6.81
C ARG C 165 -18.73 12.76 -5.55
N PRO C 166 -19.74 12.74 -4.69
CA PRO C 166 -19.72 11.80 -3.57
C PRO C 166 -19.90 10.37 -4.05
N ALA C 167 -19.38 9.46 -3.23
CA ALA C 167 -19.48 8.04 -3.45
C ALA C 167 -20.92 7.61 -3.72
N HIS C 168 -21.08 6.66 -4.65
CA HIS C 168 -22.35 6.04 -4.97
C HIS C 168 -23.32 6.98 -5.68
N THR C 169 -22.89 8.18 -6.09
CA THR C 169 -23.77 9.08 -6.83
C THR C 169 -23.43 9.16 -8.31
N GLY C 170 -23.30 8.03 -9.01
CA GLY C 170 -23.00 8.05 -10.44
C GLY C 170 -21.76 8.84 -10.85
N PRO C 171 -21.85 9.62 -11.94
CA PRO C 171 -23.02 9.98 -12.75
C PRO C 171 -23.49 8.89 -13.69
N ASN C 172 -24.73 9.04 -14.11
CA ASN C 172 -25.34 8.19 -15.12
C ASN C 172 -25.42 8.94 -16.44
N PHE C 173 -25.39 8.18 -17.53
CA PHE C 173 -25.55 8.71 -18.87
C PHE C 173 -26.58 7.87 -19.58
N GLU C 174 -27.32 8.50 -20.48
CA GLU C 174 -28.43 7.89 -21.19
C GLU C 174 -28.16 7.86 -22.69
N ALA C 175 -28.63 6.81 -23.34
CA ALA C 175 -28.55 6.69 -24.78
C ALA C 175 -29.79 5.97 -25.26
N THR C 176 -29.89 5.77 -26.58
CA THR C 176 -30.88 4.90 -27.17
C THR C 176 -30.16 3.81 -27.95
N VAL C 177 -30.59 2.56 -27.78
CA VAL C 177 -30.07 1.44 -28.55
C VAL C 177 -29.85 1.91 -29.99
N GLY C 178 -28.64 1.69 -30.51
CA GLY C 178 -28.23 2.21 -31.80
C GLY C 178 -27.34 3.43 -31.72
N ASP C 179 -27.55 4.29 -30.71
CA ASP C 179 -26.78 5.52 -30.57
C ASP C 179 -25.29 5.23 -30.62
N ARG C 180 -24.54 6.12 -31.28
CA ARG C 180 -23.08 6.06 -31.33
C ARG C 180 -22.54 7.02 -30.28
N VAL C 181 -21.96 6.48 -29.20
CA VAL C 181 -21.62 7.22 -27.99
C VAL C 181 -20.12 7.35 -27.84
N GLU C 182 -19.65 8.56 -27.51
CA GLU C 182 -18.24 8.85 -27.28
C GLU C 182 -17.97 9.03 -25.79
N ILE C 183 -17.12 8.18 -25.23
CA ILE C 183 -16.68 8.28 -23.85
C ILE C 183 -15.28 8.87 -23.84
N VAL C 184 -15.04 9.87 -22.98
CA VAL C 184 -13.71 10.41 -22.72
C VAL C 184 -13.32 10.03 -21.30
N MET C 185 -12.16 9.42 -21.14
CA MET C 185 -11.74 8.84 -19.86
C MET C 185 -10.45 9.52 -19.42
N ILE C 186 -10.48 10.19 -18.28
CA ILE C 186 -9.32 10.89 -17.73
C ILE C 186 -9.07 10.39 -16.30
N THR C 187 -7.80 10.32 -15.91
CA THR C 187 -7.46 9.98 -14.53
C THR C 187 -6.55 11.03 -13.92
N HIS C 188 -6.81 11.39 -12.66
CA HIS C 188 -6.02 12.36 -11.91
C HIS C 188 -5.77 11.89 -10.48
N GLY C 189 -4.81 12.49 -9.81
CA GLY C 189 -4.64 12.23 -8.40
C GLY C 189 -3.48 11.33 -8.03
N GLU C 190 -3.67 10.45 -7.04
CA GLU C 190 -2.62 9.55 -6.57
C GLU C 190 -2.70 8.13 -7.10
N TYR C 191 -3.89 7.66 -7.50
CA TYR C 191 -4.16 6.23 -7.60
C TYR C 191 -4.21 5.77 -9.04
N TYR C 192 -3.94 4.48 -9.20
CA TYR C 192 -4.24 3.79 -10.44
C TYR C 192 -5.65 3.22 -10.32
N HIS C 193 -6.25 2.99 -11.49
CA HIS C 193 -7.60 2.49 -11.62
C HIS C 193 -7.66 1.56 -12.83
N THR C 194 -8.79 0.86 -12.95
CA THR C 194 -9.08 0.06 -14.13
C THR C 194 -10.53 0.33 -14.53
N PHE C 195 -10.71 1.03 -15.64
CA PHE C 195 -12.04 1.37 -16.12
C PHE C 195 -12.63 0.17 -16.88
N HIS C 196 -13.94 -0.01 -16.72
CA HIS C 196 -14.64 -1.20 -17.19
C HIS C 196 -16.08 -0.83 -17.45
N MET C 197 -16.63 -1.31 -18.57
CA MET C 197 -18.02 -1.08 -18.94
C MET C 197 -18.71 -2.44 -19.13
N HIS C 198 -19.89 -2.63 -18.55
CA HIS C 198 -20.63 -3.85 -18.89
C HIS C 198 -21.21 -3.75 -20.29
N GLY C 199 -21.34 -4.90 -20.95
CA GLY C 199 -21.99 -5.05 -22.22
C GLY C 199 -21.32 -4.40 -23.41
N HIS C 200 -20.18 -3.73 -23.25
CA HIS C 200 -19.57 -2.95 -24.33
C HIS C 200 -18.05 -3.12 -24.33
N HIS C 201 -17.45 -2.87 -25.50
CA HIS C 201 -16.04 -3.13 -25.71
C HIS C 201 -15.54 -2.15 -26.75
N TRP C 202 -14.22 -1.99 -26.80
CA TRP C 202 -13.67 -1.05 -27.77
C TRP C 202 -12.24 -1.46 -28.11
N ALA C 203 -11.65 -0.73 -29.05
CA ALA C 203 -10.29 -0.99 -29.50
C ALA C 203 -9.33 -0.03 -28.80
N ASP C 204 -8.24 -0.59 -28.29
CA ASP C 204 -7.19 0.15 -27.58
C ASP C 204 -6.27 0.81 -28.61
N ASN C 205 -6.79 1.86 -29.22
CA ASN C 205 -6.03 2.66 -30.20
C ASN C 205 -6.51 4.09 -30.07
N ARG C 206 -6.21 4.93 -31.07
CA ARG C 206 -6.60 6.34 -30.99
C ARG C 206 -8.10 6.49 -30.97
N THR C 207 -8.80 5.95 -31.97
CA THR C 207 -10.21 6.30 -32.14
C THR C 207 -11.15 5.45 -31.29
N GLY C 208 -10.69 4.39 -30.66
CA GLY C 208 -11.59 3.45 -30.06
C GLY C 208 -12.14 2.41 -31.01
N MET C 209 -11.97 2.58 -32.32
CA MET C 209 -12.39 1.57 -33.30
C MET C 209 -11.25 1.16 -34.22
N LEU C 210 -11.27 -0.10 -34.64
CA LEU C 210 -10.27 -0.59 -35.57
C LEU C 210 -10.45 0.06 -36.93
N THR C 211 -9.31 0.38 -37.57
CA THR C 211 -9.38 1.04 -38.87
C THR C 211 -9.94 0.11 -39.95
N GLY C 212 -9.93 -1.21 -39.73
CA GLY C 212 -10.31 -2.20 -40.73
C GLY C 212 -9.66 -3.53 -40.37
N PRO C 213 -9.68 -4.52 -41.25
CA PRO C 213 -9.13 -5.84 -40.86
C PRO C 213 -7.62 -5.87 -40.64
N ASP C 214 -6.89 -4.79 -40.85
CA ASP C 214 -5.44 -4.88 -40.64
C ASP C 214 -4.98 -4.18 -39.37
N ASP C 215 -5.89 -3.64 -38.59
CA ASP C 215 -5.56 -3.11 -37.30
C ASP C 215 -5.35 -4.26 -36.32
N PRO C 216 -4.17 -4.42 -35.75
CA PRO C 216 -3.99 -5.48 -34.74
C PRO C 216 -4.25 -5.05 -33.30
N SER C 217 -4.79 -3.86 -33.06
CA SER C 217 -4.91 -3.37 -31.69
C SER C 217 -5.75 -4.34 -30.84
N GLN C 218 -5.38 -4.50 -29.57
CA GLN C 218 -6.19 -5.34 -28.68
C GLN C 218 -7.61 -4.79 -28.58
N VAL C 219 -8.59 -5.67 -28.54
CA VAL C 219 -9.96 -5.28 -28.23
C VAL C 219 -10.22 -5.59 -26.77
N ILE C 220 -10.75 -4.63 -26.03
CA ILE C 220 -10.80 -4.71 -24.57
C ILE C 220 -12.12 -4.17 -24.03
N ASP C 221 -12.42 -4.56 -22.78
CA ASP C 221 -13.48 -3.87 -22.03
C ASP C 221 -12.98 -3.37 -20.70
N ASN C 222 -11.66 -3.20 -20.55
CA ASN C 222 -11.04 -2.96 -19.25
C ASN C 222 -9.66 -2.37 -19.47
N LYS C 223 -9.33 -1.30 -18.75
CA LYS C 223 -8.06 -0.64 -19.02
C LYS C 223 -7.44 -0.10 -17.75
N ILE C 224 -6.16 -0.38 -17.53
CA ILE C 224 -5.47 0.22 -16.40
C ILE C 224 -5.11 1.66 -16.77
N CYS C 225 -5.17 2.56 -15.79
CA CYS C 225 -4.92 3.97 -16.02
CA CYS C 225 -4.78 3.93 -16.05
C CYS C 225 -4.41 4.60 -14.73
N GLY C 226 -3.66 5.68 -14.87
CA GLY C 226 -3.13 6.41 -13.75
C GLY C 226 -3.15 7.90 -14.03
N PRO C 227 -2.69 8.68 -13.03
CA PRO C 227 -2.85 10.14 -13.07
C PRO C 227 -2.30 10.80 -14.32
N ALA C 228 -3.19 11.56 -14.96
CA ALA C 228 -3.00 12.31 -16.21
C ALA C 228 -3.04 11.41 -17.43
N ASN C 229 -3.49 10.16 -17.33
CA ASN C 229 -3.78 9.39 -18.52
C ASN C 229 -5.13 9.82 -19.07
N SER C 230 -5.24 9.84 -20.40
CA SER C 230 -6.49 10.14 -21.04
C SER C 230 -6.65 9.23 -22.26
N PHE C 231 -7.86 8.72 -22.45
CA PHE C 231 -8.17 8.04 -23.70
C PHE C 231 -9.67 8.18 -23.96
N GLY C 232 -10.09 7.74 -25.15
CA GLY C 232 -11.49 7.81 -25.50
C GLY C 232 -11.84 6.70 -26.46
N PHE C 233 -13.13 6.59 -26.78
CA PHE C 233 -13.61 5.55 -27.68
C PHE C 233 -15.07 5.82 -28.02
N GLN C 234 -15.52 5.20 -29.10
CA GLN C 234 -16.91 5.27 -29.51
C GLN C 234 -17.48 3.87 -29.50
N ILE C 235 -18.68 3.71 -28.94
CA ILE C 235 -19.40 2.45 -28.97
C ILE C 235 -20.74 2.69 -29.64
N ILE C 236 -21.30 1.62 -30.21
CA ILE C 236 -22.69 1.60 -30.63
C ILE C 236 -23.50 1.03 -29.46
N ALA C 237 -24.30 1.89 -28.83
CA ALA C 237 -25.04 1.51 -27.62
C ALA C 237 -25.86 0.27 -27.88
N GLY C 238 -25.66 -0.75 -27.04
CA GLY C 238 -26.43 -1.96 -27.14
C GLY C 238 -25.98 -2.92 -28.20
N GLU C 239 -25.05 -2.51 -29.07
CA GLU C 239 -24.61 -3.35 -30.19
C GLU C 239 -24.37 -4.78 -29.74
N GLY C 240 -25.16 -5.69 -30.29
CA GLY C 240 -25.08 -7.09 -29.92
C GLY C 240 -25.59 -7.44 -28.54
N VAL C 241 -26.01 -6.47 -27.74
CA VAL C 241 -26.42 -6.77 -26.37
C VAL C 241 -27.81 -6.23 -26.03
N GLY C 242 -28.34 -5.23 -26.76
CA GLY C 242 -29.70 -4.77 -26.55
C GLY C 242 -29.77 -3.74 -25.43
N ALA C 243 -30.97 -3.46 -24.96
CA ALA C 243 -31.14 -2.42 -23.96
C ALA C 243 -30.84 -2.94 -22.55
N GLY C 244 -30.81 -2.01 -21.61
CA GLY C 244 -30.51 -2.29 -20.22
C GLY C 244 -29.75 -1.19 -19.51
N ALA C 245 -29.73 -1.22 -18.18
CA ALA C 245 -28.89 -0.35 -17.39
C ALA C 245 -27.52 -1.00 -17.28
N TRP C 246 -26.58 -0.56 -18.12
CA TRP C 246 -25.26 -1.16 -18.19
C TRP C 246 -24.27 -0.41 -17.30
N MET C 247 -23.75 -1.12 -16.30
CA MET C 247 -22.82 -0.56 -15.32
C MET C 247 -21.48 -0.18 -15.95
N TYR C 248 -20.88 0.91 -15.46
CA TYR C 248 -19.45 1.11 -15.60
C TYR C 248 -18.88 1.36 -14.20
N HIS C 249 -17.59 1.09 -14.03
CA HIS C 249 -16.94 1.33 -12.74
C HIS C 249 -15.46 1.08 -12.87
N CYS C 250 -14.71 1.63 -11.92
CA CYS C 250 -13.36 1.13 -11.70
C CYS C 250 -13.46 -0.29 -11.15
N HIS C 251 -12.62 -1.19 -11.66
CA HIS C 251 -12.79 -2.58 -11.28
C HIS C 251 -11.93 -2.99 -10.11
N VAL C 252 -11.04 -2.08 -9.64
CA VAL C 252 -10.35 -2.24 -8.36
C VAL C 252 -11.42 -2.40 -7.28
N GLN C 253 -11.38 -3.52 -6.58
CA GLN C 253 -12.56 -4.00 -5.87
C GLN C 253 -13.04 -3.01 -4.80
N SER C 254 -12.12 -2.47 -4.00
CA SER C 254 -12.53 -1.51 -2.98
C SER C 254 -13.01 -0.19 -3.61
N HIS C 255 -12.56 0.12 -4.83
CA HIS C 255 -13.09 1.33 -5.47
C HIS C 255 -14.53 1.14 -5.91
N SER C 256 -14.84 0.00 -6.54
CA SER C 256 -16.23 -0.22 -6.91
C SER C 256 -17.09 -0.36 -5.67
N ASP C 257 -16.56 -1.03 -4.64
CA ASP C 257 -17.33 -1.20 -3.41
C ASP C 257 -17.62 0.12 -2.73
N MET C 258 -16.67 1.08 -2.75
CA MET C 258 -16.89 2.34 -2.06
C MET C 258 -17.52 3.41 -2.94
N GLY C 259 -17.96 3.07 -4.14
CA GLY C 259 -18.86 3.96 -4.86
C GLY C 259 -18.34 4.50 -6.18
N MET C 260 -17.20 4.06 -6.69
CA MET C 260 -16.75 4.47 -8.02
C MET C 260 -17.51 3.69 -9.10
N VAL C 261 -18.82 3.90 -9.13
N VAL C 261 -18.82 3.91 -9.13
CA VAL C 261 -19.70 3.17 -10.03
CA VAL C 261 -19.74 3.17 -9.97
C VAL C 261 -20.73 4.13 -10.61
C VAL C 261 -20.72 4.14 -10.60
N GLY C 262 -21.26 3.76 -11.77
CA GLY C 262 -22.29 4.54 -12.45
C GLY C 262 -22.93 3.69 -13.54
N LEU C 263 -24.02 4.22 -14.14
CA LEU C 263 -24.85 3.46 -15.05
C LEU C 263 -24.90 4.09 -16.44
N PHE C 264 -24.86 3.25 -17.47
CA PHE C 264 -25.04 3.65 -18.87
C PHE C 264 -26.40 3.12 -19.29
N LEU C 265 -27.41 4.00 -19.29
CA LEU C 265 -28.80 3.59 -19.45
C LEU C 265 -29.12 3.57 -20.93
N VAL C 266 -29.25 2.38 -21.50
CA VAL C 266 -29.51 2.19 -22.91
C VAL C 266 -31.00 1.87 -23.06
N LYS C 267 -31.73 2.73 -23.77
CA LYS C 267 -33.18 2.62 -23.83
C LYS C 267 -33.60 1.96 -25.13
N LYS C 268 -34.66 1.14 -25.05
CA LYS C 268 -35.43 0.67 -26.20
C LYS C 268 -35.93 1.89 -26.95
N PRO C 269 -36.19 1.80 -28.27
CA PRO C 269 -36.68 2.99 -28.99
C PRO C 269 -37.89 3.63 -28.35
N ASP C 270 -38.68 2.86 -27.58
CA ASP C 270 -39.92 3.26 -26.93
C ASP C 270 -39.69 4.01 -25.61
N GLY C 271 -38.44 4.17 -25.18
CA GLY C 271 -38.10 4.93 -23.99
C GLY C 271 -37.68 4.08 -22.80
N THR C 272 -38.16 2.84 -22.73
CA THR C 272 -38.01 2.00 -21.55
C THR C 272 -36.66 1.32 -21.48
N ILE C 273 -36.29 0.96 -20.25
CA ILE C 273 -35.10 0.21 -19.93
C ILE C 273 -35.53 -1.09 -19.27
N PRO C 274 -35.46 -2.22 -19.97
CA PRO C 274 -35.83 -3.48 -19.35
C PRO C 274 -34.94 -3.78 -18.14
N GLY C 275 -35.58 -4.09 -17.02
CA GLY C 275 -34.87 -4.57 -15.86
C GLY C 275 -34.31 -3.51 -14.95
N TYR C 276 -34.76 -2.26 -15.08
CA TYR C 276 -34.21 -1.12 -14.34
C TYR C 276 -35.26 -0.57 -13.35
N GLY D 2 20.58 15.75 38.93
CA GLY D 2 19.57 16.79 38.81
C GLY D 2 18.16 16.29 38.59
N ALA D 3 17.18 17.05 39.09
CA ALA D 3 15.76 16.71 38.98
C ALA D 3 14.96 17.93 38.57
N ALA D 4 13.90 17.69 37.79
CA ALA D 4 13.10 18.78 37.24
C ALA D 4 12.39 19.55 38.35
N PRO D 5 12.44 20.89 38.31
CA PRO D 5 11.75 21.69 39.30
C PRO D 5 10.29 21.88 38.93
N ALA D 6 9.55 22.50 39.83
CA ALA D 6 8.22 22.92 39.44
C ALA D 6 8.31 24.10 38.46
N GLY D 7 7.24 24.27 37.69
CA GLY D 7 7.21 25.30 36.67
C GLY D 7 6.20 26.41 36.93
N GLY D 8 5.98 27.24 35.91
CA GLY D 8 5.10 28.39 36.05
C GLY D 8 5.73 29.64 35.50
N GLU D 9 6.82 29.47 34.75
CA GLU D 9 7.55 30.58 34.16
C GLU D 9 7.04 30.89 32.77
N VAL D 10 6.98 32.18 32.45
CA VAL D 10 6.70 32.63 31.09
C VAL D 10 8.03 32.74 30.36
N ARG D 11 8.13 32.06 29.21
CA ARG D 11 9.34 32.06 28.40
C ARG D 11 9.04 32.66 27.03
N ARG D 12 10.07 33.23 26.41
CA ARG D 12 9.99 33.69 25.03
C ARG D 12 11.21 33.19 24.28
N VAL D 13 10.99 32.71 23.06
CA VAL D 13 12.05 32.34 22.13
C VAL D 13 11.61 32.77 20.74
N THR D 14 12.59 33.11 19.89
CA THR D 14 12.33 33.36 18.49
C THR D 14 12.58 32.09 17.68
N MET D 15 11.72 31.83 16.70
CA MET D 15 11.97 30.69 15.82
C MET D 15 11.54 31.04 14.41
N TYR D 16 12.33 30.59 13.42
CA TYR D 16 12.19 30.95 12.02
C TYR D 16 12.03 29.69 11.17
N ALA D 17 11.24 29.80 10.12
CA ALA D 17 11.22 28.82 9.04
C ALA D 17 12.15 29.28 7.94
N GLU D 18 13.08 28.43 7.52
CA GLU D 18 13.96 28.78 6.41
C GLU D 18 14.06 27.59 5.46
N ARG D 19 14.16 27.90 4.18
CA ARG D 19 14.49 26.85 3.22
C ARG D 19 15.90 26.35 3.44
N LEU D 20 16.09 25.05 3.27
CA LEU D 20 17.40 24.40 3.31
C LEU D 20 17.69 23.78 1.95
N ALA D 21 18.87 23.17 1.83
CA ALA D 21 19.35 22.68 0.55
C ALA D 21 18.45 21.55 0.04
N GLY D 22 18.51 21.33 -1.27
CA GLY D 22 17.78 20.22 -1.87
C GLY D 22 16.27 20.28 -1.76
N GLY D 23 15.70 21.47 -1.61
CA GLY D 23 14.26 21.65 -1.54
C GLY D 23 13.66 21.53 -0.17
N GLN D 24 14.49 21.47 0.87
CA GLN D 24 14.07 21.18 2.24
C GLN D 24 13.70 22.47 2.98
N MET D 25 13.46 22.34 4.28
CA MET D 25 12.73 23.34 5.03
C MET D 25 12.91 23.02 6.52
N GLY D 26 13.44 23.94 7.30
CA GLY D 26 13.76 23.66 8.69
C GLY D 26 13.40 24.83 9.59
N TYR D 27 13.19 24.51 10.86
CA TYR D 27 13.03 25.52 11.90
C TYR D 27 14.36 25.75 12.62
N GLY D 28 14.57 26.99 13.06
CA GLY D 28 15.75 27.32 13.84
C GLY D 28 15.38 28.29 14.94
N LEU D 29 16.33 28.48 15.87
CA LEU D 29 16.14 29.49 16.92
C LEU D 29 16.85 30.80 16.61
N GLU D 30 17.75 30.81 15.62
CA GLU D 30 18.37 32.02 15.11
C GLU D 30 18.37 31.97 13.59
N LYS D 31 18.53 33.15 12.96
CA LYS D 31 18.48 33.20 11.51
C LYS D 31 19.70 32.50 10.92
N GLY D 32 19.49 31.83 9.79
CA GLY D 32 20.53 31.13 9.08
C GLY D 32 20.99 29.82 9.70
N LYS D 33 20.43 29.42 10.83
CA LYS D 33 20.97 28.33 11.63
C LYS D 33 19.87 27.31 11.92
N ALA D 34 19.09 26.95 10.90
CA ALA D 34 17.99 26.00 11.05
C ALA D 34 18.49 24.57 10.95
N SER D 35 17.67 23.64 11.42
CA SER D 35 18.10 22.27 11.59
C SER D 35 16.92 21.33 11.38
N ILE D 36 17.22 20.15 10.84
CA ILE D 36 16.27 19.06 10.80
C ILE D 36 16.88 17.95 11.64
N PRO D 37 16.28 17.58 12.79
CA PRO D 37 15.02 18.12 13.34
C PRO D 37 15.15 19.54 13.87
N GLY D 38 14.03 20.24 14.07
CA GLY D 38 14.05 21.58 14.66
C GLY D 38 14.59 21.58 16.07
N PRO D 39 14.76 22.76 16.66
CA PRO D 39 15.39 22.83 17.98
C PRO D 39 14.59 22.11 19.05
N LEU D 40 15.32 21.66 20.08
CA LEU D 40 14.70 20.98 21.22
C LEU D 40 14.06 22.01 22.15
N ILE D 41 12.76 21.86 22.41
CA ILE D 41 12.08 22.71 23.39
C ILE D 41 11.91 21.91 24.66
N GLU D 42 12.37 22.46 25.78
CA GLU D 42 12.13 21.87 27.10
C GLU D 42 11.42 22.87 27.99
N LEU D 43 10.39 22.40 28.67
CA LEU D 43 9.57 23.20 29.56
C LEU D 43 9.18 22.36 30.76
N ASN D 44 8.92 23.05 31.88
CA ASN D 44 8.45 22.42 33.11
C ASN D 44 6.94 22.62 33.21
N GLU D 45 6.22 21.58 33.63
CA GLU D 45 4.76 21.66 33.71
C GLU D 45 4.36 22.94 34.42
N GLY D 46 3.56 23.78 33.74
CA GLY D 46 3.19 25.09 34.21
C GLY D 46 3.76 26.24 33.41
N ASP D 47 4.89 26.04 32.72
CA ASP D 47 5.49 27.13 31.96
C ASP D 47 4.59 27.55 30.81
N THR D 48 4.83 28.77 30.33
CA THR D 48 4.27 29.27 29.08
C THR D 48 5.42 29.52 28.13
N LEU D 49 5.17 29.29 26.84
CA LEU D 49 6.14 29.62 25.80
C LEU D 49 5.52 30.60 24.82
N HIS D 50 6.22 31.68 24.55
CA HIS D 50 5.89 32.56 23.42
C HIS D 50 6.93 32.33 22.35
N VAL D 51 6.47 31.89 21.17
CA VAL D 51 7.33 31.66 20.02
C VAL D 51 7.12 32.84 19.08
N GLU D 52 8.06 33.79 19.12
CA GLU D 52 8.11 34.89 18.16
C GLU D 52 8.58 34.31 16.85
N PHE D 53 7.63 34.06 15.95
CA PHE D 53 7.86 33.28 14.74
C PHE D 53 7.99 34.21 13.53
N GLU D 54 9.02 34.00 12.72
CA GLU D 54 9.16 34.72 11.46
C GLU D 54 9.26 33.72 10.32
N ASN D 55 8.50 33.95 9.25
CA ASN D 55 8.52 33.06 8.08
C ASN D 55 9.45 33.67 7.03
N THR D 56 10.75 33.33 7.11
CA THR D 56 11.69 33.87 6.09
C THR D 56 11.53 33.21 4.73
N MET D 57 10.57 32.31 4.58
CA MET D 57 10.38 31.57 3.34
C MET D 57 9.54 32.40 2.36
N ASP D 58 9.30 31.83 1.18
CA ASP D 58 8.42 32.48 0.23
C ASP D 58 7.05 31.83 0.13
N VAL D 59 6.84 30.69 0.81
CA VAL D 59 5.54 30.02 0.86
C VAL D 59 4.97 30.15 2.27
N PRO D 60 3.65 30.05 2.45
CA PRO D 60 3.10 30.01 3.80
C PRO D 60 3.59 28.80 4.58
N VAL D 61 3.77 29.00 5.89
CA VAL D 61 4.19 27.94 6.82
C VAL D 61 3.43 28.14 8.11
N SER D 62 3.45 27.12 8.96
CA SER D 62 2.69 27.15 10.20
C SER D 62 3.40 26.34 11.28
N LEU D 63 2.91 26.50 12.53
CA LEU D 63 3.48 25.84 13.70
C LEU D 63 2.36 25.19 14.50
N HIS D 64 2.35 23.87 14.57
CA HIS D 64 1.29 23.13 15.25
C HIS D 64 1.95 22.15 16.20
N VAL D 65 1.61 22.23 17.48
CA VAL D 65 2.23 21.41 18.50
C VAL D 65 1.23 20.35 18.93
N HIS D 66 1.76 19.23 19.41
CA HIS D 66 0.97 18.15 19.98
C HIS D 66 0.98 18.22 21.50
N GLY D 67 -0.15 17.87 22.10
CA GLY D 67 -0.11 17.70 23.55
C GLY D 67 -0.24 18.91 24.45
N LEU D 68 0.47 19.99 24.15
CA LEU D 68 0.45 21.17 25.01
C LEU D 68 -0.90 21.87 24.90
N ASP D 69 -1.11 22.93 25.67
CA ASP D 69 -2.37 23.66 25.61
C ASP D 69 -2.24 24.87 24.68
N TYR D 70 -3.20 25.05 23.78
CA TYR D 70 -3.15 26.19 22.88
C TYR D 70 -4.58 26.56 22.51
N GLU D 71 -4.88 27.86 22.56
CA GLU D 71 -6.14 28.32 21.99
C GLU D 71 -6.11 28.12 20.47
N ILE D 72 -7.30 28.18 19.88
CA ILE D 72 -7.46 27.94 18.46
C ILE D 72 -6.60 28.89 17.63
N SER D 73 -6.24 30.05 18.20
CA SER D 73 -5.35 31.04 17.58
C SER D 73 -3.92 30.53 17.41
N SER D 74 -3.53 29.46 18.11
CA SER D 74 -2.21 28.87 17.93
C SER D 74 -2.33 27.43 17.44
N ASP D 75 -3.50 27.06 16.90
CA ASP D 75 -3.65 25.78 16.22
C ASP D 75 -2.58 25.63 15.14
N GLY D 76 -2.42 26.67 14.31
CA GLY D 76 -1.41 26.66 13.27
C GLY D 76 -1.89 26.02 12.00
N THR D 77 -3.14 26.26 11.65
CA THR D 77 -3.74 25.68 10.47
C THR D 77 -4.29 26.77 9.57
N LYS D 78 -4.35 26.49 8.26
CA LYS D 78 -5.03 27.45 7.37
C LYS D 78 -6.51 27.54 7.70
N GLN D 79 -7.12 26.43 8.01
CA GLN D 79 -8.53 26.32 8.32
C GLN D 79 -8.90 27.09 9.60
N ASN D 80 -7.95 27.86 10.13
CA ASN D 80 -8.13 28.61 11.36
C ASN D 80 -7.32 29.90 11.35
N LYS D 81 -6.88 30.33 10.15
CA LYS D 81 -6.09 31.54 9.90
C LYS D 81 -4.97 31.73 10.92
N SER D 82 -4.41 30.62 11.43
CA SER D 82 -3.31 30.66 12.39
C SER D 82 -1.98 30.28 11.75
N HIS D 83 -1.88 30.38 10.42
CA HIS D 83 -0.64 30.18 9.71
C HIS D 83 0.04 31.53 9.50
N VAL D 84 1.22 31.53 8.89
CA VAL D 84 2.01 32.76 8.72
C VAL D 84 2.35 32.96 7.26
N GLU D 85 1.81 34.02 6.66
CA GLU D 85 2.07 34.30 5.26
C GLU D 85 3.57 34.54 5.02
N PRO D 86 4.07 34.22 3.82
CA PRO D 86 5.48 34.45 3.48
C PRO D 86 6.05 35.78 3.98
N GLY D 87 7.19 35.76 4.64
CA GLY D 87 7.76 36.97 5.18
C GLY D 87 7.03 37.55 6.36
N GLY D 88 5.87 37.00 6.75
CA GLY D 88 5.13 37.50 7.89
C GLY D 88 5.67 36.99 9.21
N THR D 89 5.12 37.54 10.28
CA THR D 89 5.43 37.07 11.62
C THR D 89 4.13 36.77 12.34
N ARG D 90 4.26 36.18 13.53
CA ARG D 90 3.13 35.87 14.42
C ARG D 90 3.72 35.23 15.67
N THR D 91 3.09 35.41 16.83
CA THR D 91 3.54 34.76 18.06
C THR D 91 2.60 33.60 18.39
N TYR D 92 3.15 32.40 18.44
CA TYR D 92 2.43 31.22 18.88
C TYR D 92 2.62 31.09 20.38
N THR D 93 1.53 30.81 21.08
CA THR D 93 1.60 30.68 22.54
C THR D 93 1.20 29.27 22.93
N TRP D 94 2.14 28.56 23.57
CA TRP D 94 1.92 27.24 24.13
C TRP D 94 1.83 27.35 25.65
N ARG D 95 0.84 26.71 26.23
CA ARG D 95 0.70 26.62 27.68
C ARG D 95 0.80 25.17 28.11
N THR D 96 1.26 24.96 29.35
CA THR D 96 1.34 23.66 29.98
C THR D 96 0.79 23.73 31.41
N HIS D 97 0.22 22.61 31.89
CA HIS D 97 -0.36 22.58 33.23
C HIS D 97 0.12 21.35 34.00
N GLU D 98 -0.01 21.43 35.35
CA GLU D 98 0.28 20.38 36.32
C GLU D 98 -0.92 19.45 36.48
N PRO D 99 -0.68 18.21 36.90
CA PRO D 99 -1.81 17.33 37.25
C PRO D 99 -2.54 17.89 38.45
N GLY D 100 -3.74 17.39 38.68
CA GLY D 100 -4.52 17.87 39.82
C GLY D 100 -5.92 17.32 39.80
N ARG D 101 -6.61 17.54 40.92
CA ARG D 101 -7.99 17.10 41.09
C ARG D 101 -8.97 18.15 40.57
N ARG D 102 -9.82 17.75 39.63
CA ARG D 102 -10.82 18.65 39.06
C ARG D 102 -11.94 18.92 40.07
N ALA D 103 -12.97 19.62 39.60
CA ALA D 103 -14.15 19.85 40.44
C ALA D 103 -15.03 18.60 40.52
N ASP D 104 -15.38 18.00 39.37
CA ASP D 104 -16.26 16.84 39.39
C ASP D 104 -15.59 15.62 40.02
N GLY D 105 -14.48 15.84 40.74
CA GLY D 105 -13.83 14.81 41.52
C GLY D 105 -12.77 14.00 40.79
N THR D 106 -12.62 14.18 39.49
CA THR D 106 -11.70 13.37 38.71
C THR D 106 -10.29 13.97 38.71
N TRP D 107 -9.35 13.21 38.21
CA TRP D 107 -7.94 13.59 38.17
C TRP D 107 -7.58 14.06 36.76
N ARG D 108 -7.26 15.35 36.63
CA ARG D 108 -6.85 15.89 35.35
C ARG D 108 -5.39 15.58 35.13
N ALA D 109 -5.10 14.95 33.99
CA ALA D 109 -3.72 14.67 33.66
C ALA D 109 -2.99 15.98 33.38
N GLY D 110 -1.76 16.08 33.87
CA GLY D 110 -0.92 17.21 33.57
C GLY D 110 -0.31 17.12 32.16
N SER D 111 0.44 18.16 31.81
CA SER D 111 0.95 18.27 30.45
C SER D 111 2.17 17.40 30.17
N ALA D 112 2.88 16.90 31.18
CA ALA D 112 4.21 16.34 30.94
C ALA D 112 4.19 15.22 29.91
N GLY D 113 5.24 15.17 29.11
CA GLY D 113 5.33 14.11 28.12
C GLY D 113 6.26 14.50 27.00
N TYR D 114 6.45 13.54 26.10
CA TYR D 114 7.30 13.71 24.92
C TYR D 114 6.40 14.12 23.76
N TRP D 115 6.52 15.37 23.32
CA TRP D 115 5.62 15.95 22.34
C TRP D 115 6.43 16.44 21.13
N HIS D 116 5.77 17.17 20.24
CA HIS D 116 6.45 17.60 19.03
C HIS D 116 5.59 18.63 18.32
N TYR D 117 6.25 19.40 17.46
CA TYR D 117 5.63 20.41 16.63
C TYR D 117 6.08 20.16 15.20
N HIS D 118 5.23 20.55 14.25
CA HIS D 118 5.52 20.42 12.83
C HIS D 118 4.63 21.41 12.09
N ASP D 119 4.98 21.66 10.83
CA ASP D 119 4.17 22.51 9.96
C ASP D 119 2.83 21.85 9.65
N HIS D 120 1.87 22.68 9.22
CA HIS D 120 0.51 22.24 8.93
C HIS D 120 -0.12 22.89 7.68
N VAL D 121 0.65 23.61 6.85
CA VAL D 121 0.09 24.22 5.64
C VAL D 121 1.00 24.16 4.41
N VAL D 122 2.19 23.58 4.50
CA VAL D 122 3.07 23.50 3.34
C VAL D 122 2.72 22.24 2.55
N GLY D 123 2.37 22.43 1.29
CA GLY D 123 2.01 21.35 0.38
C GLY D 123 0.53 21.04 0.38
N THR D 124 -0.02 20.82 1.56
CA THR D 124 -1.43 20.45 1.72
C THR D 124 -1.89 21.11 3.01
N GLU D 125 -3.21 21.22 3.18
CA GLU D 125 -3.79 21.80 4.39
C GLU D 125 -3.48 20.97 5.64
N HIS D 126 -2.73 19.89 5.48
CA HIS D 126 -2.30 19.04 6.59
C HIS D 126 -0.79 19.02 6.79
N GLY D 127 -0.04 19.87 6.08
CA GLY D 127 1.40 19.91 6.27
C GLY D 127 2.17 18.79 5.60
N THR D 128 1.56 18.08 4.64
CA THR D 128 2.21 16.90 4.09
C THR D 128 3.52 17.25 3.40
N GLY D 129 3.51 18.31 2.57
CA GLY D 129 4.74 18.81 1.99
C GLY D 129 5.72 19.34 3.04
N GLY D 130 5.21 20.11 4.00
CA GLY D 130 6.07 20.67 5.04
C GLY D 130 6.83 19.62 5.83
N ILE D 131 6.11 18.59 6.30
CA ILE D 131 6.73 17.58 7.15
C ILE D 131 7.75 16.77 6.36
N ARG D 132 7.41 16.41 5.12
CA ARG D 132 8.35 15.79 4.20
C ARG D 132 9.61 16.65 4.05
N ASN D 133 9.43 17.97 3.94
CA ASN D 133 10.56 18.86 3.71
C ASN D 133 11.48 18.97 4.92
N GLY D 134 11.02 18.61 6.11
CA GLY D 134 11.84 18.66 7.32
C GLY D 134 11.31 19.55 8.43
N LEU D 135 10.12 20.14 8.30
CA LEU D 135 9.56 21.05 9.30
C LEU D 135 8.92 20.25 10.44
N TYR D 136 9.73 19.85 11.42
CA TYR D 136 9.28 19.08 12.57
C TYR D 136 10.37 19.11 13.64
N GLY D 137 9.96 18.97 14.91
CA GLY D 137 10.90 19.06 16.03
C GLY D 137 10.28 18.67 17.36
N PRO D 138 11.13 18.32 18.35
CA PRO D 138 10.63 17.73 19.58
C PRO D 138 10.44 18.74 20.71
N VAL D 139 9.37 18.52 21.48
CA VAL D 139 9.13 19.25 22.72
C VAL D 139 9.15 18.24 23.86
N ILE D 140 9.88 18.57 24.93
CA ILE D 140 9.89 17.79 26.16
C ILE D 140 9.29 18.63 27.27
N VAL D 141 8.29 18.08 27.97
CA VAL D 141 7.70 18.73 29.14
C VAL D 141 7.94 17.83 30.33
N ARG D 142 8.65 18.34 31.34
CA ARG D 142 9.01 17.56 32.51
C ARG D 142 8.05 17.85 33.66
N ARG D 143 8.02 16.92 34.60
CA ARG D 143 7.22 17.03 35.80
C ARG D 143 8.15 17.24 36.99
N LYS D 144 7.66 17.96 37.99
CA LYS D 144 8.36 18.08 39.24
C LYS D 144 8.91 16.74 39.70
N GLY D 145 10.20 16.69 39.99
CA GLY D 145 10.81 15.47 40.43
C GLY D 145 11.34 14.56 39.34
N ASP D 146 11.02 14.81 38.06
CA ASP D 146 11.52 13.94 37.00
C ASP D 146 13.05 14.00 36.93
N VAL D 147 13.69 12.85 36.72
CA VAL D 147 15.15 12.81 36.68
C VAL D 147 15.64 13.51 35.42
N LEU D 148 16.65 14.39 35.57
CA LEU D 148 17.14 15.02 34.36
C LEU D 148 18.28 14.21 33.77
N PRO D 149 18.38 14.13 32.44
CA PRO D 149 19.35 13.25 31.81
C PRO D 149 20.66 13.99 31.60
N ASP D 150 21.68 13.21 31.27
CA ASP D 150 22.97 13.78 30.87
C ASP D 150 22.94 14.30 29.44
N ALA D 151 22.27 13.58 28.54
CA ALA D 151 22.21 13.97 27.13
C ALA D 151 20.83 13.63 26.58
N THR D 152 20.44 14.34 25.54
CA THR D 152 19.15 14.09 24.89
C THR D 152 19.35 14.00 23.37
N HIS D 153 19.00 12.85 22.78
CA HIS D 153 19.11 12.66 21.33
C HIS D 153 17.74 12.39 20.74
N THR D 154 17.44 13.04 19.62
CA THR D 154 16.13 12.95 18.99
C THR D 154 16.23 12.21 17.66
N ILE D 155 15.42 11.16 17.52
CA ILE D 155 15.41 10.30 16.35
C ILE D 155 14.02 10.41 15.69
N VAL D 156 13.97 10.83 14.43
CA VAL D 156 12.67 10.96 13.77
C VAL D 156 12.66 10.08 12.55
N PHE D 157 11.74 9.09 12.54
CA PHE D 157 11.49 8.26 11.37
C PHE D 157 10.47 8.99 10.49
N ASN D 158 10.96 9.60 9.41
CA ASN D 158 10.15 10.41 8.51
C ASN D 158 10.10 9.64 7.18
N ASP D 159 8.96 8.99 6.92
CA ASP D 159 8.84 8.12 5.76
C ASP D 159 9.91 7.04 5.78
N GLY D 160 10.85 7.09 4.85
CA GLY D 160 11.92 6.11 4.78
C GLY D 160 13.26 6.59 5.28
N THR D 161 13.31 7.74 5.97
CA THR D 161 14.55 8.34 6.42
C THR D 161 14.52 8.56 7.93
N ILE D 162 15.72 8.77 8.47
CA ILE D 162 15.93 9.19 9.85
C ILE D 162 16.40 10.63 9.82
N ASN D 163 15.56 11.54 10.31
CA ASN D 163 15.89 12.97 10.39
C ASN D 163 16.25 13.57 9.04
N ASN D 164 15.61 13.07 7.97
CA ASN D 164 15.79 13.56 6.60
C ASN D 164 17.22 13.37 6.08
N ARG D 165 18.03 12.50 6.73
CA ARG D 165 19.38 12.16 6.32
C ARG D 165 19.36 11.21 5.13
N PRO D 166 20.34 11.31 4.24
CA PRO D 166 20.49 10.31 3.18
C PRO D 166 20.67 8.91 3.78
N ALA D 167 20.20 7.90 3.04
CA ALA D 167 20.18 6.55 3.59
C ALA D 167 21.59 6.09 3.97
N HIS D 168 21.65 5.30 5.04
CA HIS D 168 22.91 4.72 5.53
C HIS D 168 23.89 5.81 5.96
N THR D 169 23.39 6.88 6.57
CA THR D 169 24.24 7.90 7.17
C THR D 169 23.81 8.21 8.59
N GLY D 170 23.28 7.22 9.31
CA GLY D 170 23.02 7.35 10.72
C GLY D 170 21.73 8.09 11.03
N PRO D 171 21.79 9.03 11.99
CA PRO D 171 22.98 9.51 12.70
C PRO D 171 23.45 8.58 13.79
N ASN D 172 24.69 8.77 14.19
CA ASN D 172 25.24 8.14 15.39
C ASN D 172 25.17 9.12 16.56
N PHE D 173 25.29 8.56 17.77
CA PHE D 173 25.34 9.33 19.02
C PHE D 173 26.36 8.66 19.93
N GLU D 174 27.12 9.47 20.66
CA GLU D 174 28.11 8.97 21.61
C GLU D 174 27.64 9.18 23.04
N ALA D 175 28.03 8.24 23.91
CA ALA D 175 27.84 8.41 25.35
C ALA D 175 28.91 7.58 26.05
N THR D 176 28.89 7.60 27.38
CA THR D 176 29.79 6.81 28.21
C THR D 176 29.00 5.82 29.07
N VAL D 177 29.60 4.66 29.35
CA VAL D 177 28.98 3.66 30.23
C VAL D 177 28.50 4.35 31.50
N GLY D 178 27.22 4.19 31.82
CA GLY D 178 26.63 4.81 32.97
C GLY D 178 25.86 6.06 32.67
N ASP D 179 26.14 6.73 31.54
CA ASP D 179 25.41 7.95 31.18
C ASP D 179 23.91 7.72 31.22
N ARG D 180 23.17 8.74 31.64
CA ARG D 180 21.72 8.68 31.59
C ARG D 180 21.31 9.38 30.30
N VAL D 181 20.95 8.60 29.28
CA VAL D 181 20.67 9.15 27.96
C VAL D 181 19.16 9.18 27.74
N GLU D 182 18.66 10.32 27.29
CA GLU D 182 17.26 10.50 26.97
C GLU D 182 17.07 10.45 25.45
N ILE D 183 16.18 9.57 24.99
CA ILE D 183 15.82 9.50 23.58
C ILE D 183 14.42 10.03 23.39
N VAL D 184 14.24 10.88 22.41
CA VAL D 184 12.92 11.21 21.91
C VAL D 184 12.78 10.47 20.59
N MET D 185 11.56 10.02 20.30
N MET D 185 11.56 10.02 20.30
CA MET D 185 11.26 9.28 19.09
CA MET D 185 11.26 9.27 19.08
C MET D 185 10.00 9.86 18.48
C MET D 185 9.99 9.86 18.48
N ILE D 186 10.11 10.40 17.27
CA ILE D 186 8.98 10.94 16.52
C ILE D 186 8.90 10.20 15.19
N THR D 187 7.69 9.83 14.80
CA THR D 187 7.44 9.22 13.51
C THR D 187 6.59 10.17 12.68
N HIS D 188 6.83 10.17 11.38
CA HIS D 188 6.18 11.12 10.49
C HIS D 188 6.01 10.47 9.13
N GLY D 189 5.01 10.95 8.39
CA GLY D 189 4.89 10.58 6.99
C GLY D 189 3.79 9.58 6.70
N GLU D 190 4.12 8.51 5.96
CA GLU D 190 3.14 7.56 5.46
C GLU D 190 3.15 6.21 6.14
N TYR D 191 4.29 5.76 6.65
CA TYR D 191 4.44 4.36 6.99
C TYR D 191 4.50 4.15 8.50
N TYR D 192 4.11 2.96 8.90
CA TYR D 192 4.41 2.47 10.22
C TYR D 192 5.86 2.03 10.29
N HIS D 193 6.42 2.02 11.50
CA HIS D 193 7.78 1.58 11.74
C HIS D 193 7.84 0.84 13.06
N THR D 194 8.99 0.22 13.33
CA THR D 194 9.24 -0.37 14.64
C THR D 194 10.64 0.01 15.07
N PHE D 195 10.74 0.83 16.11
CA PHE D 195 12.02 1.27 16.62
C PHE D 195 12.54 0.25 17.63
N HIS D 196 13.81 -0.12 17.48
CA HIS D 196 14.49 -1.11 18.28
C HIS D 196 15.90 -0.61 18.59
N MET D 197 16.39 -0.81 19.81
CA MET D 197 17.80 -0.60 20.10
C MET D 197 18.42 -1.84 20.67
N HIS D 198 19.57 -2.22 20.10
CA HIS D 198 20.37 -3.32 20.57
C HIS D 198 20.92 -3.04 21.96
N GLY D 199 20.80 -4.03 22.85
CA GLY D 199 21.44 -3.99 24.16
C GLY D 199 20.83 -3.05 25.16
N HIS D 200 19.65 -2.51 24.92
CA HIS D 200 19.02 -1.64 25.91
C HIS D 200 17.52 -1.87 25.88
N HIS D 201 16.85 -1.39 26.92
CA HIS D 201 15.42 -1.62 27.04
C HIS D 201 14.84 -0.49 27.87
N TRP D 202 13.52 -0.41 27.87
CA TRP D 202 12.89 0.65 28.62
C TRP D 202 11.45 0.24 28.93
N ALA D 203 10.87 0.93 29.90
CA ALA D 203 9.47 0.73 30.23
C ALA D 203 8.62 1.54 29.26
N ASP D 204 7.49 0.97 28.84
CA ASP D 204 6.59 1.63 27.90
C ASP D 204 5.56 2.46 28.69
N ASN D 205 6.01 3.60 29.22
CA ASN D 205 5.14 4.52 29.98
C ASN D 205 5.58 5.96 29.70
N ARG D 206 5.17 6.90 30.56
CA ARG D 206 5.48 8.32 30.32
C ARG D 206 6.98 8.58 30.30
N THR D 207 7.70 8.11 31.32
CA THR D 207 9.12 8.43 31.45
C THR D 207 10.04 7.47 30.69
N GLY D 208 9.61 6.23 30.46
CA GLY D 208 10.53 5.19 30.03
C GLY D 208 11.18 4.41 31.16
N MET D 209 10.99 4.85 32.41
CA MET D 209 11.46 4.13 33.59
C MET D 209 10.27 3.66 34.41
N LEU D 210 10.38 2.46 34.97
CA LEU D 210 9.38 2.03 35.95
C LEU D 210 9.38 2.97 37.15
N THR D 211 8.18 3.30 37.62
CA THR D 211 8.03 4.13 38.82
C THR D 211 8.43 3.40 40.10
N GLY D 212 8.33 2.08 40.13
CA GLY D 212 8.67 1.32 41.29
C GLY D 212 8.22 -0.11 41.08
N PRO D 213 8.37 -0.96 42.08
CA PRO D 213 7.92 -2.34 41.93
C PRO D 213 6.40 -2.51 41.77
N ASP D 214 5.68 -1.40 41.65
CA ASP D 214 4.24 -1.44 41.43
C ASP D 214 3.86 -1.02 40.02
N ASP D 215 4.83 -0.69 39.18
CA ASP D 215 4.52 -0.25 37.82
C ASP D 215 4.35 -1.48 36.93
N PRO D 216 3.11 -1.82 36.54
CA PRO D 216 2.93 -2.97 35.63
C PRO D 216 3.16 -2.61 34.16
N SER D 217 3.82 -1.48 33.89
CA SER D 217 4.14 -1.14 32.51
C SER D 217 5.02 -2.22 31.90
N GLN D 218 4.78 -2.55 30.63
N GLN D 218 4.79 -2.52 30.63
CA GLN D 218 5.64 -3.55 30.03
CA GLN D 218 5.64 -3.50 29.96
C GLN D 218 7.01 -2.93 29.73
C GLN D 218 7.02 -2.91 29.74
N VAL D 219 8.03 -3.78 29.81
CA VAL D 219 9.41 -3.40 29.53
C VAL D 219 9.71 -3.93 28.15
N ILE D 220 10.21 -3.07 27.27
CA ILE D 220 10.31 -3.42 25.86
C ILE D 220 11.62 -2.89 25.30
N ASP D 221 12.05 -3.49 24.19
CA ASP D 221 13.12 -2.93 23.38
C ASP D 221 12.69 -2.70 21.93
N ASN D 222 11.37 -2.63 21.69
CA ASN D 222 10.78 -2.66 20.35
C ASN D 222 9.39 -2.07 20.40
N LYS D 223 9.13 -1.02 19.62
CA LYS D 223 7.83 -0.35 19.65
C LYS D 223 7.38 -0.06 18.22
N ILE D 224 6.13 -0.38 17.91
CA ILE D 224 5.53 0.03 16.63
C ILE D 224 5.01 1.45 16.77
N CYS D 225 5.32 2.29 15.79
CA CYS D 225 4.94 3.69 15.75
CA CYS D 225 4.79 3.64 15.78
C CYS D 225 4.38 4.02 14.37
N GLY D 226 3.42 4.95 14.32
CA GLY D 226 2.92 5.49 13.09
C GLY D 226 2.99 7.00 13.09
N PRO D 227 2.54 7.63 12.00
CA PRO D 227 2.72 9.08 11.84
C PRO D 227 2.03 9.89 12.94
N ALA D 228 2.76 10.90 13.46
CA ALA D 228 2.52 11.79 14.60
C ALA D 228 2.76 11.15 15.98
N ASN D 229 3.05 9.84 16.06
CA ASN D 229 3.39 9.23 17.34
C ASN D 229 4.71 9.80 17.86
N SER D 230 4.70 10.26 19.11
CA SER D 230 5.92 10.61 19.81
C SER D 230 5.91 9.90 21.14
N PHE D 231 7.10 9.45 21.56
CA PHE D 231 7.29 8.87 22.87
C PHE D 231 8.77 9.03 23.17
N GLY D 232 9.14 8.93 24.45
CA GLY D 232 10.53 9.08 24.84
C GLY D 232 10.82 8.23 26.05
N PHE D 233 12.11 8.16 26.39
CA PHE D 233 12.58 7.30 27.46
C PHE D 233 14.02 7.67 27.80
N GLN D 234 14.49 7.15 28.92
CA GLN D 234 15.86 7.30 29.35
C GLN D 234 16.46 5.95 29.70
N ILE D 235 17.75 5.81 29.44
CA ILE D 235 18.46 4.57 29.68
C ILE D 235 19.78 4.89 30.35
N ILE D 236 20.30 3.93 31.10
CA ILE D 236 21.69 3.98 31.52
C ILE D 236 22.52 3.26 30.46
N ALA D 237 23.41 4.01 29.80
CA ALA D 237 24.21 3.48 28.71
C ALA D 237 25.03 2.27 29.16
N GLY D 238 24.97 1.21 28.35
CA GLY D 238 25.70 0.00 28.65
C GLY D 238 25.30 -0.69 29.93
N GLU D 239 24.21 -0.26 30.58
CA GLU D 239 23.77 -0.87 31.83
C GLU D 239 23.53 -2.36 31.64
N GLY D 240 24.30 -3.18 32.36
CA GLY D 240 24.25 -4.62 32.22
C GLY D 240 24.68 -5.15 30.88
N VAL D 241 25.30 -4.34 30.03
CA VAL D 241 25.70 -4.83 28.71
C VAL D 241 27.09 -4.33 28.34
N GLY D 242 27.50 -3.18 28.89
CA GLY D 242 28.85 -2.70 28.70
C GLY D 242 29.02 -1.78 27.50
N ALA D 243 30.29 -1.50 27.20
CA ALA D 243 30.62 -0.60 26.11
C ALA D 243 30.49 -1.31 24.77
N GLY D 244 30.42 -0.52 23.71
CA GLY D 244 30.27 -1.08 22.38
C GLY D 244 29.56 -0.13 21.44
N ALA D 245 29.51 -0.55 20.18
CA ALA D 245 28.83 0.18 19.10
C ALA D 245 27.47 -0.48 18.91
N TRP D 246 26.49 -0.01 19.68
CA TRP D 246 25.18 -0.65 19.81
C TRP D 246 24.25 -0.13 18.74
N MET D 247 23.89 -0.99 17.80
CA MET D 247 23.01 -0.63 16.70
C MET D 247 21.62 -0.23 17.20
N TYR D 248 21.06 0.80 16.58
CA TYR D 248 19.64 1.04 16.62
C TYR D 248 19.12 1.09 15.19
N HIS D 249 17.88 0.66 14.98
CA HIS D 249 17.32 0.72 13.64
C HIS D 249 15.81 0.50 13.70
N CYS D 250 15.15 0.90 12.62
CA CYS D 250 13.82 0.36 12.38
C CYS D 250 13.93 -1.13 12.12
N HIS D 251 12.96 -1.89 12.59
CA HIS D 251 13.03 -3.33 12.51
C HIS D 251 12.15 -3.90 11.41
N VAL D 252 11.41 -3.04 10.69
CA VAL D 252 10.88 -3.47 9.39
C VAL D 252 12.06 -3.90 8.54
N GLN D 253 12.03 -5.14 8.07
CA GLN D 253 13.22 -5.72 7.47
C GLN D 253 13.66 -4.91 6.24
N SER D 254 12.73 -4.63 5.34
CA SER D 254 13.05 -3.78 4.19
C SER D 254 13.52 -2.39 4.62
N HIS D 255 13.05 -1.90 5.77
CA HIS D 255 13.52 -0.59 6.24
C HIS D 255 14.95 -0.67 6.76
N SER D 256 15.28 -1.73 7.51
CA SER D 256 16.64 -1.84 8.03
C SER D 256 17.64 -2.04 6.91
N ASP D 257 17.23 -2.75 5.85
CA ASP D 257 18.06 -3.03 4.68
C ASP D 257 18.37 -1.77 3.88
N MET D 258 17.38 -0.89 3.72
CA MET D 258 17.49 0.34 2.95
C MET D 258 18.14 1.47 3.71
N GLY D 259 18.73 1.20 4.87
CA GLY D 259 19.54 2.18 5.56
C GLY D 259 18.87 2.98 6.65
N MET D 260 17.84 2.44 7.31
CA MET D 260 17.22 3.11 8.45
C MET D 260 17.85 2.56 9.74
N VAL D 261 19.11 3.00 9.95
CA VAL D 261 20.01 2.42 10.94
C VAL D 261 20.98 3.51 11.43
N GLY D 262 21.41 3.38 12.69
CA GLY D 262 22.39 4.24 13.31
C GLY D 262 23.13 3.49 14.40
N LEU D 263 24.08 4.16 15.04
CA LEU D 263 24.88 3.57 16.12
C LEU D 263 24.79 4.42 17.38
N PHE D 264 24.43 3.77 18.49
CA PHE D 264 24.58 4.31 19.83
C PHE D 264 25.98 3.93 20.31
N LEU D 265 26.93 4.86 20.19
CA LEU D 265 28.35 4.58 20.45
C LEU D 265 28.66 4.76 21.93
N VAL D 266 28.69 3.63 22.66
CA VAL D 266 28.84 3.63 24.12
C VAL D 266 30.30 3.37 24.46
N LYS D 267 31.03 4.45 24.75
CA LYS D 267 32.43 4.39 25.14
C LYS D 267 32.61 3.97 26.59
N LYS D 268 33.68 3.20 26.83
CA LYS D 268 34.25 2.96 28.15
C LYS D 268 34.67 4.30 28.77
N PRO D 269 34.95 4.36 30.08
CA PRO D 269 35.44 5.64 30.64
C PRO D 269 36.79 6.08 30.09
N ASP D 270 37.62 5.17 29.62
CA ASP D 270 38.82 5.68 28.94
C ASP D 270 38.53 6.04 27.48
N GLY D 271 37.27 6.04 27.08
CA GLY D 271 36.85 6.49 25.76
C GLY D 271 37.09 5.52 24.64
N THR D 272 37.52 4.30 24.94
CA THR D 272 37.66 3.27 23.93
C THR D 272 36.35 2.53 23.80
N ILE D 273 36.00 2.20 22.57
CA ILE D 273 34.83 1.40 22.22
C ILE D 273 35.33 0.04 21.76
N PRO D 274 35.17 -1.02 22.55
CA PRO D 274 35.80 -2.30 22.19
C PRO D 274 35.25 -2.84 20.88
N GLY D 275 36.16 -3.18 19.96
CA GLY D 275 35.77 -3.84 18.74
C GLY D 275 35.20 -2.95 17.68
N TYR D 276 35.33 -1.62 17.81
CA TYR D 276 34.67 -0.69 16.88
C TYR D 276 35.71 0.08 16.07
N ASP D 277 35.77 -0.20 14.77
CA ASP D 277 36.66 0.47 13.84
C ASP D 277 35.86 1.38 12.90
N PRO D 278 36.16 2.69 12.84
CA PRO D 278 35.71 3.54 11.73
C PRO D 278 36.67 3.49 10.54
N GLY E 2 -23.52 11.78 35.99
CA GLY E 2 -23.28 11.03 37.21
C GLY E 2 -22.23 9.94 37.07
N ALA E 3 -22.51 8.78 37.67
CA ALA E 3 -21.56 7.68 37.75
C ALA E 3 -22.28 6.37 37.48
N ALA E 4 -21.54 5.42 36.90
CA ALA E 4 -22.18 4.19 36.47
C ALA E 4 -22.61 3.35 37.68
N PRO E 5 -23.81 2.77 37.66
CA PRO E 5 -24.21 1.88 38.74
C PRO E 5 -23.50 0.54 38.62
N ALA E 6 -23.53 -0.23 39.71
CA ALA E 6 -23.18 -1.64 39.59
C ALA E 6 -24.19 -2.34 38.70
N GLY E 7 -23.71 -3.33 37.94
CA GLY E 7 -24.51 -4.03 36.96
C GLY E 7 -25.13 -5.30 37.49
N GLY E 8 -25.70 -6.06 36.57
CA GLY E 8 -26.35 -7.30 36.96
C GLY E 8 -27.75 -7.47 36.40
N GLU E 9 -28.20 -6.54 35.56
CA GLU E 9 -29.51 -6.68 34.93
C GLU E 9 -29.44 -7.62 33.72
N VAL E 10 -30.53 -8.33 33.49
CA VAL E 10 -30.72 -9.13 32.29
C VAL E 10 -31.46 -8.24 31.29
N ARG E 11 -30.78 -7.84 30.23
CA ARG E 11 -31.31 -6.89 29.26
C ARG E 11 -31.65 -7.59 27.96
N ARG E 12 -32.67 -7.09 27.27
CA ARG E 12 -33.10 -7.65 26.01
C ARG E 12 -33.09 -6.55 24.98
N VAL E 13 -32.65 -6.89 23.77
CA VAL E 13 -32.70 -5.95 22.66
C VAL E 13 -32.97 -6.74 21.41
N THR E 14 -33.67 -6.12 20.47
CA THR E 14 -33.92 -6.70 19.16
C THR E 14 -33.01 -6.01 18.15
N MET E 15 -32.37 -6.78 17.30
CA MET E 15 -31.44 -6.20 16.35
C MET E 15 -31.69 -6.78 14.97
N TYR E 16 -31.72 -5.89 13.98
CA TYR E 16 -31.94 -6.25 12.59
C TYR E 16 -30.65 -6.02 11.80
N ALA E 17 -30.43 -6.83 10.79
CA ALA E 17 -29.44 -6.54 9.77
C ALA E 17 -30.20 -6.24 8.50
N GLU E 18 -29.95 -5.08 7.91
CA GLU E 18 -30.71 -4.65 6.75
C GLU E 18 -29.78 -4.19 5.64
N ARG E 19 -30.15 -4.50 4.41
CA ARG E 19 -29.53 -3.88 3.25
C ARG E 19 -29.84 -2.39 3.22
N LEU E 20 -28.87 -1.61 2.75
CA LEU E 20 -28.93 -0.15 2.67
C LEU E 20 -28.49 0.29 1.29
N ALA E 21 -28.79 1.55 0.96
CA ALA E 21 -28.47 2.10 -0.36
C ALA E 21 -27.00 1.91 -0.73
N GLY E 22 -26.73 1.85 -2.04
CA GLY E 22 -25.36 1.73 -2.52
C GLY E 22 -24.64 0.46 -2.10
N GLY E 23 -25.35 -0.65 -1.97
CA GLY E 23 -24.75 -1.93 -1.61
C GLY E 23 -24.32 -2.04 -0.16
N GLN E 24 -24.64 -1.08 0.69
CA GLN E 24 -24.23 -1.18 2.07
C GLN E 24 -25.17 -2.09 2.86
N MET E 25 -24.76 -2.36 4.10
CA MET E 25 -25.62 -3.04 5.06
C MET E 25 -25.32 -2.52 6.45
N GLY E 26 -26.34 -2.53 7.31
CA GLY E 26 -26.17 -2.05 8.68
C GLY E 26 -26.99 -2.86 9.67
N TYR E 27 -26.63 -2.74 10.94
CA TYR E 27 -27.47 -3.20 12.04
C TYR E 27 -28.38 -2.04 12.49
N GLY E 28 -29.50 -2.41 13.09
CA GLY E 28 -30.39 -1.44 13.66
C GLY E 28 -31.16 -2.08 14.79
N LEU E 29 -31.70 -1.23 15.66
CA LEU E 29 -32.52 -1.71 16.77
C LEU E 29 -34.00 -1.80 16.41
N GLU E 30 -34.46 -1.05 15.42
CA GLU E 30 -35.84 -1.12 14.99
C GLU E 30 -35.89 -1.39 13.49
N LYS E 31 -36.99 -2.01 13.04
CA LYS E 31 -37.08 -2.39 11.64
C LYS E 31 -37.05 -1.14 10.78
N GLY E 32 -36.25 -1.19 9.71
CA GLY E 32 -36.12 -0.04 8.84
C GLY E 32 -35.28 1.11 9.35
N LYS E 33 -34.50 0.91 10.42
CA LYS E 33 -33.67 1.97 11.01
C LYS E 33 -32.24 1.50 11.23
N ALA E 34 -31.72 0.71 10.29
CA ALA E 34 -30.33 0.28 10.39
C ALA E 34 -29.39 1.45 10.13
N SER E 35 -28.33 1.55 10.91
CA SER E 35 -27.37 2.64 10.77
C SER E 35 -25.93 2.10 10.61
N ILE E 36 -25.06 2.97 10.10
CA ILE E 36 -23.61 2.73 10.03
C ILE E 36 -22.91 3.93 10.63
N PRO E 37 -22.24 3.78 11.78
CA PRO E 37 -22.09 2.54 12.57
C PRO E 37 -23.43 1.99 13.07
N GLY E 38 -23.46 0.72 13.52
CA GLY E 38 -24.62 0.17 14.17
C GLY E 38 -24.94 0.93 15.44
N PRO E 39 -26.09 0.62 16.05
CA PRO E 39 -26.46 1.29 17.30
C PRO E 39 -25.46 1.01 18.42
N LEU E 40 -25.24 2.02 19.26
CA LEU E 40 -24.38 1.88 20.43
C LEU E 40 -25.07 1.02 21.49
N ILE E 41 -24.35 0.07 22.06
CA ILE E 41 -24.85 -0.77 23.15
C ILE E 41 -24.04 -0.46 24.41
N GLU E 42 -24.74 -0.07 25.48
CA GLU E 42 -24.11 0.23 26.75
C GLU E 42 -24.59 -0.78 27.80
N LEU E 43 -23.64 -1.35 28.53
CA LEU E 43 -23.90 -2.28 29.62
C LEU E 43 -23.03 -1.92 30.82
N ASN E 44 -23.45 -2.34 32.01
CA ASN E 44 -22.63 -2.26 33.21
C ASN E 44 -22.12 -3.65 33.57
N GLU E 45 -20.92 -3.72 34.13
CA GLU E 45 -20.26 -5.00 34.38
C GLU E 45 -21.14 -5.92 35.23
N GLY E 46 -21.42 -7.10 34.70
CA GLY E 46 -22.34 -8.02 35.33
C GLY E 46 -23.62 -8.23 34.55
N ASP E 47 -24.07 -7.20 33.82
CA ASP E 47 -25.23 -7.34 32.96
C ASP E 47 -25.06 -8.47 31.96
N THR E 48 -26.18 -9.14 31.70
CA THR E 48 -26.34 -10.04 30.57
C THR E 48 -27.17 -9.34 29.49
N LEU E 49 -26.93 -9.68 28.23
CA LEU E 49 -27.71 -9.11 27.13
C LEU E 49 -28.09 -10.18 26.15
N HIS E 50 -29.39 -10.31 25.88
CA HIS E 50 -29.91 -11.17 24.83
C HIS E 50 -30.28 -10.29 23.64
N VAL E 51 -29.62 -10.53 22.51
CA VAL E 51 -29.88 -9.78 21.27
C VAL E 51 -30.70 -10.72 20.39
N GLU E 52 -32.02 -10.49 20.37
CA GLU E 52 -32.92 -11.21 19.47
C GLU E 52 -32.73 -10.68 18.05
N PHE E 53 -32.09 -11.48 17.20
CA PHE E 53 -31.55 -11.00 15.94
C PHE E 53 -32.41 -11.46 14.77
N GLU E 54 -32.65 -10.57 13.81
CA GLU E 54 -33.43 -10.90 12.63
C GLU E 54 -32.64 -10.54 11.37
N ASN E 55 -32.36 -11.54 10.54
CA ASN E 55 -31.69 -11.32 9.27
C ASN E 55 -32.74 -11.08 8.19
N THR E 56 -32.97 -9.81 7.84
CA THR E 56 -33.93 -9.47 6.78
C THR E 56 -33.34 -9.64 5.39
N MET E 57 -32.08 -10.06 5.27
CA MET E 57 -31.30 -10.01 4.03
C MET E 57 -31.36 -11.36 3.31
N ASP E 58 -30.79 -11.40 2.10
CA ASP E 58 -30.79 -12.63 1.31
C ASP E 58 -29.50 -13.44 1.44
N VAL E 59 -28.59 -13.07 2.35
CA VAL E 59 -27.37 -13.84 2.54
C VAL E 59 -27.15 -14.11 4.02
N PRO E 60 -26.50 -15.21 4.38
CA PRO E 60 -26.19 -15.46 5.80
C PRO E 60 -25.36 -14.33 6.41
N VAL E 61 -25.63 -14.05 7.68
CA VAL E 61 -25.04 -12.92 8.37
C VAL E 61 -24.73 -13.32 9.81
N SER E 62 -23.89 -12.54 10.48
CA SER E 62 -23.67 -12.90 11.87
C SER E 62 -23.40 -11.66 12.71
N LEU E 63 -23.40 -11.89 14.02
CA LEU E 63 -23.05 -10.90 15.03
C LEU E 63 -21.95 -11.53 15.88
N HIS E 64 -20.75 -10.97 15.75
CA HIS E 64 -19.61 -11.37 16.55
C HIS E 64 -19.17 -10.19 17.41
N VAL E 65 -18.91 -10.45 18.70
CA VAL E 65 -18.59 -9.39 19.67
C VAL E 65 -17.20 -9.63 20.20
N HIS E 66 -16.48 -8.54 20.47
CA HIS E 66 -15.18 -8.61 21.15
C HIS E 66 -15.31 -8.35 22.66
N GLY E 67 -14.39 -8.95 23.42
CA GLY E 67 -14.21 -8.51 24.79
C GLY E 67 -15.16 -9.11 25.81
N LEU E 68 -16.41 -9.33 25.40
CA LEU E 68 -17.46 -9.77 26.33
C LEU E 68 -17.38 -11.28 26.49
N ASP E 69 -18.23 -11.83 27.36
CA ASP E 69 -18.32 -13.27 27.55
C ASP E 69 -19.45 -13.83 26.68
N TYR E 70 -19.16 -14.91 25.97
CA TYR E 70 -20.17 -15.56 25.13
C TYR E 70 -19.78 -17.03 24.96
N GLU E 71 -20.78 -17.90 24.89
CA GLU E 71 -20.53 -19.30 24.56
C GLU E 71 -20.28 -19.46 23.06
N ILE E 72 -19.72 -20.60 22.67
CA ILE E 72 -19.38 -20.81 21.26
C ILE E 72 -20.63 -20.69 20.39
N SER E 73 -21.80 -21.01 20.94
CA SER E 73 -23.02 -20.90 20.15
C SER E 73 -23.40 -19.46 19.85
N SER E 74 -22.78 -18.49 20.53
CA SER E 74 -22.87 -17.07 20.17
C SER E 74 -21.56 -16.51 19.61
N ASP E 75 -20.62 -17.37 19.18
CA ASP E 75 -19.41 -16.88 18.55
C ASP E 75 -19.72 -16.08 17.28
N GLY E 76 -20.64 -16.60 16.46
CA GLY E 76 -21.11 -15.89 15.29
C GLY E 76 -20.35 -16.18 14.01
N THR E 77 -20.05 -17.45 13.75
CA THR E 77 -19.31 -17.84 12.56
C THR E 77 -19.93 -19.09 11.95
N LYS E 78 -19.67 -19.32 10.65
CA LYS E 78 -20.21 -20.51 9.99
C LYS E 78 -19.62 -21.80 10.54
N GLN E 79 -18.42 -21.74 11.12
CA GLN E 79 -17.71 -22.96 11.53
C GLN E 79 -18.57 -23.83 12.42
N ASN E 80 -19.29 -23.23 13.34
CA ASN E 80 -20.22 -23.95 14.18
C ASN E 80 -21.65 -23.46 14.00
N LYS E 81 -22.01 -23.00 12.80
CA LYS E 81 -23.40 -22.66 12.48
C LYS E 81 -23.97 -21.67 13.49
N SER E 82 -23.17 -20.69 13.92
CA SER E 82 -23.73 -19.65 14.79
C SER E 82 -23.98 -18.35 14.04
N HIS E 83 -24.04 -18.41 12.70
CA HIS E 83 -24.58 -17.36 11.85
C HIS E 83 -26.10 -17.44 11.82
N VAL E 84 -26.73 -16.56 11.04
CA VAL E 84 -28.20 -16.48 10.94
C VAL E 84 -28.60 -16.54 9.48
N GLU E 85 -29.40 -17.53 9.13
CA GLU E 85 -29.76 -17.82 7.75
C GLU E 85 -30.57 -16.66 7.14
N PRO E 86 -30.65 -16.57 5.81
CA PRO E 86 -31.45 -15.51 5.21
C PRO E 86 -32.87 -15.62 5.69
N GLY E 87 -33.41 -14.46 6.15
CA GLY E 87 -34.79 -14.36 6.57
C GLY E 87 -35.07 -14.77 7.99
N GLY E 88 -34.12 -15.40 8.67
CA GLY E 88 -34.37 -16.04 9.94
C GLY E 88 -33.99 -15.20 11.15
N THR E 89 -34.03 -15.86 12.30
CA THR E 89 -33.80 -15.25 13.61
C THR E 89 -32.93 -16.18 14.44
N ARG E 90 -32.35 -15.59 15.49
CA ARG E 90 -31.49 -16.26 16.45
C ARG E 90 -31.20 -15.27 17.57
N THR E 91 -30.98 -15.80 18.77
CA THR E 91 -30.73 -15.01 19.95
C THR E 91 -29.28 -15.21 20.36
N TYR E 92 -28.46 -14.19 20.16
CA TYR E 92 -27.14 -14.12 20.72
C TYR E 92 -27.22 -13.59 22.15
N THR E 93 -26.44 -14.20 23.03
CA THR E 93 -26.36 -13.78 24.42
C THR E 93 -24.91 -13.39 24.70
N TRP E 94 -24.73 -12.17 25.19
CA TRP E 94 -23.48 -11.67 25.73
C TRP E 94 -23.63 -11.53 27.25
N ARG E 95 -22.63 -11.98 28.00
CA ARG E 95 -22.57 -11.71 29.43
C ARG E 95 -21.29 -10.94 29.72
N THR E 96 -21.18 -10.46 30.96
CA THR E 96 -20.09 -9.61 31.43
C THR E 96 -19.84 -9.85 32.91
N HIS E 97 -18.60 -9.74 33.34
CA HIS E 97 -18.26 -10.01 34.72
C HIS E 97 -17.52 -8.84 35.35
N GLU E 98 -17.61 -8.75 36.67
CA GLU E 98 -16.83 -7.81 37.44
C GLU E 98 -15.44 -8.34 37.71
N PRO E 99 -14.49 -7.47 38.09
CA PRO E 99 -13.17 -7.96 38.54
C PRO E 99 -13.29 -8.73 39.84
N GLY E 100 -12.33 -9.61 40.07
CA GLY E 100 -12.29 -10.43 41.29
C GLY E 100 -11.08 -11.34 41.24
N ARG E 101 -10.81 -11.99 42.38
CA ARG E 101 -9.66 -12.89 42.46
C ARG E 101 -10.09 -14.35 42.25
N ARG E 102 -9.27 -15.07 41.48
CA ARG E 102 -9.43 -16.50 41.29
C ARG E 102 -8.89 -17.27 42.50
N ALA E 103 -9.33 -18.53 42.62
CA ALA E 103 -8.79 -19.41 43.66
C ALA E 103 -7.27 -19.50 43.58
N ASP E 104 -6.71 -19.42 42.37
CA ASP E 104 -5.27 -19.57 42.16
C ASP E 104 -4.49 -18.31 42.53
N GLY E 105 -5.16 -17.31 43.08
CA GLY E 105 -4.51 -16.15 43.64
C GLY E 105 -4.33 -15.00 42.69
N THR E 106 -4.53 -15.22 41.39
CA THR E 106 -4.37 -14.21 40.35
C THR E 106 -5.66 -13.40 40.18
N TRP E 107 -5.47 -12.15 39.74
CA TRP E 107 -6.57 -11.23 39.53
C TRP E 107 -7.20 -11.51 38.17
N ARG E 108 -8.53 -11.56 38.15
CA ARG E 108 -9.29 -11.70 36.92
C ARG E 108 -9.85 -10.33 36.53
N ALA E 109 -9.36 -9.79 35.42
CA ALA E 109 -9.88 -8.53 34.93
C ALA E 109 -11.37 -8.61 34.75
N GLY E 110 -12.06 -7.52 35.04
CA GLY E 110 -13.45 -7.40 34.68
C GLY E 110 -13.57 -7.21 33.17
N SER E 111 -14.83 -7.06 32.74
CA SER E 111 -15.16 -6.97 31.33
C SER E 111 -15.11 -5.56 30.81
N ALA E 112 -14.97 -4.55 31.69
CA ALA E 112 -15.17 -3.18 31.26
C ALA E 112 -14.15 -2.79 30.20
N GLY E 113 -14.63 -2.03 29.20
CA GLY E 113 -13.78 -1.63 28.11
C GLY E 113 -14.62 -1.04 26.99
N TYR E 114 -13.92 -0.56 25.99
CA TYR E 114 -14.52 -0.04 24.77
C TYR E 114 -14.41 -1.14 23.72
N TRP E 115 -15.53 -1.74 23.38
CA TRP E 115 -15.56 -2.93 22.55
C TRP E 115 -16.42 -2.65 21.30
N HIS E 116 -16.66 -3.72 20.53
CA HIS E 116 -17.33 -3.56 19.25
C HIS E 116 -17.86 -4.91 18.80
N TYR E 117 -18.86 -4.83 17.91
CA TYR E 117 -19.46 -6.00 17.29
C TYR E 117 -19.46 -5.80 15.77
N HIS E 118 -19.38 -6.91 15.04
CA HIS E 118 -19.32 -6.85 13.59
C HIS E 118 -19.76 -8.20 13.05
N ASP E 119 -20.02 -8.22 11.74
CA ASP E 119 -20.35 -9.45 11.02
C ASP E 119 -19.10 -10.29 10.84
N HIS E 120 -19.30 -11.59 10.66
CA HIS E 120 -18.20 -12.53 10.52
C HIS E 120 -18.35 -13.48 9.34
N VAL E 121 -19.45 -13.40 8.56
CA VAL E 121 -19.72 -14.39 7.52
C VAL E 121 -20.17 -13.81 6.18
N VAL E 122 -20.38 -12.51 6.05
CA VAL E 122 -20.77 -12.02 4.72
C VAL E 122 -19.52 -11.85 3.86
N GLY E 123 -19.53 -12.47 2.67
CA GLY E 123 -18.41 -12.40 1.74
C GLY E 123 -17.37 -13.50 1.91
N THR E 124 -16.71 -13.47 3.06
CA THR E 124 -15.77 -14.51 3.40
C THR E 124 -16.11 -15.09 4.77
N GLU E 125 -15.42 -16.16 5.12
CA GLU E 125 -15.54 -16.73 6.46
C GLU E 125 -15.04 -15.78 7.54
N HIS E 126 -14.56 -14.60 7.20
CA HIS E 126 -14.25 -13.60 8.20
C HIS E 126 -15.07 -12.33 8.00
N GLY E 127 -16.12 -12.39 7.19
CA GLY E 127 -17.02 -11.26 7.06
C GLY E 127 -16.41 -10.05 6.38
N THR E 128 -15.44 -10.27 5.48
CA THR E 128 -14.77 -9.15 4.85
C THR E 128 -15.76 -8.28 4.05
N GLY E 129 -16.70 -8.91 3.33
CA GLY E 129 -17.82 -8.18 2.74
C GLY E 129 -18.73 -7.46 3.73
N GLY E 130 -19.33 -8.20 4.68
CA GLY E 130 -20.15 -7.56 5.70
C GLY E 130 -19.50 -6.35 6.36
N ILE E 131 -18.22 -6.47 6.74
CA ILE E 131 -17.56 -5.35 7.43
C ILE E 131 -17.34 -4.18 6.46
N ARG E 132 -16.97 -4.47 5.22
CA ARG E 132 -16.81 -3.40 4.25
C ARG E 132 -18.16 -2.72 3.98
N ASN E 133 -19.25 -3.49 3.90
CA ASN E 133 -20.58 -2.94 3.65
C ASN E 133 -21.15 -2.12 4.80
N GLY E 134 -20.64 -2.28 6.02
CA GLY E 134 -21.08 -1.43 7.13
C GLY E 134 -21.54 -2.16 8.39
N LEU E 135 -21.42 -3.47 8.43
CA LEU E 135 -21.91 -4.26 9.55
C LEU E 135 -20.90 -4.24 10.70
N TYR E 136 -20.86 -3.10 11.39
CA TYR E 136 -20.12 -2.97 12.64
C TYR E 136 -20.83 -1.94 13.52
N GLY E 137 -20.69 -2.10 14.84
CA GLY E 137 -21.06 -1.06 15.77
C GLY E 137 -20.33 -1.17 17.09
N PRO E 138 -20.49 -0.18 17.99
CA PRO E 138 -19.72 -0.17 19.24
C PRO E 138 -20.43 -0.74 20.48
N VAL E 139 -19.66 -1.29 21.43
CA VAL E 139 -20.15 -1.72 22.74
C VAL E 139 -19.29 -1.11 23.82
N ILE E 140 -19.92 -0.48 24.79
CA ILE E 140 -19.24 0.04 25.97
C ILE E 140 -19.77 -0.73 27.17
N VAL E 141 -18.86 -1.32 27.94
CA VAL E 141 -19.16 -2.00 29.19
C VAL E 141 -18.53 -1.15 30.29
N ARG E 142 -19.36 -0.52 31.11
CA ARG E 142 -18.92 0.41 32.15
C ARG E 142 -18.75 -0.31 33.48
N ARG E 143 -17.78 0.18 34.26
CA ARG E 143 -17.47 -0.35 35.57
C ARG E 143 -18.05 0.58 36.62
N LYS E 144 -18.53 0.00 37.71
CA LYS E 144 -19.27 0.76 38.71
C LYS E 144 -18.41 1.92 39.20
N GLY E 145 -18.91 3.14 39.05
CA GLY E 145 -18.20 4.32 39.44
C GLY E 145 -17.57 5.10 38.31
N ASP E 146 -17.44 4.50 37.12
CA ASP E 146 -16.96 5.24 35.95
C ASP E 146 -17.78 6.50 35.78
N VAL E 147 -17.14 7.58 35.38
CA VAL E 147 -17.82 8.85 35.25
C VAL E 147 -18.58 8.87 33.93
N LEU E 148 -19.86 9.25 33.99
CA LEU E 148 -20.70 9.19 32.80
C LEU E 148 -20.48 10.44 31.95
N PRO E 149 -20.65 10.34 30.63
CA PRO E 149 -20.42 11.51 29.77
C PRO E 149 -21.69 12.22 29.34
N ASP E 150 -21.57 13.49 28.98
CA ASP E 150 -22.70 14.19 28.38
C ASP E 150 -23.03 13.63 27.00
N ALA E 151 -22.03 13.18 26.26
CA ALA E 151 -22.30 12.66 24.91
C ALA E 151 -21.22 11.66 24.54
N THR E 152 -21.56 10.76 23.62
CA THR E 152 -20.68 9.74 23.09
C THR E 152 -20.74 9.82 21.58
N HIS E 153 -19.56 9.80 20.94
CA HIS E 153 -19.49 9.78 19.49
C HIS E 153 -18.62 8.60 19.08
N THR E 154 -19.05 7.89 18.04
CA THR E 154 -18.30 6.74 17.55
C THR E 154 -17.72 7.08 16.20
N ILE E 155 -16.39 6.92 16.08
CA ILE E 155 -15.63 7.14 14.85
C ILE E 155 -14.99 5.84 14.42
N VAL E 156 -15.39 5.31 13.27
CA VAL E 156 -14.83 4.05 12.77
C VAL E 156 -14.08 4.33 11.48
N PHE E 157 -12.78 4.00 11.50
CA PHE E 157 -11.93 4.02 10.31
C PHE E 157 -12.09 2.68 9.63
N ASN E 158 -12.92 2.62 8.61
CA ASN E 158 -13.17 1.38 7.89
C ASN E 158 -12.47 1.51 6.54
N ASP E 159 -11.37 0.78 6.37
CA ASP E 159 -10.49 0.95 5.23
C ASP E 159 -10.10 2.42 5.09
N GLY E 160 -10.44 3.03 3.95
CA GLY E 160 -10.13 4.40 3.68
C GLY E 160 -11.20 5.41 4.02
N THR E 161 -12.30 5.01 4.68
CA THR E 161 -13.40 5.88 5.03
C THR E 161 -13.51 6.09 6.53
N ILE E 162 -14.40 7.00 6.91
CA ILE E 162 -14.84 7.13 8.29
C ILE E 162 -16.33 6.81 8.32
N ASN E 163 -16.69 5.70 8.98
CA ASN E 163 -18.08 5.27 9.09
C ASN E 163 -18.71 5.12 7.72
N ASN E 164 -17.93 4.66 6.75
CA ASN E 164 -18.46 4.36 5.43
C ASN E 164 -19.00 5.61 4.75
N ARG E 165 -18.54 6.81 5.16
CA ARG E 165 -18.97 8.05 4.57
C ARG E 165 -18.08 8.43 3.39
N PRO E 166 -18.65 9.07 2.36
CA PRO E 166 -17.83 9.63 1.28
C PRO E 166 -16.70 10.50 1.82
N ALA E 167 -15.54 10.40 1.17
CA ALA E 167 -14.36 11.09 1.68
C ALA E 167 -14.66 12.56 1.86
N HIS E 168 -14.01 13.17 2.86
CA HIS E 168 -14.14 14.59 3.17
C HIS E 168 -15.53 14.97 3.69
N THR E 169 -16.27 14.05 4.33
CA THR E 169 -17.59 14.39 4.86
C THR E 169 -17.64 14.15 6.36
N GLY E 170 -16.52 14.40 7.03
CA GLY E 170 -16.43 14.30 8.47
C GLY E 170 -16.49 12.87 8.94
N PRO E 171 -17.38 12.57 9.90
CA PRO E 171 -18.44 13.44 10.44
C PRO E 171 -17.99 14.51 11.45
N ASN E 172 -18.90 15.43 11.75
CA ASN E 172 -18.63 16.50 12.70
C ASN E 172 -19.49 16.30 13.93
N PHE E 173 -18.93 16.66 15.08
CA PHE E 173 -19.62 16.54 16.35
C PHE E 173 -19.56 17.89 17.06
N GLU E 174 -20.69 18.29 17.64
CA GLU E 174 -20.82 19.56 18.33
C GLU E 174 -20.77 19.34 19.83
N ALA E 175 -20.31 20.36 20.55
CA ALA E 175 -20.14 20.32 21.99
C ALA E 175 -20.01 21.74 22.51
N THR E 176 -20.29 21.90 23.80
CA THR E 176 -20.11 23.17 24.49
C THR E 176 -18.90 23.03 25.41
N VAL E 177 -18.14 24.12 25.55
CA VAL E 177 -16.95 24.11 26.39
C VAL E 177 -17.29 23.52 27.74
N GLY E 178 -16.44 22.62 28.24
CA GLY E 178 -16.66 21.96 29.51
C GLY E 178 -17.41 20.64 29.45
N ASP E 179 -18.11 20.35 28.36
CA ASP E 179 -18.83 19.09 28.25
C ASP E 179 -17.87 17.93 28.54
N ARG E 180 -18.39 16.89 29.19
CA ARG E 180 -17.66 15.64 29.30
C ARG E 180 -18.02 14.79 28.10
N VAL E 181 -17.08 14.63 27.17
CA VAL E 181 -17.33 14.07 25.85
C VAL E 181 -16.59 12.75 25.71
N GLU E 182 -17.27 11.75 25.15
CA GLU E 182 -16.74 10.40 25.05
C GLU E 182 -16.60 10.01 23.59
N ILE E 183 -15.39 9.59 23.22
CA ILE E 183 -15.07 9.13 21.88
C ILE E 183 -14.91 7.62 21.94
N VAL E 184 -15.56 6.91 21.02
CA VAL E 184 -15.27 5.50 20.78
C VAL E 184 -14.64 5.40 19.41
N MET E 185 -13.46 4.75 19.36
CA MET E 185 -12.67 4.70 18.14
C MET E 185 -12.44 3.25 17.78
N ILE E 186 -12.99 2.82 16.63
CA ILE E 186 -12.82 1.48 16.11
C ILE E 186 -12.18 1.56 14.73
N THR E 187 -11.39 0.55 14.40
CA THR E 187 -10.79 0.42 13.09
C THR E 187 -11.12 -0.94 12.50
N HIS E 188 -11.36 -0.96 11.18
CA HIS E 188 -11.65 -2.18 10.45
C HIS E 188 -10.94 -2.16 9.10
N GLY E 189 -10.83 -3.34 8.53
CA GLY E 189 -10.57 -3.44 7.10
C GLY E 189 -9.14 -3.88 6.87
N GLU E 190 -8.42 -3.15 6.03
CA GLU E 190 -7.10 -3.60 5.62
C GLU E 190 -5.96 -2.77 6.16
N TYR E 191 -6.18 -1.50 6.46
CA TYR E 191 -5.08 -0.59 6.71
C TYR E 191 -4.91 -0.30 8.19
N TYR E 192 -3.70 0.14 8.55
CA TYR E 192 -3.48 0.74 9.85
C TYR E 192 -3.73 2.22 9.72
N HIS E 193 -3.94 2.88 10.85
CA HIS E 193 -4.08 4.34 10.87
C HIS E 193 -3.49 4.88 12.17
N THR E 194 -3.42 6.20 12.25
CA THR E 194 -3.19 6.90 13.50
C THR E 194 -4.34 7.88 13.72
N PHE E 195 -4.90 7.92 14.93
CA PHE E 195 -5.97 8.85 15.27
C PHE E 195 -5.40 10.05 16.02
N HIS E 196 -5.93 11.25 15.72
CA HIS E 196 -5.39 12.44 16.34
C HIS E 196 -6.49 13.48 16.47
N MET E 197 -6.60 14.14 17.62
CA MET E 197 -7.42 15.34 17.74
C MET E 197 -6.57 16.54 18.09
N HIS E 198 -6.87 17.65 17.43
CA HIS E 198 -6.29 18.93 17.80
C HIS E 198 -6.85 19.40 19.14
N GLY E 199 -6.00 20.04 19.93
CA GLY E 199 -6.42 20.76 21.12
C GLY E 199 -6.84 19.93 22.30
N HIS E 200 -6.74 18.60 22.25
CA HIS E 200 -7.18 17.73 23.32
C HIS E 200 -6.22 16.56 23.46
N HIS E 201 -6.37 15.81 24.55
CA HIS E 201 -5.45 14.74 24.89
C HIS E 201 -6.13 13.83 25.90
N TRP E 202 -5.57 12.64 26.07
CA TRP E 202 -6.14 11.65 26.97
C TRP E 202 -5.07 10.63 27.37
N ALA E 203 -5.36 9.89 28.43
CA ALA E 203 -4.45 8.87 28.95
C ALA E 203 -4.71 7.55 28.28
N ASP E 204 -3.64 6.84 27.94
CA ASP E 204 -3.71 5.61 27.14
C ASP E 204 -3.97 4.44 28.08
N ASN E 205 -5.22 4.31 28.53
CA ASN E 205 -5.61 3.28 29.49
C ASN E 205 -7.08 2.93 29.24
N ARG E 206 -7.70 2.19 30.16
CA ARG E 206 -9.09 1.77 29.90
C ARG E 206 -9.98 2.98 29.62
N THR E 207 -9.97 3.98 30.48
CA THR E 207 -10.96 5.04 30.43
C THR E 207 -10.48 6.32 29.75
N GLY E 208 -9.21 6.42 29.38
CA GLY E 208 -8.70 7.70 28.91
C GLY E 208 -8.48 8.74 29.99
N MET E 209 -8.71 8.41 31.25
CA MET E 209 -8.39 9.29 32.37
C MET E 209 -7.48 8.54 33.32
N LEU E 210 -6.46 9.21 33.83
CA LEU E 210 -5.60 8.61 34.84
C LEU E 210 -6.44 8.26 36.06
N THR E 211 -6.13 7.13 36.70
CA THR E 211 -6.82 6.76 37.94
C THR E 211 -6.59 7.83 39.02
N GLY E 212 -5.33 8.08 39.34
CA GLY E 212 -4.93 9.23 40.15
C GLY E 212 -3.47 9.53 39.86
N PRO E 213 -2.78 10.21 40.80
CA PRO E 213 -1.35 10.53 40.59
C PRO E 213 -0.45 9.31 40.42
N ASP E 214 -0.87 8.12 40.82
CA ASP E 214 -0.01 6.94 40.72
C ASP E 214 -0.15 6.18 39.40
N ASP E 215 -0.90 6.72 38.44
CA ASP E 215 -1.14 6.05 37.18
C ASP E 215 -0.04 6.45 36.20
N PRO E 216 0.85 5.55 35.80
CA PRO E 216 1.95 5.92 34.89
C PRO E 216 1.59 5.91 33.41
N SER E 217 0.31 5.64 33.07
CA SER E 217 -0.11 5.55 31.68
C SER E 217 0.35 6.76 30.90
N GLN E 218 0.86 6.52 29.71
CA GLN E 218 1.30 7.61 28.88
C GLN E 218 0.09 8.45 28.51
N VAL E 219 0.29 9.76 28.46
CA VAL E 219 -0.76 10.67 28.03
C VAL E 219 -0.40 11.13 26.63
N ILE E 220 -1.37 11.04 25.71
CA ILE E 220 -1.10 11.16 24.29
C ILE E 220 -2.17 12.01 23.63
N ASP E 221 -1.91 12.38 22.39
CA ASP E 221 -2.93 12.98 21.54
C ASP E 221 -3.00 12.27 20.19
N ASN E 222 -2.35 11.12 20.08
CA ASN E 222 -2.11 10.45 18.81
C ASN E 222 -1.83 8.97 19.04
N LYS E 223 -2.55 8.08 18.37
CA LYS E 223 -2.47 6.65 18.66
C LYS E 223 -2.55 5.80 17.40
N ILE E 224 -1.67 4.81 17.28
CA ILE E 224 -1.77 3.89 16.13
C ILE E 224 -2.80 2.81 16.44
N CYS E 225 -3.47 2.34 15.39
N CYS E 225 -3.46 2.32 15.39
CA CYS E 225 -4.49 1.30 15.51
CA CYS E 225 -4.45 1.27 15.55
C CYS E 225 -4.54 0.48 14.22
C CYS E 225 -4.54 0.49 14.24
N GLY E 226 -4.97 -0.77 14.35
CA GLY E 226 -5.14 -1.62 13.20
C GLY E 226 -6.51 -2.27 13.21
N PRO E 227 -6.80 -3.08 12.18
CA PRO E 227 -8.10 -3.75 12.11
C PRO E 227 -8.49 -4.48 13.39
N ALA E 228 -9.76 -4.27 13.79
CA ALA E 228 -10.45 -4.77 14.98
C ALA E 228 -9.93 -4.20 16.29
N ASN E 229 -9.03 -3.22 16.25
CA ASN E 229 -8.69 -2.47 17.45
C ASN E 229 -9.85 -1.60 17.91
N SER E 230 -10.07 -1.55 19.23
CA SER E 230 -11.03 -0.63 19.80
C SER E 230 -10.44 -0.01 21.06
N PHE E 231 -10.61 1.31 21.20
CA PHE E 231 -10.35 1.99 22.46
C PHE E 231 -11.32 3.14 22.57
N GLY E 232 -11.30 3.82 23.72
CA GLY E 232 -12.12 4.98 23.95
C GLY E 232 -11.49 5.90 24.99
N PHE E 233 -12.12 7.05 25.20
CA PHE E 233 -11.68 7.98 26.23
C PHE E 233 -12.75 9.05 26.46
N GLN E 234 -12.58 9.81 27.55
CA GLN E 234 -13.33 11.03 27.76
C GLN E 234 -12.37 12.21 27.81
N ILE E 235 -12.89 13.37 27.41
CA ILE E 235 -12.17 14.63 27.45
C ILE E 235 -13.14 15.74 27.85
N ILE E 236 -12.60 16.79 28.46
CA ILE E 236 -13.38 17.96 28.82
C ILE E 236 -13.27 18.95 27.66
N ALA E 237 -14.37 19.13 26.95
CA ALA E 237 -14.33 19.83 25.68
C ALA E 237 -13.86 21.26 25.88
N GLY E 238 -12.76 21.62 25.19
CA GLY E 238 -12.23 22.94 25.33
C GLY E 238 -11.35 23.15 26.54
N GLU E 239 -11.11 22.11 27.34
CA GLU E 239 -10.32 22.25 28.56
C GLU E 239 -8.93 22.77 28.23
N GLY E 240 -8.56 23.88 28.85
CA GLY E 240 -7.28 24.50 28.65
C GLY E 240 -7.07 25.16 27.32
N VAL E 241 -8.05 25.15 26.41
CA VAL E 241 -7.75 25.54 25.04
C VAL E 241 -8.86 26.41 24.47
N GLY E 242 -10.05 26.35 25.07
CA GLY E 242 -11.15 27.19 24.63
C GLY E 242 -12.00 26.60 23.53
N ALA E 243 -12.99 27.38 23.11
CA ALA E 243 -13.91 26.94 22.08
C ALA E 243 -13.28 27.08 20.71
N GLY E 244 -13.83 26.36 19.75
CA GLY E 244 -13.23 26.35 18.41
C GLY E 244 -13.50 25.05 17.68
N ALA E 245 -13.32 25.11 16.35
CA ALA E 245 -13.45 23.95 15.47
C ALA E 245 -12.16 23.14 15.55
N TRP E 246 -12.13 22.19 16.50
CA TRP E 246 -10.95 21.39 16.78
C TRP E 246 -10.92 20.19 15.85
N MET E 247 -9.95 20.16 14.95
CA MET E 247 -9.89 19.10 13.95
C MET E 247 -9.54 17.77 14.61
N TYR E 248 -10.13 16.70 14.10
CA TYR E 248 -9.61 15.35 14.26
C TYR E 248 -9.47 14.74 12.87
N HIS E 249 -8.49 13.87 12.74
CA HIS E 249 -8.20 13.25 11.46
C HIS E 249 -7.27 12.09 11.73
N CYS E 250 -7.28 11.12 10.83
CA CYS E 250 -6.15 10.21 10.75
C CYS E 250 -4.92 11.01 10.37
N HIS E 251 -3.78 10.66 10.97
CA HIS E 251 -2.55 11.40 10.75
C HIS E 251 -1.58 10.70 9.80
N VAL E 252 -1.97 9.57 9.20
CA VAL E 252 -1.26 9.12 8.01
C VAL E 252 -1.53 10.18 6.94
N GLN E 253 -0.47 10.78 6.41
CA GLN E 253 -0.59 12.09 5.77
C GLN E 253 -1.52 12.04 4.55
N SER E 254 -1.37 11.02 3.71
CA SER E 254 -2.24 10.96 2.53
C SER E 254 -3.67 10.64 2.94
N HIS E 255 -3.85 9.92 4.05
CA HIS E 255 -5.19 9.67 4.57
C HIS E 255 -5.88 10.97 4.95
N SER E 256 -5.18 11.85 5.70
CA SER E 256 -5.76 13.15 6.03
C SER E 256 -5.90 14.02 4.79
N ASP E 257 -4.97 13.91 3.83
CA ASP E 257 -5.13 14.67 2.59
C ASP E 257 -6.35 14.22 1.78
N MET E 258 -6.76 12.95 1.95
CA MET E 258 -7.79 12.34 1.13
C MET E 258 -9.18 12.37 1.77
N GLY E 259 -9.29 12.79 3.02
CA GLY E 259 -10.61 13.04 3.56
C GLY E 259 -10.98 12.36 4.85
N MET E 260 -10.06 11.62 5.47
CA MET E 260 -10.31 11.09 6.82
C MET E 260 -10.07 12.24 7.81
N VAL E 261 -11.04 13.14 7.87
CA VAL E 261 -10.95 14.36 8.66
C VAL E 261 -12.34 14.65 9.21
N GLY E 262 -12.41 15.29 10.37
CA GLY E 262 -13.70 15.74 10.88
C GLY E 262 -13.52 16.87 11.87
N LEU E 263 -14.63 17.53 12.24
CA LEU E 263 -14.55 18.70 13.11
C LEU E 263 -15.28 18.42 14.41
N PHE E 264 -14.56 18.56 15.52
CA PHE E 264 -15.10 18.58 16.88
C PHE E 264 -15.43 20.04 17.17
N LEU E 265 -16.67 20.43 16.88
CA LEU E 265 -17.09 21.82 16.95
C LEU E 265 -17.45 22.15 18.40
N VAL E 266 -16.62 22.94 19.06
CA VAL E 266 -16.72 23.18 20.49
C VAL E 266 -17.22 24.59 20.70
N LYS E 267 -18.46 24.72 21.20
CA LYS E 267 -19.16 25.99 21.28
C LYS E 267 -18.94 26.69 22.63
N LYS E 268 -18.94 28.02 22.59
CA LYS E 268 -19.08 28.83 23.79
C LYS E 268 -20.49 28.66 24.37
N PRO E 269 -20.69 29.04 25.64
CA PRO E 269 -22.04 28.97 26.21
C PRO E 269 -23.11 29.65 25.38
N ASP E 270 -22.77 30.64 24.55
CA ASP E 270 -23.77 31.31 23.72
C ASP E 270 -24.00 30.62 22.38
N GLY E 271 -23.21 29.59 22.04
CA GLY E 271 -23.46 28.80 20.85
C GLY E 271 -22.53 29.07 19.68
N THR E 272 -21.65 30.05 19.77
CA THR E 272 -20.76 30.37 18.66
C THR E 272 -19.41 29.67 18.81
N ILE E 273 -18.70 29.61 17.70
CA ILE E 273 -17.43 28.89 17.64
C ILE E 273 -16.38 29.81 17.07
N PRO E 274 -15.51 30.39 17.90
CA PRO E 274 -14.50 31.34 17.42
C PRO E 274 -13.69 30.84 16.23
N GLY E 275 -13.71 31.59 15.12
CA GLY E 275 -12.89 31.27 13.97
C GLY E 275 -13.49 30.31 12.97
N TYR E 276 -14.75 29.88 13.16
CA TYR E 276 -15.33 28.79 12.37
C TYR E 276 -16.01 29.37 11.14
N GLY F 2 2.34 -23.13 42.22
CA GLY F 2 3.17 -23.30 41.04
C GLY F 2 3.75 -21.98 40.55
N ALA F 3 4.74 -21.47 41.28
CA ALA F 3 5.38 -20.20 41.00
C ALA F 3 6.83 -20.40 40.57
N ALA F 4 7.32 -19.44 39.79
CA ALA F 4 8.73 -19.42 39.48
C ALA F 4 9.56 -19.06 40.72
N PRO F 5 10.72 -19.68 40.90
CA PRO F 5 11.59 -19.35 42.04
C PRO F 5 12.46 -18.15 41.71
N ALA F 6 13.14 -17.64 42.73
CA ALA F 6 14.20 -16.68 42.49
C ALA F 6 15.27 -17.34 41.62
N GLY F 7 15.91 -16.56 40.77
CA GLY F 7 16.90 -17.08 39.85
C GLY F 7 18.34 -16.82 40.31
N GLY F 8 19.27 -17.30 39.49
CA GLY F 8 20.69 -17.16 39.77
C GLY F 8 21.51 -18.37 39.35
N GLU F 9 20.91 -19.29 38.61
CA GLU F 9 21.60 -20.51 38.21
C GLU F 9 22.36 -20.27 36.91
N VAL F 10 23.58 -20.80 36.84
CA VAL F 10 24.38 -20.73 35.61
C VAL F 10 24.03 -21.94 34.75
N ARG F 11 23.40 -21.70 33.61
CA ARG F 11 22.91 -22.77 32.76
C ARG F 11 23.62 -22.76 31.42
N ARG F 12 23.62 -23.93 30.77
CA ARG F 12 24.29 -24.09 29.50
C ARG F 12 23.45 -25.02 28.65
N VAL F 13 23.39 -24.72 27.35
CA VAL F 13 22.57 -25.47 26.40
C VAL F 13 23.29 -25.43 25.07
N THR F 14 23.10 -26.47 24.27
CA THR F 14 23.61 -26.54 22.90
C THR F 14 22.51 -26.19 21.89
N MET F 15 22.89 -25.47 20.83
CA MET F 15 21.90 -25.04 19.86
C MET F 15 22.52 -25.06 18.46
N TYR F 16 21.72 -25.41 17.44
CA TYR F 16 22.19 -25.64 16.09
C TYR F 16 21.34 -24.88 15.08
N ALA F 17 22.01 -24.22 14.13
CA ALA F 17 21.35 -23.71 12.93
C ALA F 17 21.44 -24.75 11.83
N GLU F 18 20.30 -25.35 11.48
CA GLU F 18 20.23 -26.36 10.43
C GLU F 18 19.34 -25.86 9.30
N ARG F 19 19.57 -26.38 8.10
CA ARG F 19 18.63 -26.23 7.01
C ARG F 19 17.52 -27.25 7.17
N LEU F 20 16.32 -26.86 6.78
CA LEU F 20 15.17 -27.75 6.79
C LEU F 20 14.62 -27.86 5.38
N ALA F 21 13.50 -28.58 5.27
CA ALA F 21 12.92 -28.84 3.96
C ALA F 21 12.68 -27.55 3.19
N GLY F 22 12.80 -27.62 1.87
CA GLY F 22 12.39 -26.54 0.99
C GLY F 22 12.96 -25.15 1.26
N GLY F 23 14.26 -25.06 1.55
CA GLY F 23 14.92 -23.77 1.67
C GLY F 23 14.87 -23.11 3.05
N GLN F 24 13.99 -23.55 3.94
CA GLN F 24 13.90 -23.00 5.29
C GLN F 24 15.18 -23.27 6.09
N MET F 25 15.24 -22.65 7.28
CA MET F 25 16.31 -22.81 8.26
C MET F 25 15.73 -22.66 9.66
N GLY F 26 16.16 -23.51 10.59
CA GLY F 26 15.68 -23.45 11.96
C GLY F 26 16.79 -23.63 12.98
N TYR F 27 16.43 -23.35 14.23
CA TYR F 27 17.25 -23.62 15.40
C TYR F 27 16.77 -24.88 16.10
N GLY F 28 17.64 -25.48 16.88
CA GLY F 28 17.32 -26.73 17.57
C GLY F 28 18.22 -26.90 18.77
N LEU F 29 17.86 -27.87 19.61
CA LEU F 29 18.63 -28.14 20.82
C LEU F 29 19.52 -29.37 20.70
N GLU F 30 19.25 -30.23 19.73
CA GLU F 30 20.06 -31.41 19.43
C GLU F 30 20.13 -31.53 17.93
N LYS F 31 21.31 -31.88 17.44
CA LYS F 31 21.53 -31.92 16.00
C LYS F 31 20.51 -32.83 15.34
N GLY F 32 19.87 -32.33 14.27
CA GLY F 32 18.84 -33.05 13.56
C GLY F 32 17.42 -32.72 13.96
N LYS F 33 17.21 -32.01 15.06
CA LYS F 33 15.87 -31.74 15.59
C LYS F 33 15.56 -30.24 15.60
N ALA F 34 16.01 -29.49 14.59
CA ALA F 34 15.66 -28.09 14.53
C ALA F 34 14.17 -27.93 14.27
N SER F 35 13.64 -26.78 14.67
CA SER F 35 12.22 -26.52 14.49
C SER F 35 12.01 -25.04 14.18
N ILE F 36 10.86 -24.76 13.56
CA ILE F 36 10.36 -23.42 13.36
C ILE F 36 9.04 -23.35 14.11
N PRO F 37 8.92 -22.48 15.13
CA PRO F 37 9.97 -21.59 15.68
C PRO F 37 10.95 -22.42 16.49
N GLY F 38 12.13 -21.88 16.86
CA GLY F 38 13.12 -22.66 17.56
C GLY F 38 12.65 -23.01 18.97
N PRO F 39 13.52 -23.70 19.72
CA PRO F 39 13.15 -24.14 21.08
C PRO F 39 12.77 -22.98 21.98
N LEU F 40 11.99 -23.30 23.00
CA LEU F 40 11.58 -22.34 24.00
C LEU F 40 12.65 -22.27 25.09
N ILE F 41 13.20 -21.09 25.33
CA ILE F 41 14.16 -20.90 26.40
C ILE F 41 13.44 -20.23 27.55
N GLU F 42 13.47 -20.88 28.70
CA GLU F 42 12.90 -20.35 29.94
C GLU F 42 14.01 -20.14 30.95
N LEU F 43 14.04 -18.95 31.54
CA LEU F 43 14.97 -18.60 32.59
C LEU F 43 14.24 -17.76 33.65
N ASN F 44 14.88 -17.66 34.80
CA ASN F 44 14.43 -16.84 35.90
C ASN F 44 15.36 -15.65 36.05
N GLU F 45 14.78 -14.49 36.40
CA GLU F 45 15.57 -13.28 36.57
C GLU F 45 16.78 -13.61 37.43
N GLY F 46 17.96 -13.22 36.96
CA GLY F 46 19.19 -13.63 37.58
C GLY F 46 19.99 -14.62 36.76
N ASP F 47 19.31 -15.60 36.16
CA ASP F 47 20.01 -16.67 35.48
C ASP F 47 20.97 -16.14 34.42
N THR F 48 22.04 -16.88 34.21
CA THR F 48 22.92 -16.72 33.06
C THR F 48 22.80 -17.96 32.18
N LEU F 49 22.78 -17.76 30.86
CA LEU F 49 22.67 -18.88 29.93
C LEU F 49 23.84 -18.82 28.97
N HIS F 50 24.68 -19.86 29.00
CA HIS F 50 25.75 -20.08 28.03
C HIS F 50 25.19 -20.94 26.91
N VAL F 51 25.03 -20.34 25.74
CA VAL F 51 24.44 -21.02 24.59
C VAL F 51 25.59 -21.48 23.70
N GLU F 52 25.91 -22.77 23.79
CA GLU F 52 26.96 -23.40 22.99
C GLU F 52 26.44 -23.59 21.58
N PHE F 53 26.86 -22.75 20.65
CA PHE F 53 26.24 -22.67 19.34
C PHE F 53 27.09 -23.37 18.27
N GLU F 54 26.42 -24.06 17.36
CA GLU F 54 27.05 -24.67 16.20
C GLU F 54 26.23 -24.41 14.95
N ASN F 55 26.86 -23.84 13.94
CA ASN F 55 26.23 -23.55 12.65
C ASN F 55 26.57 -24.72 11.73
N THR F 56 25.61 -25.60 11.51
CA THR F 56 25.83 -26.74 10.64
C THR F 56 25.45 -26.47 9.18
N MET F 57 25.11 -25.25 8.82
CA MET F 57 24.77 -24.93 7.43
C MET F 57 26.01 -24.45 6.68
N ASP F 58 25.83 -24.15 5.39
CA ASP F 58 26.92 -23.67 4.55
C ASP F 58 26.95 -22.15 4.41
N VAL F 59 26.18 -21.42 5.21
CA VAL F 59 26.23 -19.96 5.19
C VAL F 59 26.41 -19.43 6.62
N PRO F 60 26.99 -18.23 6.78
CA PRO F 60 27.13 -17.65 8.12
C PRO F 60 25.77 -17.46 8.81
N VAL F 61 25.72 -17.73 10.11
CA VAL F 61 24.49 -17.56 10.86
C VAL F 61 24.82 -16.80 12.14
N SER F 62 23.77 -16.30 12.81
CA SER F 62 24.00 -15.68 14.10
C SER F 62 22.80 -15.85 15.00
N LEU F 63 23.05 -15.64 16.29
CA LEU F 63 22.04 -15.63 17.33
C LEU F 63 22.01 -14.23 17.92
N HIS F 64 20.86 -13.58 17.87
CA HIS F 64 20.67 -12.27 18.45
C HIS F 64 19.42 -12.32 19.30
N VAL F 65 19.46 -11.73 20.49
CA VAL F 65 18.34 -11.83 21.42
C VAL F 65 17.91 -10.43 21.84
N HIS F 66 16.60 -10.28 22.04
CA HIS F 66 16.00 -9.08 22.58
C HIS F 66 15.86 -9.16 24.09
N GLY F 67 16.04 -8.01 24.75
CA GLY F 67 15.60 -7.87 26.11
C GLY F 67 16.59 -8.27 27.18
N LEU F 68 17.31 -9.37 26.97
CA LEU F 68 18.28 -9.92 27.92
C LEU F 68 19.61 -9.19 27.80
N ASP F 69 20.42 -9.32 28.84
CA ASP F 69 21.71 -8.66 28.90
C ASP F 69 22.78 -9.51 28.22
N TYR F 70 23.50 -8.92 27.27
CA TYR F 70 24.57 -9.60 26.55
C TYR F 70 25.65 -8.57 26.24
N GLU F 71 26.91 -8.95 26.45
CA GLU F 71 28.00 -8.05 26.07
C GLU F 71 28.12 -8.01 24.55
N ILE F 72 28.72 -6.92 24.05
CA ILE F 72 28.77 -6.63 22.61
C ILE F 72 29.29 -7.84 21.83
N SER F 73 30.03 -8.73 22.49
CA SER F 73 30.52 -9.95 21.84
C SER F 73 29.43 -11.00 21.59
N SER F 74 28.28 -10.90 22.27
CA SER F 74 27.14 -11.78 21.98
C SER F 74 26.05 -11.03 21.23
N ASP F 75 26.39 -9.93 20.59
CA ASP F 75 25.41 -9.19 19.82
C ASP F 75 24.86 -10.03 18.68
N GLY F 76 25.70 -10.91 18.11
CA GLY F 76 25.31 -11.79 17.03
C GLY F 76 25.11 -11.07 15.71
N THR F 77 26.09 -10.25 15.32
CA THR F 77 26.04 -9.46 14.10
C THR F 77 27.39 -9.52 13.41
N LYS F 78 27.43 -9.10 12.15
CA LYS F 78 28.70 -8.99 11.45
C LYS F 78 29.44 -7.71 11.85
N GLN F 79 28.70 -6.60 11.97
CA GLN F 79 29.28 -5.33 12.37
C GLN F 79 30.00 -5.38 13.72
N ASN F 80 29.81 -6.45 14.50
CA ASN F 80 30.57 -6.67 15.72
C ASN F 80 31.34 -8.00 15.72
N LYS F 81 31.47 -8.65 14.56
CA LYS F 81 32.27 -9.86 14.41
C LYS F 81 31.90 -10.94 15.42
N SER F 82 30.59 -11.12 15.60
CA SER F 82 30.08 -12.13 16.51
C SER F 82 29.08 -13.07 15.83
N HIS F 83 29.12 -13.16 14.51
CA HIS F 83 28.36 -14.19 13.82
C HIS F 83 29.15 -15.48 13.86
N VAL F 84 28.62 -16.51 13.20
CA VAL F 84 29.17 -17.86 13.30
C VAL F 84 29.37 -18.39 11.89
N GLU F 85 30.64 -18.56 11.51
CA GLU F 85 31.01 -19.01 10.16
C GLU F 85 30.40 -20.38 9.84
N PRO F 86 30.23 -20.68 8.56
CA PRO F 86 29.75 -22.03 8.17
C PRO F 86 30.59 -23.12 8.82
N GLY F 87 29.90 -24.12 9.37
CA GLY F 87 30.51 -25.24 10.06
C GLY F 87 31.25 -24.89 11.34
N GLY F 88 31.07 -23.68 11.88
CA GLY F 88 31.79 -23.24 13.05
C GLY F 88 30.91 -23.11 14.30
N THR F 89 31.59 -22.89 15.42
CA THR F 89 30.96 -22.87 16.73
C THR F 89 31.25 -21.56 17.43
N ARG F 90 30.38 -21.22 18.39
CA ARG F 90 30.55 -20.04 19.22
C ARG F 90 29.77 -20.24 20.52
N THR F 91 30.10 -19.44 21.53
CA THR F 91 29.37 -19.50 22.78
C THR F 91 28.77 -18.13 23.05
N TYR F 92 27.45 -18.03 22.85
CA TYR F 92 26.70 -16.85 23.22
C TYR F 92 26.35 -16.95 24.69
N THR F 93 26.44 -15.82 25.40
CA THR F 93 26.11 -15.76 26.82
C THR F 93 25.05 -14.70 27.03
N TRP F 94 23.95 -15.11 27.64
CA TRP F 94 22.86 -14.21 28.01
C TRP F 94 22.81 -14.09 29.52
N ARG F 95 22.78 -12.86 30.01
CA ARG F 95 22.61 -12.58 31.43
C ARG F 95 21.25 -11.97 31.65
N THR F 96 20.69 -12.22 32.84
CA THR F 96 19.45 -11.58 33.27
C THR F 96 19.67 -10.97 34.66
N HIS F 97 18.83 -9.99 34.99
CA HIS F 97 18.95 -9.25 36.24
C HIS F 97 17.59 -9.10 36.87
N GLU F 98 17.57 -8.99 38.20
CA GLU F 98 16.36 -8.72 38.94
C GLU F 98 16.09 -7.23 38.92
N PRO F 99 14.87 -6.82 39.29
CA PRO F 99 14.65 -5.40 39.52
C PRO F 99 15.22 -4.99 40.87
N GLY F 100 15.67 -3.74 40.94
CA GLY F 100 16.19 -3.19 42.19
C GLY F 100 16.32 -1.69 42.12
N ARG F 101 16.56 -1.09 43.29
CA ARG F 101 16.74 0.35 43.37
C ARG F 101 18.16 0.72 42.98
N ARG F 102 18.31 1.72 42.13
CA ARG F 102 19.64 2.18 41.74
C ARG F 102 20.22 3.13 42.79
N ALA F 103 21.54 3.28 42.71
CA ALA F 103 22.22 4.34 43.45
C ALA F 103 21.50 5.67 43.28
N ASP F 104 21.39 6.14 42.03
CA ASP F 104 20.78 7.46 41.80
C ASP F 104 19.34 7.53 42.28
N GLY F 105 18.82 6.44 42.85
CA GLY F 105 17.49 6.44 43.43
C GLY F 105 16.35 6.18 42.47
N THR F 106 16.64 5.77 41.23
CA THR F 106 15.59 5.30 40.35
C THR F 106 15.43 3.80 40.49
N TRP F 107 14.39 3.29 39.86
CA TRP F 107 14.05 1.87 39.91
C TRP F 107 14.47 1.25 38.58
N ARG F 108 15.47 0.37 38.63
CA ARG F 108 15.98 -0.31 37.46
C ARG F 108 15.13 -1.54 37.18
N ALA F 109 14.45 -1.56 36.03
CA ALA F 109 13.57 -2.66 35.71
C ALA F 109 14.35 -3.97 35.64
N GLY F 110 13.65 -5.10 35.92
CA GLY F 110 14.24 -6.40 35.68
C GLY F 110 14.06 -6.91 34.25
N SER F 111 14.71 -8.05 33.98
CA SER F 111 14.73 -8.65 32.65
C SER F 111 13.44 -9.35 32.27
N ALA F 112 12.51 -9.57 33.22
CA ALA F 112 11.35 -10.40 32.95
C ALA F 112 10.53 -9.88 31.77
N GLY F 113 10.00 -10.81 30.98
CA GLY F 113 9.16 -10.43 29.86
C GLY F 113 9.14 -11.52 28.81
N TYR F 114 8.37 -11.25 27.76
CA TYR F 114 8.24 -12.17 26.63
C TYR F 114 9.14 -11.71 25.50
N TRP F 115 10.23 -12.43 25.31
CA TRP F 115 11.25 -12.00 24.36
C TRP F 115 11.46 -13.06 23.27
N HIS F 116 12.45 -12.82 22.42
CA HIS F 116 12.68 -13.68 21.27
C HIS F 116 14.10 -13.45 20.78
N TYR F 117 14.59 -14.44 20.03
CA TYR F 117 15.90 -14.44 19.37
C TYR F 117 15.71 -14.74 17.89
N HIS F 118 16.68 -14.34 17.07
CA HIS F 118 16.55 -14.50 15.62
C HIS F 118 17.89 -14.21 14.93
N ASP F 119 17.95 -14.59 13.66
CA ASP F 119 19.16 -14.40 12.88
C ASP F 119 19.34 -12.93 12.50
N HIS F 120 20.61 -12.55 12.29
CA HIS F 120 20.98 -11.18 11.96
C HIS F 120 21.96 -11.10 10.78
N VAL F 121 22.18 -12.19 10.04
CA VAL F 121 23.23 -12.19 9.02
C VAL F 121 22.81 -12.89 7.72
N VAL F 122 21.92 -13.87 7.79
CA VAL F 122 21.57 -14.63 6.59
C VAL F 122 20.82 -13.74 5.62
N GLY F 123 21.22 -13.77 4.37
CA GLY F 123 20.58 -12.91 3.37
C GLY F 123 21.00 -11.45 3.38
N THR F 124 21.00 -10.80 4.56
CA THR F 124 21.46 -9.41 4.74
C THR F 124 21.98 -9.25 6.17
N GLU F 125 22.69 -8.14 6.41
CA GLU F 125 23.18 -7.78 7.76
C GLU F 125 22.06 -7.51 8.76
N HIS F 126 20.80 -7.59 8.35
CA HIS F 126 19.72 -7.48 9.31
C HIS F 126 18.88 -8.75 9.39
N GLY F 127 19.33 -9.83 8.77
CA GLY F 127 18.70 -11.12 8.95
C GLY F 127 17.47 -11.37 8.11
N THR F 128 17.23 -10.54 7.08
CA THR F 128 16.01 -10.63 6.30
C THR F 128 15.83 -12.03 5.72
N GLY F 129 16.91 -12.60 5.19
CA GLY F 129 16.82 -13.95 4.69
C GLY F 129 16.60 -14.97 5.79
N GLY F 130 17.38 -14.89 6.87
CA GLY F 130 17.31 -15.90 7.92
C GLY F 130 16.02 -15.86 8.70
N ILE F 131 15.41 -14.68 8.82
CA ILE F 131 14.10 -14.58 9.44
C ILE F 131 13.01 -15.14 8.52
N ARG F 132 13.09 -14.84 7.21
CA ARG F 132 12.11 -15.43 6.31
C ARG F 132 12.17 -16.95 6.34
N ASN F 133 13.39 -17.50 6.47
CA ASN F 133 13.61 -18.94 6.39
C ASN F 133 13.15 -19.70 7.63
N GLY F 134 12.89 -19.02 8.75
CA GLY F 134 12.48 -19.70 9.98
C GLY F 134 13.40 -19.52 11.17
N LEU F 135 14.47 -18.70 11.11
CA LEU F 135 15.44 -18.67 12.21
C LEU F 135 15.00 -17.68 13.30
N TYR F 136 13.92 -18.04 13.99
CA TYR F 136 13.44 -17.27 15.13
C TYR F 136 12.94 -18.24 16.18
N GLY F 137 12.92 -17.80 17.44
CA GLY F 137 12.34 -18.55 18.53
C GLY F 137 12.10 -17.70 19.78
N PRO F 138 11.25 -18.18 20.70
CA PRO F 138 10.92 -17.41 21.89
C PRO F 138 11.85 -17.67 23.07
N VAL F 139 11.98 -16.63 23.91
CA VAL F 139 12.63 -16.72 25.23
C VAL F 139 11.73 -16.09 26.27
N ILE F 140 11.53 -16.77 27.40
CA ILE F 140 10.74 -16.25 28.50
C ILE F 140 11.60 -16.13 29.75
N VAL F 141 11.65 -14.92 30.32
CA VAL F 141 12.32 -14.67 31.60
C VAL F 141 11.22 -14.36 32.61
N ARG F 142 11.08 -15.22 33.61
CA ARG F 142 10.04 -15.04 34.62
C ARG F 142 10.60 -14.26 35.80
N ARG F 143 9.70 -13.53 36.48
CA ARG F 143 10.01 -12.92 37.77
C ARG F 143 9.63 -13.87 38.89
N LYS F 144 10.37 -13.79 40.00
CA LYS F 144 10.04 -14.60 41.16
C LYS F 144 8.56 -14.40 41.51
N GLY F 145 7.84 -15.51 41.65
CA GLY F 145 6.43 -15.47 41.96
C GLY F 145 5.51 -15.61 40.77
N ASP F 146 6.01 -15.41 39.54
CA ASP F 146 5.17 -15.51 38.36
C ASP F 146 4.49 -16.87 38.34
N VAL F 147 3.21 -16.90 38.02
CA VAL F 147 2.46 -18.15 38.06
C VAL F 147 2.77 -18.96 36.81
N LEU F 148 2.77 -20.28 36.95
CA LEU F 148 3.33 -21.07 35.85
C LEU F 148 2.23 -21.71 35.04
N PRO F 149 2.29 -21.64 33.70
CA PRO F 149 1.21 -22.18 32.88
C PRO F 149 1.20 -23.70 32.89
N ASP F 150 0.05 -24.24 32.50
CA ASP F 150 -0.05 -25.65 32.18
C ASP F 150 0.55 -25.95 30.81
N ALA F 151 0.57 -24.97 29.90
CA ALA F 151 1.23 -25.14 28.62
C ALA F 151 1.59 -23.77 28.05
N THR F 152 2.62 -23.75 27.19
CA THR F 152 3.04 -22.54 26.51
C THR F 152 2.96 -22.79 25.02
N HIS F 153 2.35 -21.86 24.28
CA HIS F 153 2.24 -21.95 22.82
C HIS F 153 2.77 -20.68 22.18
N THR F 154 3.67 -20.85 21.22
CA THR F 154 4.27 -19.73 20.51
C THR F 154 3.62 -19.55 19.14
N ILE F 155 3.08 -18.36 18.89
CA ILE F 155 2.49 -18.02 17.61
C ILE F 155 3.31 -16.88 17.01
N VAL F 156 3.85 -17.11 15.83
CA VAL F 156 4.71 -16.14 15.16
C VAL F 156 4.08 -15.77 13.83
N PHE F 157 3.67 -14.50 13.69
CA PHE F 157 3.27 -13.94 12.41
C PHE F 157 4.55 -13.53 11.66
N ASN F 158 4.97 -14.34 10.68
CA ASN F 158 6.11 -14.05 9.83
C ASN F 158 5.58 -13.71 8.43
N ASP F 159 5.56 -12.42 8.11
CA ASP F 159 5.11 -11.94 6.80
C ASP F 159 3.64 -12.35 6.68
N GLY F 160 3.24 -13.12 5.69
CA GLY F 160 1.88 -13.60 5.59
C GLY F 160 1.62 -14.97 6.16
N THR F 161 2.50 -15.51 7.02
CA THR F 161 2.38 -16.87 7.55
C THR F 161 2.31 -16.87 9.08
N ILE F 162 1.91 -18.02 9.63
CA ILE F 162 2.07 -18.32 11.05
C ILE F 162 3.07 -19.44 11.20
N ASN F 163 4.21 -19.13 11.82
CA ASN F 163 5.31 -20.11 11.99
C ASN F 163 5.76 -20.69 10.64
N ASN F 164 5.76 -19.86 9.60
CA ASN F 164 6.24 -20.24 8.27
C ASN F 164 5.43 -21.38 7.67
N ARG F 165 4.16 -21.48 8.05
CA ARG F 165 3.38 -22.59 7.52
C ARG F 165 2.52 -22.12 6.35
N PRO F 166 2.18 -23.05 5.46
CA PRO F 166 1.27 -22.72 4.34
C PRO F 166 -0.08 -22.25 4.84
N ALA F 167 -0.76 -21.52 3.98
CA ALA F 167 -1.99 -20.87 4.39
C ALA F 167 -3.05 -21.90 4.74
N HIS F 168 -3.88 -21.55 5.72
CA HIS F 168 -5.00 -22.39 6.14
C HIS F 168 -4.53 -23.70 6.75
N THR F 169 -3.39 -23.67 7.48
CA THR F 169 -2.91 -24.90 8.12
C THR F 169 -2.71 -24.72 9.62
N GLY F 170 -3.28 -23.67 10.21
CA GLY F 170 -3.14 -23.41 11.61
C GLY F 170 -1.81 -22.73 11.94
N PRO F 171 -1.13 -23.20 13.00
CA PRO F 171 -1.44 -24.38 13.85
C PRO F 171 -2.59 -24.25 14.84
N ASN F 172 -3.06 -25.41 15.25
CA ASN F 172 -4.05 -25.55 16.31
C ASN F 172 -3.36 -25.95 17.61
N PHE F 173 -3.93 -25.51 18.72
CA PHE F 173 -3.50 -25.91 20.05
C PHE F 173 -4.71 -26.47 20.76
N GLU F 174 -4.46 -27.30 21.77
CA GLU F 174 -5.52 -27.98 22.50
C GLU F 174 -5.39 -27.68 23.98
N ALA F 175 -6.54 -27.50 24.63
CA ALA F 175 -6.60 -27.35 26.08
C ALA F 175 -7.91 -27.91 26.60
N THR F 176 -7.97 -28.09 27.92
CA THR F 176 -9.21 -28.40 28.63
C THR F 176 -9.67 -27.16 29.38
N VAL F 177 -11.00 -26.96 29.48
CA VAL F 177 -11.57 -25.80 30.19
C VAL F 177 -10.94 -25.68 31.58
N GLY F 178 -10.41 -24.49 31.86
CA GLY F 178 -9.75 -24.21 33.12
C GLY F 178 -8.22 -24.26 33.05
N ASP F 179 -7.65 -24.82 31.98
CA ASP F 179 -6.20 -24.82 31.87
C ASP F 179 -5.64 -23.39 31.92
N ARG F 180 -4.50 -23.23 32.57
CA ARG F 180 -3.77 -21.97 32.51
C ARG F 180 -2.83 -22.09 31.32
N VAL F 181 -3.09 -21.31 30.28
CA VAL F 181 -2.39 -21.47 29.01
C VAL F 181 -1.65 -20.18 28.69
N GLU F 182 -0.39 -20.31 28.31
CA GLU F 182 0.46 -19.16 28.02
C GLU F 182 0.70 -19.09 26.54
N ILE F 183 0.41 -17.95 25.94
CA ILE F 183 0.68 -17.69 24.54
C ILE F 183 1.82 -16.69 24.45
N VAL F 184 2.86 -17.02 23.69
CA VAL F 184 3.89 -16.05 23.32
C VAL F 184 3.69 -15.70 21.84
N MET F 185 3.66 -14.40 21.54
CA MET F 185 3.19 -13.89 20.26
C MET F 185 4.28 -13.00 19.69
N ILE F 186 4.86 -13.39 18.57
CA ILE F 186 6.05 -12.75 18.00
C ILE F 186 5.76 -12.33 16.57
N THR F 187 6.29 -11.19 16.14
CA THR F 187 6.06 -10.69 14.80
C THR F 187 7.38 -10.45 14.09
N HIS F 188 7.46 -10.86 12.83
CA HIS F 188 8.65 -10.65 12.03
C HIS F 188 8.30 -10.23 10.61
N GLY F 189 9.31 -9.72 9.92
CA GLY F 189 9.22 -9.57 8.49
C GLY F 189 8.89 -8.15 8.12
N GLU F 190 7.80 -7.98 7.39
CA GLU F 190 7.55 -6.77 6.63
C GLU F 190 6.26 -6.07 7.03
N TYR F 191 5.24 -6.82 7.46
CA TYR F 191 3.90 -6.33 7.68
C TYR F 191 3.60 -6.14 9.16
N TYR F 192 2.79 -5.13 9.46
CA TYR F 192 2.05 -5.10 10.71
C TYR F 192 0.96 -6.17 10.69
N HIS F 193 0.36 -6.41 11.86
CA HIS F 193 -0.73 -7.37 12.04
C HIS F 193 -1.57 -6.94 13.23
N THR F 194 -2.75 -7.53 13.34
CA THR F 194 -3.57 -7.43 14.53
C THR F 194 -3.90 -8.84 14.98
N PHE F 195 -3.33 -9.28 16.10
CA PHE F 195 -3.58 -10.62 16.63
C PHE F 195 -4.85 -10.61 17.48
N HIS F 196 -5.81 -11.48 17.15
CA HIS F 196 -7.09 -11.55 17.86
C HIS F 196 -7.38 -12.99 18.28
N MET F 197 -8.01 -13.18 19.45
CA MET F 197 -8.50 -14.50 19.86
C MET F 197 -9.97 -14.46 20.21
N HIS F 198 -10.74 -15.36 19.64
CA HIS F 198 -12.15 -15.48 20.01
C HIS F 198 -12.27 -16.04 21.43
N GLY F 199 -13.28 -15.56 22.14
CA GLY F 199 -13.65 -16.10 23.41
C GLY F 199 -12.70 -15.81 24.55
N HIS F 200 -11.63 -15.05 24.33
CA HIS F 200 -10.67 -14.86 25.42
C HIS F 200 -10.10 -13.46 25.35
N HIS F 201 -9.38 -13.08 26.41
CA HIS F 201 -8.98 -11.69 26.58
C HIS F 201 -7.88 -11.62 27.63
N TRP F 202 -7.06 -10.58 27.55
CA TRP F 202 -5.93 -10.46 28.46
C TRP F 202 -5.62 -9.00 28.70
N ALA F 203 -4.80 -8.78 29.74
CA ALA F 203 -4.30 -7.46 30.05
C ALA F 203 -3.11 -7.13 29.17
N ASP F 204 -3.02 -5.87 28.76
CA ASP F 204 -1.90 -5.41 27.95
C ASP F 204 -0.75 -4.95 28.84
N ASN F 205 -0.16 -5.91 29.55
CA ASN F 205 0.95 -5.59 30.45
C ASN F 205 1.99 -6.69 30.31
N ARG F 206 2.88 -6.81 31.29
CA ARG F 206 3.99 -7.75 31.16
C ARG F 206 3.50 -9.19 31.17
N THR F 207 2.67 -9.56 32.16
CA THR F 207 2.20 -10.94 32.23
C THR F 207 0.95 -11.20 31.41
N GLY F 208 0.20 -10.17 31.02
CA GLY F 208 -1.11 -10.39 30.46
C GLY F 208 -2.20 -10.69 31.47
N MET F 209 -1.89 -10.61 32.76
CA MET F 209 -2.82 -10.69 33.88
C MET F 209 -2.72 -9.37 34.65
N LEU F 210 -3.86 -8.68 34.89
CA LEU F 210 -3.86 -7.49 35.75
C LEU F 210 -3.22 -7.84 37.09
N THR F 211 -2.39 -6.94 37.60
CA THR F 211 -1.66 -7.26 38.83
C THR F 211 -2.55 -7.17 40.06
N GLY F 212 -3.70 -6.54 39.94
CA GLY F 212 -4.65 -6.39 41.00
C GLY F 212 -5.53 -5.21 40.69
N PRO F 213 -6.36 -4.79 41.63
CA PRO F 213 -7.32 -3.71 41.33
C PRO F 213 -6.65 -2.36 41.04
N ASP F 214 -5.38 -2.18 41.40
CA ASP F 214 -4.67 -0.94 41.15
C ASP F 214 -3.96 -0.90 39.79
N ASP F 215 -4.26 -1.84 38.90
CA ASP F 215 -3.58 -1.89 37.60
C ASP F 215 -4.47 -1.33 36.49
N PRO F 216 -4.18 -0.13 35.95
CA PRO F 216 -5.02 0.46 34.90
C PRO F 216 -4.71 -0.02 33.49
N SER F 217 -3.95 -1.10 33.31
CA SER F 217 -3.66 -1.57 31.98
C SER F 217 -4.96 -1.86 31.25
N GLN F 218 -5.02 -1.51 29.97
CA GLN F 218 -6.24 -1.81 29.24
C GLN F 218 -6.36 -3.33 29.06
N VAL F 219 -7.61 -3.82 29.09
CA VAL F 219 -7.93 -5.21 28.81
C VAL F 219 -8.39 -5.31 27.36
N ILE F 220 -7.88 -6.29 26.62
CA ILE F 220 -8.03 -6.32 25.17
C ILE F 220 -8.19 -7.75 24.68
N ASP F 221 -8.68 -7.88 23.44
CA ASP F 221 -8.62 -9.16 22.73
C ASP F 221 -8.02 -9.01 21.33
N ASN F 222 -7.36 -7.89 21.07
CA ASN F 222 -6.93 -7.53 19.73
C ASN F 222 -5.75 -6.59 19.83
N LYS F 223 -4.62 -6.93 19.18
CA LYS F 223 -3.42 -6.12 19.34
C LYS F 223 -2.70 -5.94 18.02
N ILE F 224 -2.26 -4.69 17.76
CA ILE F 224 -1.42 -4.37 16.61
C ILE F 224 0.03 -4.52 17.01
N CYS F 225 0.85 -4.97 16.06
CA CYS F 225 2.20 -5.40 16.36
C CYS F 225 3.00 -5.38 15.07
N GLY F 226 4.19 -4.81 15.12
CA GLY F 226 5.05 -4.80 13.97
C GLY F 226 6.20 -5.77 14.08
N PRO F 227 7.02 -5.82 13.03
CA PRO F 227 8.14 -6.78 12.99
C PRO F 227 9.09 -6.60 14.17
N ALA F 228 9.45 -7.74 14.79
CA ALA F 228 10.27 -7.96 15.98
C ALA F 228 9.59 -7.58 17.29
N ASN F 229 8.35 -7.11 17.26
CA ASN F 229 7.53 -7.01 18.48
C ASN F 229 7.37 -8.37 19.14
N SER F 230 7.34 -8.36 20.47
CA SER F 230 6.98 -9.55 21.23
C SER F 230 6.14 -9.16 22.44
N PHE F 231 5.19 -10.03 22.78
CA PHE F 231 4.47 -9.91 24.03
C PHE F 231 3.93 -11.30 24.33
N GLY F 232 3.38 -11.46 25.52
CA GLY F 232 2.79 -12.73 25.88
C GLY F 232 1.70 -12.51 26.90
N PHE F 233 0.97 -13.57 27.20
CA PHE F 233 -0.08 -13.48 28.19
C PHE F 233 -0.43 -14.89 28.63
N GLN F 234 -1.20 -14.98 29.70
CA GLN F 234 -1.78 -16.24 30.15
C GLN F 234 -3.26 -16.02 30.30
N ILE F 235 -4.03 -16.94 29.72
CA ILE F 235 -5.47 -16.95 29.89
C ILE F 235 -5.84 -18.24 30.60
N ILE F 236 -7.05 -18.24 31.15
CA ILE F 236 -7.68 -19.44 31.66
C ILE F 236 -8.61 -19.94 30.56
N ALA F 237 -8.37 -21.17 30.11
CA ALA F 237 -9.10 -21.69 28.96
C ALA F 237 -10.59 -21.72 29.26
N GLY F 238 -11.38 -21.17 28.33
CA GLY F 238 -12.83 -21.18 28.45
C GLY F 238 -13.37 -20.33 29.58
N GLU F 239 -12.55 -19.46 30.17
CA GLU F 239 -12.99 -18.68 31.33
C GLU F 239 -14.20 -17.84 30.97
N GLY F 240 -15.34 -18.16 31.57
CA GLY F 240 -16.54 -17.41 31.32
C GLY F 240 -17.23 -17.72 30.01
N VAL F 241 -16.78 -18.72 29.23
CA VAL F 241 -17.24 -18.90 27.84
C VAL F 241 -17.40 -20.37 27.48
N GLY F 242 -16.66 -21.25 28.18
CA GLY F 242 -16.85 -22.68 27.97
C GLY F 242 -16.05 -23.27 26.82
N ALA F 243 -16.30 -24.54 26.59
CA ALA F 243 -15.59 -25.29 25.55
C ALA F 243 -15.96 -24.83 24.14
N GLY F 244 -15.16 -25.24 23.18
CA GLY F 244 -15.40 -24.93 21.79
C GLY F 244 -14.10 -24.75 21.04
N ALA F 245 -14.23 -24.59 19.72
CA ALA F 245 -13.13 -24.31 18.79
C ALA F 245 -13.03 -22.80 18.62
N TRP F 246 -12.25 -22.15 19.47
CA TRP F 246 -12.13 -20.70 19.46
C TRP F 246 -11.00 -20.30 18.50
N MET F 247 -11.33 -19.51 17.48
CA MET F 247 -10.32 -19.14 16.51
C MET F 247 -9.35 -18.13 17.10
N TYR F 248 -8.10 -18.20 16.63
CA TYR F 248 -7.16 -17.09 16.73
C TYR F 248 -6.72 -16.77 15.31
N HIS F 249 -6.56 -15.49 15.01
CA HIS F 249 -6.15 -15.12 13.67
C HIS F 249 -5.70 -13.68 13.67
N CYS F 250 -4.92 -13.35 12.67
CA CYS F 250 -4.74 -11.94 12.35
C CYS F 250 -6.06 -11.37 11.87
N HIS F 251 -6.37 -10.17 12.33
CA HIS F 251 -7.65 -9.54 12.01
C HIS F 251 -7.56 -8.58 10.83
N VAL F 252 -6.37 -8.36 10.28
CA VAL F 252 -6.23 -7.77 8.95
C VAL F 252 -7.04 -8.62 7.98
N GLN F 253 -7.98 -8.00 7.25
CA GLN F 253 -9.04 -8.79 6.62
C GLN F 253 -8.50 -9.72 5.55
N SER F 254 -7.70 -9.21 4.60
CA SER F 254 -7.13 -10.11 3.59
C SER F 254 -6.25 -11.19 4.22
N HIS F 255 -5.60 -10.89 5.35
CA HIS F 255 -4.75 -11.88 6.01
C HIS F 255 -5.57 -13.05 6.56
N SER F 256 -6.66 -12.76 7.26
CA SER F 256 -7.53 -13.85 7.76
C SER F 256 -8.13 -14.66 6.61
N ASP F 257 -8.58 -13.98 5.54
CA ASP F 257 -9.10 -14.70 4.35
C ASP F 257 -8.02 -15.53 3.66
N MET F 258 -6.79 -15.00 3.58
CA MET F 258 -5.75 -15.75 2.89
C MET F 258 -5.12 -16.83 3.77
N GLY F 259 -5.45 -16.91 5.07
CA GLY F 259 -5.06 -18.08 5.83
C GLY F 259 -4.28 -17.91 7.11
N MET F 260 -4.23 -16.71 7.68
CA MET F 260 -3.49 -16.51 8.94
C MET F 260 -4.39 -16.84 10.13
N VAL F 261 -4.85 -18.09 10.16
CA VAL F 261 -5.89 -18.51 11.09
C VAL F 261 -5.44 -19.77 11.81
N GLY F 262 -6.04 -20.00 12.97
CA GLY F 262 -5.75 -21.20 13.72
C GLY F 262 -6.82 -21.38 14.77
N LEU F 263 -6.76 -22.54 15.42
CA LEU F 263 -7.80 -23.01 16.31
C LEU F 263 -7.20 -23.30 17.68
N PHE F 264 -7.83 -22.76 18.72
CA PHE F 264 -7.53 -23.04 20.12
C PHE F 264 -8.66 -23.93 20.64
N LEU F 265 -8.48 -25.24 20.50
CA LEU F 265 -9.53 -26.22 20.74
C LEU F 265 -9.67 -26.51 22.23
N VAL F 266 -10.71 -25.98 22.86
CA VAL F 266 -10.91 -26.04 24.31
C VAL F 266 -11.94 -27.12 24.62
N LYS F 267 -11.55 -28.18 25.31
CA LYS F 267 -12.43 -29.33 25.59
C LYS F 267 -13.03 -29.25 26.97
N LYS F 268 -14.23 -29.79 27.10
CA LYS F 268 -14.83 -29.96 28.41
C LYS F 268 -14.03 -31.00 29.18
N PRO F 269 -14.27 -31.17 30.49
CA PRO F 269 -13.67 -32.31 31.18
C PRO F 269 -14.02 -33.64 30.52
N ASP F 270 -15.20 -33.78 29.90
CA ASP F 270 -15.51 -35.02 29.21
C ASP F 270 -14.90 -35.12 27.82
N GLY F 271 -14.10 -34.13 27.41
CA GLY F 271 -13.43 -34.14 26.12
C GLY F 271 -14.26 -33.66 24.93
N THR F 272 -15.48 -33.18 25.13
CA THR F 272 -16.24 -32.71 23.98
C THR F 272 -15.86 -31.26 23.61
N ILE F 273 -16.17 -30.89 22.37
CA ILE F 273 -15.90 -29.55 21.87
C ILE F 273 -17.15 -29.18 21.09
N PRO F 274 -18.14 -28.55 21.72
CA PRO F 274 -19.46 -28.46 21.09
C PRO F 274 -19.41 -27.64 19.81
N GLY F 275 -20.00 -28.20 18.76
CA GLY F 275 -20.07 -27.56 17.46
C GLY F 275 -18.82 -27.67 16.60
N TYR F 276 -17.73 -28.27 17.09
CA TYR F 276 -16.55 -28.46 16.26
C TYR F 276 -16.79 -29.54 15.19
N ASP F 277 -16.64 -29.18 13.92
CA ASP F 277 -17.00 -30.07 12.81
C ASP F 277 -16.07 -29.81 11.63
N PRO F 278 -14.78 -30.12 11.75
CA PRO F 278 -13.87 -29.70 10.65
C PRO F 278 -14.14 -30.41 9.33
#